data_1SL5
# 
_entry.id   1SL5 
# 
_audit_conform.dict_name       mmcif_pdbx.dic 
_audit_conform.dict_version    5.397 
_audit_conform.dict_location   http://mmcif.pdb.org/dictionaries/ascii/mmcif_pdbx.dic 
# 
loop_
_database_2.database_id 
_database_2.database_code 
_database_2.pdbx_database_accession 
_database_2.pdbx_DOI 
PDB   1SL5         pdb_00001sl5 10.2210/pdb1sl5/pdb 
RCSB  RCSB021807   ?            ?                   
WWPDB D_1000021807 ?            ?                   
# 
loop_
_pdbx_audit_revision_history.ordinal 
_pdbx_audit_revision_history.data_content_type 
_pdbx_audit_revision_history.major_revision 
_pdbx_audit_revision_history.minor_revision 
_pdbx_audit_revision_history.revision_date 
1 'Structure model' 1 0 2004-06-15 
2 'Structure model' 1 1 2008-04-29 
3 'Structure model' 1 2 2011-07-13 
4 'Structure model' 2 0 2020-07-29 
5 'Structure model' 2 1 2024-10-16 
# 
loop_
_pdbx_audit_revision_details.ordinal 
_pdbx_audit_revision_details.revision_ordinal 
_pdbx_audit_revision_details.data_content_type 
_pdbx_audit_revision_details.provider 
_pdbx_audit_revision_details.type 
_pdbx_audit_revision_details.description 
_pdbx_audit_revision_details.details 
1 1 'Structure model' repository 'Initial release' ?                          ? 
2 4 'Structure model' repository Remediation       'Carbohydrate remediation' ? 
# 
loop_
_pdbx_audit_revision_group.ordinal 
_pdbx_audit_revision_group.revision_ordinal 
_pdbx_audit_revision_group.data_content_type 
_pdbx_audit_revision_group.group 
1  2 'Structure model' 'Version format compliance' 
2  3 'Structure model' 'Non-polymer description'   
3  3 'Structure model' 'Version format compliance' 
4  4 'Structure model' 'Atomic model'              
5  4 'Structure model' 'Data collection'           
6  4 'Structure model' 'Derived calculations'      
7  4 'Structure model' 'Structure summary'         
8  5 'Structure model' 'Data collection'           
9  5 'Structure model' 'Database references'       
10 5 'Structure model' 'Structure summary'         
# 
loop_
_pdbx_audit_revision_category.ordinal 
_pdbx_audit_revision_category.revision_ordinal 
_pdbx_audit_revision_category.data_content_type 
_pdbx_audit_revision_category.category 
1  4 'Structure model' atom_site                     
2  4 'Structure model' chem_comp                     
3  4 'Structure model' entity                        
4  4 'Structure model' pdbx_branch_scheme            
5  4 'Structure model' pdbx_chem_comp_identifier     
6  4 'Structure model' pdbx_entity_branch            
7  4 'Structure model' pdbx_entity_branch_descriptor 
8  4 'Structure model' pdbx_entity_branch_link       
9  4 'Structure model' pdbx_entity_branch_list       
10 4 'Structure model' pdbx_entity_nonpoly           
11 4 'Structure model' pdbx_nonpoly_scheme           
12 4 'Structure model' pdbx_struct_assembly_gen      
13 4 'Structure model' pdbx_struct_conn_angle        
14 4 'Structure model' struct_asym                   
15 4 'Structure model' struct_conn                   
16 4 'Structure model' struct_site                   
17 4 'Structure model' struct_site_gen               
18 5 'Structure model' chem_comp                     
19 5 'Structure model' chem_comp_atom                
20 5 'Structure model' chem_comp_bond                
21 5 'Structure model' database_2                    
22 5 'Structure model' pdbx_entry_details            
23 5 'Structure model' pdbx_modification_feature     
# 
loop_
_pdbx_audit_revision_item.ordinal 
_pdbx_audit_revision_item.revision_ordinal 
_pdbx_audit_revision_item.data_content_type 
_pdbx_audit_revision_item.item 
1  4 'Structure model' '_atom_site.B_iso_or_equiv'                   
2  4 'Structure model' '_atom_site.Cartn_x'                          
3  4 'Structure model' '_atom_site.Cartn_y'                          
4  4 'Structure model' '_atom_site.Cartn_z'                          
5  4 'Structure model' '_atom_site.auth_asym_id'                     
6  4 'Structure model' '_atom_site.auth_atom_id'                     
7  4 'Structure model' '_atom_site.auth_comp_id'                     
8  4 'Structure model' '_atom_site.auth_seq_id'                      
9  4 'Structure model' '_atom_site.label_asym_id'                    
10 4 'Structure model' '_atom_site.label_atom_id'                    
11 4 'Structure model' '_atom_site.label_comp_id'                    
12 4 'Structure model' '_atom_site.label_entity_id'                  
13 4 'Structure model' '_atom_site.type_symbol'                      
14 4 'Structure model' '_chem_comp.name'                             
15 4 'Structure model' '_chem_comp.type'                             
16 4 'Structure model' '_pdbx_struct_assembly_gen.asym_id_list'      
17 4 'Structure model' '_pdbx_struct_conn_angle.ptnr1_auth_asym_id'  
18 4 'Structure model' '_pdbx_struct_conn_angle.ptnr1_auth_comp_id'  
19 4 'Structure model' '_pdbx_struct_conn_angle.ptnr1_auth_seq_id'   
20 4 'Structure model' '_pdbx_struct_conn_angle.ptnr1_label_asym_id' 
21 4 'Structure model' '_pdbx_struct_conn_angle.ptnr1_label_atom_id' 
22 4 'Structure model' '_pdbx_struct_conn_angle.ptnr1_label_comp_id' 
23 4 'Structure model' '_pdbx_struct_conn_angle.ptnr1_label_seq_id'  
24 4 'Structure model' '_pdbx_struct_conn_angle.ptnr2_label_asym_id' 
25 4 'Structure model' '_pdbx_struct_conn_angle.ptnr3_auth_asym_id'  
26 4 'Structure model' '_pdbx_struct_conn_angle.ptnr3_auth_comp_id'  
27 4 'Structure model' '_pdbx_struct_conn_angle.ptnr3_auth_seq_id'   
28 4 'Structure model' '_pdbx_struct_conn_angle.ptnr3_label_asym_id' 
29 4 'Structure model' '_pdbx_struct_conn_angle.ptnr3_label_atom_id' 
30 4 'Structure model' '_pdbx_struct_conn_angle.ptnr3_label_comp_id' 
31 4 'Structure model' '_pdbx_struct_conn_angle.ptnr3_label_seq_id'  
32 4 'Structure model' '_pdbx_struct_conn_angle.value'               
33 4 'Structure model' '_struct_conn.pdbx_dist_value'                
34 4 'Structure model' '_struct_conn.pdbx_leaving_atom_flag'         
35 4 'Structure model' '_struct_conn.ptnr1_auth_asym_id'             
36 4 'Structure model' '_struct_conn.ptnr1_auth_comp_id'             
37 4 'Structure model' '_struct_conn.ptnr1_auth_seq_id'              
38 4 'Structure model' '_struct_conn.ptnr1_label_asym_id'            
39 4 'Structure model' '_struct_conn.ptnr1_label_atom_id'            
40 4 'Structure model' '_struct_conn.ptnr1_label_comp_id'            
41 4 'Structure model' '_struct_conn.ptnr1_label_seq_id'             
42 4 'Structure model' '_struct_conn.ptnr2_auth_asym_id'             
43 4 'Structure model' '_struct_conn.ptnr2_auth_comp_id'             
44 4 'Structure model' '_struct_conn.ptnr2_auth_seq_id'              
45 4 'Structure model' '_struct_conn.ptnr2_label_asym_id'            
46 4 'Structure model' '_struct_conn.ptnr2_label_atom_id'            
47 4 'Structure model' '_struct_conn.ptnr2_label_comp_id'            
48 4 'Structure model' '_struct_conn.ptnr2_label_seq_id'             
49 5 'Structure model' '_chem_comp.pdbx_synonyms'                    
50 5 'Structure model' '_database_2.pdbx_DOI'                        
51 5 'Structure model' '_database_2.pdbx_database_accession'         
# 
_pdbx_database_status.status_code                     REL 
_pdbx_database_status.entry_id                        1SL5 
_pdbx_database_status.recvd_initial_deposition_date   2004-03-05 
_pdbx_database_status.deposit_site                    RCSB 
_pdbx_database_status.process_site                    RCSB 
_pdbx_database_status.status_code_sf                  REL 
_pdbx_database_status.SG_entry                        . 
_pdbx_database_status.pdb_format_compatible           Y 
_pdbx_database_status.status_code_mr                  ? 
_pdbx_database_status.status_code_cs                  ? 
_pdbx_database_status.status_code_nmr_data            ? 
_pdbx_database_status.methods_development_category    ? 
# 
loop_
_audit_author.name 
_audit_author.pdbx_ordinal 
'Guo, Y.'        1 
'Feinberg, H.'   2 
'Conroy, E.'     3 
'Mitchell, D.A.' 4 
'Alvarez, R.'    5 
'Blixt, O.'      6 
'Taylor, M.E.'   7 
'Weis, W.I.'     8 
'Drickamer, K.'  9 
# 
_citation.id                        primary 
_citation.title                     
;Structural basis for distinct ligand-binding and targeting properties of the receptors  
DC-SIGN and DC-SIGNR
;
_citation.journal_abbrev            Nat.Struct.Mol.Biol. 
_citation.journal_volume            11 
_citation.page_first                591 
_citation.page_last                 598 
_citation.year                      2004 
_citation.journal_id_ASTM           ? 
_citation.country                   US 
_citation.journal_id_ISSN           1545-9993 
_citation.journal_id_CSD            ? 
_citation.book_publisher            ? 
_citation.pdbx_database_id_PubMed   15195147 
_citation.pdbx_database_id_DOI      10.1038/nsmb784 
# 
loop_
_citation_author.citation_id 
_citation_author.name 
_citation_author.ordinal 
_citation_author.identifier_ORCID 
primary 'Guo, Y.'        1 ? 
primary 'Feinberg, H.'   2 ? 
primary 'Conroy, E.'     3 ? 
primary 'Mitchell, D.A.' 4 ? 
primary 'Alvarez, R.'    5 ? 
primary 'Blixt, O.'      6 ? 
primary 'Taylor, M.E.'   7 ? 
primary 'Weis, W.I.'     8 ? 
primary 'Drickamer, K.'  9 ? 
# 
loop_
_entity.id 
_entity.type 
_entity.src_method 
_entity.pdbx_description 
_entity.formula_weight 
_entity.pdbx_number_of_molecules 
_entity.pdbx_ec 
_entity.pdbx_mutation 
_entity.pdbx_fragment 
_entity.details 
1 polymer     man 'mDC-SIGN1B type I isoform' 16130.791 1   ? ? ? ? 
2 branched    man 
'alpha-L-fucopyranose-(1-3)-[beta-D-galactopyranose-(1-4)]2-acetamido-2-deoxy-beta-D-glucopyranose-(1-3)-beta-D-galactopyranose' 
691.630   1   ? ? ? ? 
3 non-polymer syn 'CALCIUM ION' 40.078    2   ? ? ? ? 
4 non-polymer syn 'MAGNESIUM ION' 24.305    1   ? ? ? ? 
5 water       nat water 18.015    192 ? ? ? ? 
# 
_entity_poly.entity_id                      1 
_entity_poly.type                           'polypeptide(L)' 
_entity_poly.nstd_linkage                   no 
_entity_poly.nstd_monomer                   no 
_entity_poly.pdbx_seq_one_letter_code       
;ERLCHPCPWEWTFFQGNCYFMSNSQRNWHDSITACKEVGAQLVVIKSAEEQNFLQLQSSRSNRFTWMGLSDLNQEGTWQW
VDGSPLLPSFKQYWNRGEPNNVGEEDCAEFSGNGWNDDKCNLAKFWICKKSAASCSRDE
;
_entity_poly.pdbx_seq_one_letter_code_can   
;ERLCHPCPWEWTFFQGNCYFMSNSQRNWHDSITACKEVGAQLVVIKSAEEQNFLQLQSSRSNRFTWMGLSDLNQEGTWQW
VDGSPLLPSFKQYWNRGEPNNVGEEDCAEFSGNGWNDDKCNLAKFWICKKSAASCSRDE
;
_entity_poly.pdbx_strand_id                 A 
_entity_poly.pdbx_target_identifier         ? 
# 
loop_
_pdbx_entity_nonpoly.entity_id 
_pdbx_entity_nonpoly.name 
_pdbx_entity_nonpoly.comp_id 
3 'CALCIUM ION'   CA  
4 'MAGNESIUM ION' MG  
5 water           HOH 
# 
loop_
_entity_poly_seq.entity_id 
_entity_poly_seq.num 
_entity_poly_seq.mon_id 
_entity_poly_seq.hetero 
1 1   GLU n 
1 2   ARG n 
1 3   LEU n 
1 4   CYS n 
1 5   HIS n 
1 6   PRO n 
1 7   CYS n 
1 8   PRO n 
1 9   TRP n 
1 10  GLU n 
1 11  TRP n 
1 12  THR n 
1 13  PHE n 
1 14  PHE n 
1 15  GLN n 
1 16  GLY n 
1 17  ASN n 
1 18  CYS n 
1 19  TYR n 
1 20  PHE n 
1 21  MET n 
1 22  SER n 
1 23  ASN n 
1 24  SER n 
1 25  GLN n 
1 26  ARG n 
1 27  ASN n 
1 28  TRP n 
1 29  HIS n 
1 30  ASP n 
1 31  SER n 
1 32  ILE n 
1 33  THR n 
1 34  ALA n 
1 35  CYS n 
1 36  LYS n 
1 37  GLU n 
1 38  VAL n 
1 39  GLY n 
1 40  ALA n 
1 41  GLN n 
1 42  LEU n 
1 43  VAL n 
1 44  VAL n 
1 45  ILE n 
1 46  LYS n 
1 47  SER n 
1 48  ALA n 
1 49  GLU n 
1 50  GLU n 
1 51  GLN n 
1 52  ASN n 
1 53  PHE n 
1 54  LEU n 
1 55  GLN n 
1 56  LEU n 
1 57  GLN n 
1 58  SER n 
1 59  SER n 
1 60  ARG n 
1 61  SER n 
1 62  ASN n 
1 63  ARG n 
1 64  PHE n 
1 65  THR n 
1 66  TRP n 
1 67  MET n 
1 68  GLY n 
1 69  LEU n 
1 70  SER n 
1 71  ASP n 
1 72  LEU n 
1 73  ASN n 
1 74  GLN n 
1 75  GLU n 
1 76  GLY n 
1 77  THR n 
1 78  TRP n 
1 79  GLN n 
1 80  TRP n 
1 81  VAL n 
1 82  ASP n 
1 83  GLY n 
1 84  SER n 
1 85  PRO n 
1 86  LEU n 
1 87  LEU n 
1 88  PRO n 
1 89  SER n 
1 90  PHE n 
1 91  LYS n 
1 92  GLN n 
1 93  TYR n 
1 94  TRP n 
1 95  ASN n 
1 96  ARG n 
1 97  GLY n 
1 98  GLU n 
1 99  PRO n 
1 100 ASN n 
1 101 ASN n 
1 102 VAL n 
1 103 GLY n 
1 104 GLU n 
1 105 GLU n 
1 106 ASP n 
1 107 CYS n 
1 108 ALA n 
1 109 GLU n 
1 110 PHE n 
1 111 SER n 
1 112 GLY n 
1 113 ASN n 
1 114 GLY n 
1 115 TRP n 
1 116 ASN n 
1 117 ASP n 
1 118 ASP n 
1 119 LYS n 
1 120 CYS n 
1 121 ASN n 
1 122 LEU n 
1 123 ALA n 
1 124 LYS n 
1 125 PHE n 
1 126 TRP n 
1 127 ILE n 
1 128 CYS n 
1 129 LYS n 
1 130 LYS n 
1 131 SER n 
1 132 ALA n 
1 133 ALA n 
1 134 SER n 
1 135 CYS n 
1 136 SER n 
1 137 ARG n 
1 138 ASP n 
1 139 GLU n 
# 
_entity_src_gen.entity_id                          1 
_entity_src_gen.pdbx_src_id                        1 
_entity_src_gen.pdbx_alt_source_flag               sample 
_entity_src_gen.pdbx_seq_type                      ? 
_entity_src_gen.pdbx_beg_seq_num                   ? 
_entity_src_gen.pdbx_end_seq_num                   ? 
_entity_src_gen.gene_src_common_name               human 
_entity_src_gen.gene_src_genus                     Homo 
_entity_src_gen.pdbx_gene_src_gene                 ? 
_entity_src_gen.gene_src_species                   ? 
_entity_src_gen.gene_src_strain                    ? 
_entity_src_gen.gene_src_tissue                    ? 
_entity_src_gen.gene_src_tissue_fraction           ? 
_entity_src_gen.gene_src_details                   ? 
_entity_src_gen.pdbx_gene_src_fragment             ? 
_entity_src_gen.pdbx_gene_src_scientific_name      'Homo sapiens' 
_entity_src_gen.pdbx_gene_src_ncbi_taxonomy_id     9606 
_entity_src_gen.pdbx_gene_src_variant              ? 
_entity_src_gen.pdbx_gene_src_cell_line            ? 
_entity_src_gen.pdbx_gene_src_atcc                 ? 
_entity_src_gen.pdbx_gene_src_organ                ? 
_entity_src_gen.pdbx_gene_src_organelle            ? 
_entity_src_gen.pdbx_gene_src_cell                 ? 
_entity_src_gen.pdbx_gene_src_cellular_location    ? 
_entity_src_gen.host_org_common_name               ? 
_entity_src_gen.pdbx_host_org_scientific_name      'Escherichia coli' 
_entity_src_gen.pdbx_host_org_ncbi_taxonomy_id     562 
_entity_src_gen.host_org_genus                     Escherichia 
_entity_src_gen.pdbx_host_org_gene                 ? 
_entity_src_gen.pdbx_host_org_organ                ? 
_entity_src_gen.host_org_species                   ? 
_entity_src_gen.pdbx_host_org_tissue               ? 
_entity_src_gen.pdbx_host_org_tissue_fraction      ? 
_entity_src_gen.pdbx_host_org_strain               ? 
_entity_src_gen.pdbx_host_org_variant              ? 
_entity_src_gen.pdbx_host_org_cell_line            ? 
_entity_src_gen.pdbx_host_org_atcc                 ? 
_entity_src_gen.pdbx_host_org_culture_collection   ? 
_entity_src_gen.pdbx_host_org_cell                 BL21/DE3 
_entity_src_gen.pdbx_host_org_organelle            ? 
_entity_src_gen.pdbx_host_org_cellular_location    ? 
_entity_src_gen.pdbx_host_org_vector_type          ? 
_entity_src_gen.pdbx_host_org_vector               ? 
_entity_src_gen.host_org_details                   ? 
_entity_src_gen.expression_system_id               ? 
_entity_src_gen.plasmid_name                       ? 
_entity_src_gen.plasmid_details                    ? 
_entity_src_gen.pdbx_description                   ? 
# 
_pdbx_entity_branch.entity_id   2 
_pdbx_entity_branch.type        oligosaccharide 
# 
loop_
_pdbx_entity_branch_descriptor.ordinal 
_pdbx_entity_branch_descriptor.entity_id 
_pdbx_entity_branch_descriptor.descriptor 
_pdbx_entity_branch_descriptor.type 
_pdbx_entity_branch_descriptor.program 
_pdbx_entity_branch_descriptor.program_version 
1 2 'LFucpa1-3[DGalpb1-4]DGlcpNAcb1-3DGalpb1-ROH'                                                       
'Glycam Condensed Sequence' GMML       1.0   
2 2 'WURCS=2.0/3,4,3/[a2112h-1b_1-5][a2122h-1b_1-5_2*NCC/3=O][a1221m-1a_1-5]/1-2-3-1/a3-b1_b3-c1_b4-d1' WURCS PDB2Glycan 1.1.0 
3 2 '[][b-D-Galp]{[(3+1)][b-D-GlcpNAc]{[(3+1)][a-L-Fucp]{}[(4+1)][b-D-Galp]{}}}'                        LINUCS PDB-CARE   ?     
# 
loop_
_pdbx_entity_branch_link.link_id 
_pdbx_entity_branch_link.entity_id 
_pdbx_entity_branch_link.entity_branch_list_num_1 
_pdbx_entity_branch_link.comp_id_1 
_pdbx_entity_branch_link.atom_id_1 
_pdbx_entity_branch_link.leaving_atom_id_1 
_pdbx_entity_branch_link.entity_branch_list_num_2 
_pdbx_entity_branch_link.comp_id_2 
_pdbx_entity_branch_link.atom_id_2 
_pdbx_entity_branch_link.leaving_atom_id_2 
_pdbx_entity_branch_link.value_order 
_pdbx_entity_branch_link.details 
1 2 2 NAG C1 O1 1 GAL O3 HO3 sing ? 
2 2 3 FUC C1 O1 2 NAG O3 HO3 sing ? 
3 2 4 GAL C1 O1 2 NAG O4 HO4 sing ? 
# 
loop_
_chem_comp.id 
_chem_comp.type 
_chem_comp.mon_nstd_flag 
_chem_comp.name 
_chem_comp.pdbx_synonyms 
_chem_comp.formula 
_chem_comp.formula_weight 
ALA 'L-peptide linking'           y ALANINE                                  ? 'C3 H7 N O2'     89.093  
ARG 'L-peptide linking'           y ARGININE                                 ? 'C6 H15 N4 O2 1' 175.209 
ASN 'L-peptide linking'           y ASPARAGINE                               ? 'C4 H8 N2 O3'    132.118 
ASP 'L-peptide linking'           y 'ASPARTIC ACID'                          ? 'C4 H7 N O4'     133.103 
CA  non-polymer                   . 'CALCIUM ION'                            ? 'Ca 2'           40.078  
CYS 'L-peptide linking'           y CYSTEINE                                 ? 'C3 H7 N O2 S'   121.158 
FUC 'L-saccharide, alpha linking' . alpha-L-fucopyranose                     
'alpha-L-fucose; 6-deoxy-alpha-L-galactopyranose; L-fucose; fucose' 'C6 H12 O5'      164.156 
GAL 'D-saccharide, beta linking'  . beta-D-galactopyranose                   'beta-D-galactose; D-galactose; galactose' 
'C6 H12 O6'      180.156 
GLN 'L-peptide linking'           y GLUTAMINE                                ? 'C5 H10 N2 O3'   146.144 
GLU 'L-peptide linking'           y 'GLUTAMIC ACID'                          ? 'C5 H9 N O4'     147.129 
GLY 'peptide linking'             y GLYCINE                                  ? 'C2 H5 N O2'     75.067  
HIS 'L-peptide linking'           y HISTIDINE                                ? 'C6 H10 N3 O2 1' 156.162 
HOH non-polymer                   . WATER                                    ? 'H2 O'           18.015  
ILE 'L-peptide linking'           y ISOLEUCINE                               ? 'C6 H13 N O2'    131.173 
LEU 'L-peptide linking'           y LEUCINE                                  ? 'C6 H13 N O2'    131.173 
LYS 'L-peptide linking'           y LYSINE                                   ? 'C6 H15 N2 O2 1' 147.195 
MET 'L-peptide linking'           y METHIONINE                               ? 'C5 H11 N O2 S'  149.211 
MG  non-polymer                   . 'MAGNESIUM ION'                          ? 'Mg 2'           24.305  
NAG 'D-saccharide, beta linking'  . 2-acetamido-2-deoxy-beta-D-glucopyranose 
;N-acetyl-beta-D-glucosamine; 2-acetamido-2-deoxy-beta-D-glucose; 2-acetamido-2-deoxy-D-glucose; 2-acetamido-2-deoxy-glucose; N-ACETYL-D-GLUCOSAMINE
;
'C8 H15 N O6'    221.208 
PHE 'L-peptide linking'           y PHENYLALANINE                            ? 'C9 H11 N O2'    165.189 
PRO 'L-peptide linking'           y PROLINE                                  ? 'C5 H9 N O2'     115.130 
SER 'L-peptide linking'           y SERINE                                   ? 'C3 H7 N O3'     105.093 
THR 'L-peptide linking'           y THREONINE                                ? 'C4 H9 N O3'     119.119 
TRP 'L-peptide linking'           y TRYPTOPHAN                               ? 'C11 H12 N2 O2'  204.225 
TYR 'L-peptide linking'           y TYROSINE                                 ? 'C9 H11 N O3'    181.189 
VAL 'L-peptide linking'           y VALINE                                   ? 'C5 H11 N O2'    117.146 
# 
loop_
_pdbx_chem_comp_identifier.comp_id 
_pdbx_chem_comp_identifier.type 
_pdbx_chem_comp_identifier.program 
_pdbx_chem_comp_identifier.program_version 
_pdbx_chem_comp_identifier.identifier 
FUC 'CONDENSED IUPAC CARBOHYDRATE SYMBOL' GMML     1.0 LFucpa                         
FUC 'COMMON NAME'                         GMML     1.0 a-L-fucopyranose               
FUC 'IUPAC CARBOHYDRATE SYMBOL'           PDB-CARE 1.0 a-L-Fucp                       
FUC 'SNFG CARBOHYDRATE SYMBOL'            GMML     1.0 Fuc                            
GAL 'CONDENSED IUPAC CARBOHYDRATE SYMBOL' GMML     1.0 DGalpb                         
GAL 'COMMON NAME'                         GMML     1.0 b-D-galactopyranose            
GAL 'IUPAC CARBOHYDRATE SYMBOL'           PDB-CARE 1.0 b-D-Galp                       
GAL 'SNFG CARBOHYDRATE SYMBOL'            GMML     1.0 Gal                            
NAG 'CONDENSED IUPAC CARBOHYDRATE SYMBOL' GMML     1.0 DGlcpNAcb                      
NAG 'COMMON NAME'                         GMML     1.0 N-acetyl-b-D-glucopyranosamine 
NAG 'IUPAC CARBOHYDRATE SYMBOL'           PDB-CARE 1.0 b-D-GlcpNAc                    
NAG 'SNFG CARBOHYDRATE SYMBOL'            GMML     1.0 GlcNAc                         
# 
loop_
_pdbx_poly_seq_scheme.asym_id 
_pdbx_poly_seq_scheme.entity_id 
_pdbx_poly_seq_scheme.seq_id 
_pdbx_poly_seq_scheme.mon_id 
_pdbx_poly_seq_scheme.ndb_seq_num 
_pdbx_poly_seq_scheme.pdb_seq_num 
_pdbx_poly_seq_scheme.auth_seq_num 
_pdbx_poly_seq_scheme.pdb_mon_id 
_pdbx_poly_seq_scheme.auth_mon_id 
_pdbx_poly_seq_scheme.pdb_strand_id 
_pdbx_poly_seq_scheme.pdb_ins_code 
_pdbx_poly_seq_scheme.hetero 
A 1 1   GLU 1   250 ?   ?   ?   A . n 
A 1 2   ARG 2   251 ?   ?   ?   A . n 
A 1 3   LEU 3   252 ?   ?   ?   A . n 
A 1 4   CYS 4   253 253 CYS CYS A . n 
A 1 5   HIS 5   254 254 HIS HIS A . n 
A 1 6   PRO 6   255 255 PRO PRO A . n 
A 1 7   CYS 7   256 256 CYS CYS A . n 
A 1 8   PRO 8   257 257 PRO PRO A . n 
A 1 9   TRP 9   258 258 TRP TRP A . n 
A 1 10  GLU 10  259 259 GLU GLU A . n 
A 1 11  TRP 11  260 260 TRP TRP A . n 
A 1 12  THR 12  261 261 THR THR A . n 
A 1 13  PHE 13  262 262 PHE PHE A . n 
A 1 14  PHE 14  263 263 PHE PHE A . n 
A 1 15  GLN 15  264 264 GLN GLN A . n 
A 1 16  GLY 16  265 265 GLY GLY A . n 
A 1 17  ASN 17  266 266 ASN ASN A . n 
A 1 18  CYS 18  267 267 CYS CYS A . n 
A 1 19  TYR 19  268 268 TYR TYR A . n 
A 1 20  PHE 20  269 269 PHE PHE A . n 
A 1 21  MET 21  270 270 MET MET A . n 
A 1 22  SER 22  271 271 SER SER A . n 
A 1 23  ASN 23  272 272 ASN ASN A . n 
A 1 24  SER 24  273 273 SER SER A . n 
A 1 25  GLN 25  274 274 GLN GLN A . n 
A 1 26  ARG 26  275 275 ARG ARG A . n 
A 1 27  ASN 27  276 276 ASN ASN A . n 
A 1 28  TRP 28  277 277 TRP TRP A . n 
A 1 29  HIS 29  278 278 HIS HIS A . n 
A 1 30  ASP 30  279 279 ASP ASP A . n 
A 1 31  SER 31  280 280 SER SER A . n 
A 1 32  ILE 32  281 281 ILE ILE A . n 
A 1 33  THR 33  282 282 THR THR A . n 
A 1 34  ALA 34  283 283 ALA ALA A . n 
A 1 35  CYS 35  284 284 CYS CYS A . n 
A 1 36  LYS 36  285 285 LYS LYS A . n 
A 1 37  GLU 37  286 286 GLU GLU A . n 
A 1 38  VAL 38  287 287 VAL VAL A . n 
A 1 39  GLY 39  288 288 GLY GLY A . n 
A 1 40  ALA 40  289 289 ALA ALA A . n 
A 1 41  GLN 41  290 290 GLN GLN A . n 
A 1 42  LEU 42  291 291 LEU LEU A . n 
A 1 43  VAL 43  292 292 VAL VAL A . n 
A 1 44  VAL 44  293 293 VAL VAL A . n 
A 1 45  ILE 45  294 294 ILE ILE A . n 
A 1 46  LYS 46  295 295 LYS LYS A . n 
A 1 47  SER 47  296 296 SER SER A . n 
A 1 48  ALA 48  297 297 ALA ALA A . n 
A 1 49  GLU 49  298 298 GLU GLU A . n 
A 1 50  GLU 50  299 299 GLU GLU A . n 
A 1 51  GLN 51  300 300 GLN GLN A . n 
A 1 52  ASN 52  301 301 ASN ASN A . n 
A 1 53  PHE 53  302 302 PHE PHE A . n 
A 1 54  LEU 54  303 303 LEU LEU A . n 
A 1 55  GLN 55  304 304 GLN GLN A . n 
A 1 56  LEU 56  305 305 LEU LEU A . n 
A 1 57  GLN 57  306 306 GLN GLN A . n 
A 1 58  SER 58  307 307 SER SER A . n 
A 1 59  SER 59  308 308 SER SER A . n 
A 1 60  ARG 60  309 309 ARG ARG A . n 
A 1 61  SER 61  310 310 SER SER A . n 
A 1 62  ASN 62  311 311 ASN ASN A . n 
A 1 63  ARG 63  312 312 ARG ARG A . n 
A 1 64  PHE 64  313 313 PHE PHE A . n 
A 1 65  THR 65  314 314 THR THR A . n 
A 1 66  TRP 66  315 315 TRP TRP A . n 
A 1 67  MET 67  316 316 MET MET A . n 
A 1 68  GLY 68  317 317 GLY GLY A . n 
A 1 69  LEU 69  318 318 LEU LEU A . n 
A 1 70  SER 70  319 319 SER SER A . n 
A 1 71  ASP 71  320 320 ASP ASP A . n 
A 1 72  LEU 72  321 321 LEU LEU A . n 
A 1 73  ASN 73  322 322 ASN ASN A . n 
A 1 74  GLN 74  323 323 GLN GLN A . n 
A 1 75  GLU 75  324 324 GLU GLU A . n 
A 1 76  GLY 76  325 325 GLY GLY A . n 
A 1 77  THR 77  326 326 THR THR A . n 
A 1 78  TRP 78  327 327 TRP TRP A . n 
A 1 79  GLN 79  328 328 GLN GLN A . n 
A 1 80  TRP 80  329 329 TRP TRP A . n 
A 1 81  VAL 81  330 330 VAL VAL A . n 
A 1 82  ASP 82  331 331 ASP ASP A . n 
A 1 83  GLY 83  332 332 GLY GLY A . n 
A 1 84  SER 84  333 333 SER SER A . n 
A 1 85  PRO 85  334 334 PRO PRO A . n 
A 1 86  LEU 86  335 335 LEU LEU A . n 
A 1 87  LEU 87  336 336 LEU LEU A . n 
A 1 88  PRO 88  337 337 PRO PRO A . n 
A 1 89  SER 89  338 338 SER SER A . n 
A 1 90  PHE 90  339 339 PHE PHE A . n 
A 1 91  LYS 91  340 340 LYS LYS A . n 
A 1 92  GLN 92  341 341 GLN GLN A . n 
A 1 93  TYR 93  342 342 TYR TYR A . n 
A 1 94  TRP 94  343 343 TRP TRP A . n 
A 1 95  ASN 95  344 344 ASN ASN A . n 
A 1 96  ARG 96  345 345 ARG ARG A . n 
A 1 97  GLY 97  346 346 GLY GLY A . n 
A 1 98  GLU 98  347 347 GLU GLU A . n 
A 1 99  PRO 99  348 348 PRO PRO A . n 
A 1 100 ASN 100 349 349 ASN ASN A . n 
A 1 101 ASN 101 350 350 ASN ASN A . n 
A 1 102 VAL 102 351 351 VAL VAL A . n 
A 1 103 GLY 103 352 352 GLY GLY A . n 
A 1 104 GLU 104 353 353 GLU GLU A . n 
A 1 105 GLU 105 354 354 GLU GLU A . n 
A 1 106 ASP 106 355 355 ASP ASP A . n 
A 1 107 CYS 107 356 356 CYS CYS A . n 
A 1 108 ALA 108 357 357 ALA ALA A . n 
A 1 109 GLU 109 358 358 GLU GLU A . n 
A 1 110 PHE 110 359 359 PHE PHE A . n 
A 1 111 SER 111 360 360 SER SER A . n 
A 1 112 GLY 112 361 361 GLY GLY A . n 
A 1 113 ASN 113 362 362 ASN ASN A . n 
A 1 114 GLY 114 363 363 GLY GLY A . n 
A 1 115 TRP 115 364 364 TRP TRP A . n 
A 1 116 ASN 116 365 365 ASN ASN A . n 
A 1 117 ASP 117 366 366 ASP ASP A . n 
A 1 118 ASP 118 367 367 ASP ASP A . n 
A 1 119 LYS 119 368 368 LYS LYS A . n 
A 1 120 CYS 120 369 369 CYS CYS A . n 
A 1 121 ASN 121 370 370 ASN ASN A . n 
A 1 122 LEU 122 371 371 LEU LEU A . n 
A 1 123 ALA 123 372 372 ALA ALA A . n 
A 1 124 LYS 124 373 373 LYS LYS A . n 
A 1 125 PHE 125 374 374 PHE PHE A . n 
A 1 126 TRP 126 375 375 TRP TRP A . n 
A 1 127 ILE 127 376 376 ILE ILE A . n 
A 1 128 CYS 128 377 377 CYS CYS A . n 
A 1 129 LYS 129 378 378 LYS LYS A . n 
A 1 130 LYS 130 379 379 LYS LYS A . n 
A 1 131 SER 131 380 380 SER SER A . n 
A 1 132 ALA 132 381 381 ALA ALA A . n 
A 1 133 ALA 133 382 382 ALA ALA A . n 
A 1 134 SER 134 383 383 SER SER A . n 
A 1 135 CYS 135 384 ?   ?   ?   A . n 
A 1 136 SER 136 385 ?   ?   ?   A . n 
A 1 137 ARG 137 386 ?   ?   ?   A . n 
A 1 138 ASP 138 387 ?   ?   ?   A . n 
A 1 139 GLU 139 388 ?   ?   ?   A . n 
# 
loop_
_pdbx_branch_scheme.asym_id 
_pdbx_branch_scheme.entity_id 
_pdbx_branch_scheme.mon_id 
_pdbx_branch_scheme.num 
_pdbx_branch_scheme.pdb_asym_id 
_pdbx_branch_scheme.pdb_mon_id 
_pdbx_branch_scheme.pdb_seq_num 
_pdbx_branch_scheme.auth_asym_id 
_pdbx_branch_scheme.auth_mon_id 
_pdbx_branch_scheme.auth_seq_num 
_pdbx_branch_scheme.hetero 
B 2 GAL 1 B GAL 1 C GAL 4 n 
B 2 NAG 2 B NAG 2 C NAG 2 n 
B 2 FUC 3 B FUC 3 C FUC 3 n 
B 2 GAL 4 B GAL 4 C GAL 1 n 
# 
loop_
_pdbx_nonpoly_scheme.asym_id 
_pdbx_nonpoly_scheme.entity_id 
_pdbx_nonpoly_scheme.mon_id 
_pdbx_nonpoly_scheme.ndb_seq_num 
_pdbx_nonpoly_scheme.pdb_seq_num 
_pdbx_nonpoly_scheme.auth_seq_num 
_pdbx_nonpoly_scheme.pdb_mon_id 
_pdbx_nonpoly_scheme.auth_mon_id 
_pdbx_nonpoly_scheme.pdb_strand_id 
_pdbx_nonpoly_scheme.pdb_ins_code 
C 3 CA  1   401 1   CA  CA2 A . 
D 3 CA  1   402 2   CA  CA2 A . 
E 4 MG  1   403 3   MG  MG2 A . 
F 5 HOH 1   404 1   HOH TIP A . 
F 5 HOH 2   405 2   HOH TIP A . 
F 5 HOH 3   406 3   HOH TIP A . 
F 5 HOH 4   407 4   HOH TIP A . 
F 5 HOH 5   408 5   HOH TIP A . 
F 5 HOH 6   409 6   HOH TIP A . 
F 5 HOH 7   410 7   HOH TIP A . 
F 5 HOH 8   411 8   HOH TIP A . 
F 5 HOH 9   412 9   HOH TIP A . 
F 5 HOH 10  413 10  HOH TIP A . 
F 5 HOH 11  414 11  HOH TIP A . 
F 5 HOH 12  415 12  HOH TIP A . 
F 5 HOH 13  416 13  HOH TIP A . 
F 5 HOH 14  417 14  HOH TIP A . 
F 5 HOH 15  418 15  HOH TIP A . 
F 5 HOH 16  419 16  HOH TIP A . 
F 5 HOH 17  420 17  HOH TIP A . 
F 5 HOH 18  421 18  HOH TIP A . 
F 5 HOH 19  422 19  HOH TIP A . 
F 5 HOH 20  423 20  HOH TIP A . 
F 5 HOH 21  424 21  HOH TIP A . 
F 5 HOH 22  425 22  HOH TIP A . 
F 5 HOH 23  426 23  HOH TIP A . 
F 5 HOH 24  427 24  HOH TIP A . 
F 5 HOH 25  428 25  HOH TIP A . 
F 5 HOH 26  429 26  HOH TIP A . 
F 5 HOH 27  430 27  HOH TIP A . 
F 5 HOH 28  431 28  HOH TIP A . 
F 5 HOH 29  432 29  HOH TIP A . 
F 5 HOH 30  433 30  HOH TIP A . 
F 5 HOH 31  434 31  HOH TIP A . 
F 5 HOH 32  435 32  HOH TIP A . 
F 5 HOH 33  436 33  HOH TIP A . 
F 5 HOH 34  437 34  HOH TIP A . 
F 5 HOH 35  438 35  HOH TIP A . 
F 5 HOH 36  439 36  HOH TIP A . 
F 5 HOH 37  440 37  HOH TIP A . 
F 5 HOH 38  441 38  HOH TIP A . 
F 5 HOH 39  442 39  HOH TIP A . 
F 5 HOH 40  443 40  HOH TIP A . 
F 5 HOH 41  444 41  HOH TIP A . 
F 5 HOH 42  445 42  HOH TIP A . 
F 5 HOH 43  446 43  HOH TIP A . 
F 5 HOH 44  447 44  HOH TIP A . 
F 5 HOH 45  448 45  HOH TIP A . 
F 5 HOH 46  449 46  HOH TIP A . 
F 5 HOH 47  450 47  HOH TIP A . 
F 5 HOH 48  451 48  HOH TIP A . 
F 5 HOH 49  452 49  HOH TIP A . 
F 5 HOH 50  453 50  HOH TIP A . 
F 5 HOH 51  454 51  HOH TIP A . 
F 5 HOH 52  455 52  HOH TIP A . 
F 5 HOH 53  456 53  HOH TIP A . 
F 5 HOH 54  457 54  HOH TIP A . 
F 5 HOH 55  458 55  HOH TIP A . 
F 5 HOH 56  459 56  HOH TIP A . 
F 5 HOH 57  460 57  HOH TIP A . 
F 5 HOH 58  461 58  HOH TIP A . 
F 5 HOH 59  462 59  HOH TIP A . 
F 5 HOH 60  463 60  HOH TIP A . 
F 5 HOH 61  464 61  HOH TIP A . 
F 5 HOH 62  465 62  HOH TIP A . 
F 5 HOH 63  466 63  HOH TIP A . 
F 5 HOH 64  467 64  HOH TIP A . 
F 5 HOH 65  468 65  HOH TIP A . 
F 5 HOH 66  469 66  HOH TIP A . 
F 5 HOH 67  470 67  HOH TIP A . 
F 5 HOH 68  471 68  HOH TIP A . 
F 5 HOH 69  472 69  HOH TIP A . 
F 5 HOH 70  473 70  HOH TIP A . 
F 5 HOH 71  474 71  HOH TIP A . 
F 5 HOH 72  475 72  HOH TIP A . 
F 5 HOH 73  476 73  HOH TIP A . 
F 5 HOH 74  477 74  HOH TIP A . 
F 5 HOH 75  478 75  HOH TIP A . 
F 5 HOH 76  479 76  HOH TIP A . 
F 5 HOH 77  480 77  HOH TIP A . 
F 5 HOH 78  481 78  HOH TIP A . 
F 5 HOH 79  482 79  HOH TIP A . 
F 5 HOH 80  483 80  HOH TIP A . 
F 5 HOH 81  484 81  HOH TIP A . 
F 5 HOH 82  485 82  HOH TIP A . 
F 5 HOH 83  486 83  HOH TIP A . 
F 5 HOH 84  487 84  HOH TIP A . 
F 5 HOH 85  488 85  HOH TIP A . 
F 5 HOH 86  489 86  HOH TIP A . 
F 5 HOH 87  490 87  HOH TIP A . 
F 5 HOH 88  491 88  HOH TIP A . 
F 5 HOH 89  492 89  HOH TIP A . 
F 5 HOH 90  493 90  HOH TIP A . 
F 5 HOH 91  494 91  HOH TIP A . 
F 5 HOH 92  495 92  HOH TIP A . 
F 5 HOH 93  496 93  HOH TIP A . 
F 5 HOH 94  497 94  HOH TIP A . 
F 5 HOH 95  498 95  HOH TIP A . 
F 5 HOH 96  499 96  HOH TIP A . 
F 5 HOH 97  500 97  HOH TIP A . 
F 5 HOH 98  501 98  HOH TIP A . 
F 5 HOH 99  502 99  HOH TIP A . 
F 5 HOH 100 503 100 HOH TIP A . 
F 5 HOH 101 504 101 HOH TIP A . 
F 5 HOH 102 505 102 HOH TIP A . 
F 5 HOH 103 506 103 HOH TIP A . 
F 5 HOH 104 507 104 HOH TIP A . 
F 5 HOH 105 508 105 HOH TIP A . 
F 5 HOH 106 509 106 HOH TIP A . 
F 5 HOH 107 510 107 HOH TIP A . 
F 5 HOH 108 511 108 HOH TIP A . 
F 5 HOH 109 512 109 HOH TIP A . 
F 5 HOH 110 513 110 HOH TIP A . 
F 5 HOH 111 514 111 HOH TIP A . 
F 5 HOH 112 515 112 HOH TIP A . 
F 5 HOH 113 516 113 HOH TIP A . 
F 5 HOH 114 517 114 HOH TIP A . 
F 5 HOH 115 518 115 HOH TIP A . 
F 5 HOH 116 519 116 HOH TIP A . 
F 5 HOH 117 520 117 HOH TIP A . 
F 5 HOH 118 521 118 HOH TIP A . 
F 5 HOH 119 522 119 HOH TIP A . 
F 5 HOH 120 523 120 HOH TIP A . 
F 5 HOH 121 524 121 HOH TIP A . 
F 5 HOH 122 525 122 HOH TIP A . 
F 5 HOH 123 526 123 HOH TIP A . 
F 5 HOH 124 527 124 HOH TIP A . 
F 5 HOH 125 528 125 HOH TIP A . 
F 5 HOH 126 529 126 HOH TIP A . 
F 5 HOH 127 530 127 HOH TIP A . 
F 5 HOH 128 531 128 HOH TIP A . 
F 5 HOH 129 532 129 HOH TIP A . 
F 5 HOH 130 533 130 HOH TIP A . 
F 5 HOH 131 534 131 HOH TIP A . 
F 5 HOH 132 535 132 HOH TIP A . 
F 5 HOH 133 536 133 HOH TIP A . 
F 5 HOH 134 537 134 HOH TIP A . 
F 5 HOH 135 538 135 HOH TIP A . 
F 5 HOH 136 539 136 HOH TIP A . 
F 5 HOH 137 540 137 HOH TIP A . 
F 5 HOH 138 541 138 HOH TIP A . 
F 5 HOH 139 542 139 HOH TIP A . 
F 5 HOH 140 543 140 HOH TIP A . 
F 5 HOH 141 544 141 HOH TIP A . 
F 5 HOH 142 545 142 HOH TIP A . 
F 5 HOH 143 546 143 HOH TIP A . 
F 5 HOH 144 547 144 HOH TIP A . 
F 5 HOH 145 548 145 HOH TIP A . 
F 5 HOH 146 549 146 HOH TIP A . 
F 5 HOH 147 550 147 HOH TIP A . 
F 5 HOH 148 551 148 HOH TIP A . 
F 5 HOH 149 552 149 HOH TIP A . 
F 5 HOH 150 553 150 HOH TIP A . 
F 5 HOH 151 554 151 HOH TIP A . 
F 5 HOH 152 555 152 HOH TIP A . 
F 5 HOH 153 556 153 HOH TIP A . 
F 5 HOH 154 557 154 HOH TIP A . 
F 5 HOH 155 558 155 HOH TIP A . 
F 5 HOH 156 559 156 HOH TIP A . 
F 5 HOH 157 560 157 HOH TIP A . 
F 5 HOH 158 561 158 HOH TIP A . 
F 5 HOH 159 562 159 HOH TIP A . 
F 5 HOH 160 563 160 HOH TIP A . 
F 5 HOH 161 564 161 HOH TIP A . 
F 5 HOH 162 565 162 HOH TIP A . 
F 5 HOH 163 566 163 HOH TIP A . 
F 5 HOH 164 567 164 HOH TIP A . 
F 5 HOH 165 568 165 HOH TIP A . 
F 5 HOH 166 569 166 HOH TIP A . 
F 5 HOH 167 570 167 HOH TIP A . 
F 5 HOH 168 571 168 HOH TIP A . 
F 5 HOH 169 572 169 HOH TIP A . 
F 5 HOH 170 573 170 HOH TIP A . 
F 5 HOH 171 574 171 HOH TIP A . 
F 5 HOH 172 575 172 HOH TIP A . 
F 5 HOH 173 576 173 HOH TIP A . 
F 5 HOH 174 577 174 HOH TIP A . 
F 5 HOH 175 578 175 HOH TIP A . 
F 5 HOH 176 579 176 HOH TIP A . 
F 5 HOH 177 580 177 HOH TIP A . 
F 5 HOH 178 581 178 HOH TIP A . 
F 5 HOH 179 582 179 HOH TIP A . 
F 5 HOH 180 583 180 HOH TIP A . 
F 5 HOH 181 584 181 HOH TIP A . 
F 5 HOH 182 585 182 HOH TIP A . 
F 5 HOH 183 586 183 HOH TIP A . 
F 5 HOH 184 587 184 HOH TIP A . 
F 5 HOH 185 588 185 HOH TIP A . 
F 5 HOH 186 589 186 HOH TIP A . 
F 5 HOH 187 590 187 HOH TIP A . 
F 5 HOH 188 591 188 HOH TIP A . 
F 5 HOH 189 592 189 HOH TIP A . 
F 5 HOH 190 593 190 HOH TIP A . 
F 5 HOH 191 594 191 HOH TIP A . 
F 5 HOH 192 595 192 HOH TIP A . 
# 
loop_
_software.name 
_software.classification 
_software.version 
_software.citation_id 
_software.pdbx_ordinal 
CNS       refinement       1.1 ? 1 
DENZO     'data reduction' .   ? 2 
SCALEPACK 'data scaling'   .   ? 3 
AMoRE     phasing          .   ? 4 
# 
_cell.entry_id           1SL5 
_cell.length_a           72.57 
_cell.length_b           55.37 
_cell.length_c           29.63 
_cell.angle_alpha        90.00 
_cell.angle_beta         90.00 
_cell.angle_gamma        90.00 
_cell.Z_PDB              4 
_cell.pdbx_unique_axis   ? 
# 
_symmetry.entry_id                         1SL5 
_symmetry.space_group_name_H-M             'P 21 21 2' 
_symmetry.pdbx_full_space_group_name_H-M   ? 
_symmetry.cell_setting                     ? 
_symmetry.Int_Tables_number                18 
# 
_exptl.entry_id          1SL5 
_exptl.method            'X-RAY DIFFRACTION' 
_exptl.crystals_number   1 
# 
_exptl_crystal.id                    1 
_exptl_crystal.density_meas          ? 
_exptl_crystal.density_percent_sol   33.94 
_exptl_crystal.description           ? 
_exptl_crystal.density_Matthews      1.88 
# 
_exptl_crystal_grow.crystal_id      1 
_exptl_crystal_grow.method          'VAPOR DIFFUSION, HANGING DROP' 
_exptl_crystal_grow.temp            298 
_exptl_crystal_grow.temp_details    ? 
_exptl_crystal_grow.pH              8.5 
_exptl_crystal_grow.pdbx_details    
;30% PEG 4000, 0.2M MgCl2, 0.1M  Tris pH 8.5. Protein solution: 10 mg/ml protein, 5mM CaCl2, 10mM oligosaccharide., VAPOR DIFFUSION, HANGING DROP, temperature 298K
;
_exptl_crystal_grow.pdbx_pH_range   . 
# 
_diffrn.id                     1 
_diffrn.ambient_temp           100 
_diffrn.ambient_temp_details   ? 
_diffrn.crystal_id             1 
# 
_diffrn_detector.diffrn_id              1 
_diffrn_detector.detector               CCD 
_diffrn_detector.type                   ADSC 
_diffrn_detector.pdbx_collection_date   2003-06-22 
_diffrn_detector.details                ? 
# 
_diffrn_radiation.diffrn_id                        1 
_diffrn_radiation.wavelength_id                    1 
_diffrn_radiation.pdbx_monochromatic_or_laue_m_l   M 
_diffrn_radiation.monochromator                    'Double-crystal Si(111)' 
_diffrn_radiation.pdbx_diffrn_protocol             'SINGLE WAVELENGTH' 
_diffrn_radiation.pdbx_scattering_type             x-ray 
# 
_diffrn_radiation_wavelength.id           1 
_diffrn_radiation_wavelength.wavelength   1.08940 
_diffrn_radiation_wavelength.wt           1.0 
# 
_diffrn_source.diffrn_id                   1 
_diffrn_source.source                      SYNCHROTRON 
_diffrn_source.type                        'ALS BEAMLINE 8.2.2' 
_diffrn_source.pdbx_synchrotron_site       ALS 
_diffrn_source.pdbx_synchrotron_beamline   8.2.2 
_diffrn_source.pdbx_wavelength             ? 
_diffrn_source.pdbx_wavelength_list        1.08940 
# 
_reflns.entry_id                     1SL5 
_reflns.observed_criterion_sigma_I   -3.0 
_reflns.observed_criterion_sigma_F   ? 
_reflns.d_resolution_low             100 
_reflns.d_resolution_high            1.7 
_reflns.number_obs                   12903 
_reflns.number_all                   13737 
_reflns.percent_possible_obs         93.9 
_reflns.pdbx_Rmerge_I_obs            ? 
_reflns.pdbx_Rsym_value              0.053 
_reflns.pdbx_netI_over_sigmaI        ? 
_reflns.B_iso_Wilson_estimate        10.6 
_reflns.pdbx_redundancy              ? 
_reflns.R_free_details               ? 
_reflns.limit_h_max                  ? 
_reflns.limit_h_min                  ? 
_reflns.limit_k_max                  ? 
_reflns.limit_k_min                  ? 
_reflns.limit_l_max                  ? 
_reflns.limit_l_min                  ? 
_reflns.observed_criterion_F_max     ? 
_reflns.observed_criterion_F_min     ? 
_reflns.pdbx_ordinal                 1 
_reflns.pdbx_diffrn_id               1 
# 
_reflns_shell.d_res_high             1.7 
_reflns_shell.d_res_low              1.76 
_reflns_shell.percent_possible_all   88.5 
_reflns_shell.Rmerge_I_obs           ? 
_reflns_shell.pdbx_Rsym_value        ? 
_reflns_shell.meanI_over_sigI_obs    ? 
_reflns_shell.pdbx_redundancy        ? 
_reflns_shell.percent_possible_obs   ? 
_reflns_shell.number_unique_all      ? 
_reflns_shell.pdbx_ordinal           1 
_reflns_shell.pdbx_diffrn_id         1 
# 
_refine.entry_id                                 1SL5 
_refine.ls_number_reflns_obs                     11105 
_refine.ls_number_reflns_all                     12014 
_refine.pdbx_ls_sigma_I                          ? 
_refine.pdbx_ls_sigma_F                          0.0 
_refine.pdbx_data_cutoff_high_absF               1015228.50 
_refine.pdbx_data_cutoff_low_absF                0.000000 
_refine.pdbx_data_cutoff_high_rms_absF           ? 
_refine.ls_d_res_low                             44.02 
_refine.ls_d_res_high                            1.80 
_refine.ls_percent_reflns_obs                    95.3 
_refine.ls_R_factor_obs                          ? 
_refine.ls_R_factor_all                          ? 
_refine.ls_R_factor_R_work                       0.179 
_refine.ls_R_factor_R_free                       0.223 
_refine.ls_R_factor_R_free_error                 0.007 
_refine.ls_R_factor_R_free_error_details         ? 
_refine.ls_percent_reflns_R_free                 8.2 
_refine.ls_number_reflns_R_free                  909 
_refine.ls_number_parameters                     ? 
_refine.ls_number_restraints                     ? 
_refine.occupancy_min                            ? 
_refine.occupancy_max                            ? 
_refine.correlation_coeff_Fo_to_Fc               ? 
_refine.correlation_coeff_Fo_to_Fc_free          ? 
_refine.B_iso_mean                               18.4 
_refine.aniso_B[1][1]                            -0.26 
_refine.aniso_B[2][2]                            4.92 
_refine.aniso_B[3][3]                            -4.65 
_refine.aniso_B[1][2]                            0.00 
_refine.aniso_B[1][3]                            0.00 
_refine.aniso_B[2][3]                            0.00 
_refine.solvent_model_details                    'FLAT MODEL' 
_refine.solvent_model_param_ksol                 0.361226 
_refine.solvent_model_param_bsol                 37.3354 
_refine.pdbx_solvent_vdw_probe_radii             ? 
_refine.pdbx_solvent_ion_probe_radii             ? 
_refine.pdbx_solvent_shrinkage_radii             ? 
_refine.pdbx_ls_cross_valid_method               THROUGHOUT 
_refine.details                                  ? 
_refine.pdbx_starting_model                      ? 
_refine.pdbx_method_to_determine_struct          'MOLECULAR REPLACEMENT' 
_refine.pdbx_isotropic_thermal_model             RESTRAINED 
_refine.pdbx_stereochemistry_target_values       ? 
_refine.pdbx_stereochem_target_val_spec_case     ? 
_refine.pdbx_R_Free_selection_details            RANDOM 
_refine.pdbx_overall_ESU_R                       ? 
_refine.pdbx_overall_ESU_R_Free                  ? 
_refine.overall_SU_ML                            ? 
_refine.overall_SU_B                             ? 
_refine.ls_redundancy_reflns_obs                 ? 
_refine.B_iso_min                                ? 
_refine.B_iso_max                                ? 
_refine.overall_SU_R_Cruickshank_DPI             ? 
_refine.overall_SU_R_free                        ? 
_refine.pdbx_refine_id                           'X-RAY DIFFRACTION' 
_refine.pdbx_diffrn_id                           1 
_refine.pdbx_TLS_residual_ADP_flag               ? 
_refine.pdbx_overall_phase_error                 ? 
_refine.pdbx_overall_SU_R_free_Cruickshank_DPI   ? 
_refine.pdbx_overall_SU_R_Blow_DPI               ? 
_refine.pdbx_overall_SU_R_free_Blow_DPI          ? 
# 
_refine_analyze.entry_id                        1SL5 
_refine_analyze.Luzzati_coordinate_error_obs    0.18 
_refine_analyze.Luzzati_sigma_a_obs             0.14 
_refine_analyze.Luzzati_d_res_low_obs           5.00 
_refine_analyze.Luzzati_coordinate_error_free   0.24 
_refine_analyze.Luzzati_sigma_a_free            0.19 
_refine_analyze.Luzzati_d_res_low_free          ? 
_refine_analyze.number_disordered_residues      ? 
_refine_analyze.occupancy_sum_hydrogen          ? 
_refine_analyze.occupancy_sum_non_hydrogen      ? 
_refine_analyze.pdbx_Luzzati_d_res_high_obs     ? 
_refine_analyze.pdbx_refine_id                  'X-RAY DIFFRACTION' 
# 
_refine_hist.pdbx_refine_id                   'X-RAY DIFFRACTION' 
_refine_hist.cycle_id                         LAST 
_refine_hist.pdbx_number_atoms_protein        1064 
_refine_hist.pdbx_number_atoms_nucleic_acid   0 
_refine_hist.pdbx_number_atoms_ligand         50 
_refine_hist.number_atoms_solvent             192 
_refine_hist.number_atoms_total               1306 
_refine_hist.d_res_high                       1.80 
_refine_hist.d_res_low                        44.02 
# 
loop_
_refine_ls_restr.type 
_refine_ls_restr.dev_ideal 
_refine_ls_restr.dev_ideal_target 
_refine_ls_restr.weight 
_refine_ls_restr.number 
_refine_ls_restr.pdbx_refine_id 
_refine_ls_restr.pdbx_restraint_function 
c_bond_d                0.005 ?    ? ? 'X-RAY DIFFRACTION' ? 
c_bond_d_na             ?     ?    ? ? 'X-RAY DIFFRACTION' ? 
c_bond_d_prot           ?     ?    ? ? 'X-RAY DIFFRACTION' ? 
c_angle_d               ?     ?    ? ? 'X-RAY DIFFRACTION' ? 
c_angle_d_na            ?     ?    ? ? 'X-RAY DIFFRACTION' ? 
c_angle_d_prot          ?     ?    ? ? 'X-RAY DIFFRACTION' ? 
c_angle_deg             1.2   ?    ? ? 'X-RAY DIFFRACTION' ? 
c_angle_deg_na          ?     ?    ? ? 'X-RAY DIFFRACTION' ? 
c_angle_deg_prot        ?     ?    ? ? 'X-RAY DIFFRACTION' ? 
c_dihedral_angle_d      23.2  ?    ? ? 'X-RAY DIFFRACTION' ? 
c_dihedral_angle_d_na   ?     ?    ? ? 'X-RAY DIFFRACTION' ? 
c_dihedral_angle_d_prot ?     ?    ? ? 'X-RAY DIFFRACTION' ? 
c_improper_angle_d      0.72  ?    ? ? 'X-RAY DIFFRACTION' ? 
c_improper_angle_d_na   ?     ?    ? ? 'X-RAY DIFFRACTION' ? 
c_improper_angle_d_prot ?     ?    ? ? 'X-RAY DIFFRACTION' ? 
c_mcbond_it             1.26  1.50 ? ? 'X-RAY DIFFRACTION' ? 
c_mcangle_it            1.98  2.00 ? ? 'X-RAY DIFFRACTION' ? 
c_scbond_it             1.93  2.00 ? ? 'X-RAY DIFFRACTION' ? 
c_scangle_it            2.91  2.50 ? ? 'X-RAY DIFFRACTION' ? 
# 
_refine_ls_shell.pdbx_total_number_of_bins_used   6 
_refine_ls_shell.d_res_high                       1.80 
_refine_ls_shell.d_res_low                        1.91 
_refine_ls_shell.number_reflns_R_work             1580 
_refine_ls_shell.R_factor_R_work                  0.24 
_refine_ls_shell.percent_reflns_obs               90.5 
_refine_ls_shell.R_factor_R_free                  0.309 
_refine_ls_shell.R_factor_R_free_error            0.026 
_refine_ls_shell.percent_reflns_R_free            8.4 
_refine_ls_shell.number_reflns_R_free             144 
_refine_ls_shell.number_reflns_obs                1724 
_refine_ls_shell.redundancy_reflns_obs            ? 
_refine_ls_shell.number_reflns_all                ? 
_refine_ls_shell.pdbx_refine_id                   'X-RAY DIFFRACTION' 
_refine_ls_shell.R_factor_all                     ? 
# 
loop_
_pdbx_xplor_file.serial_no 
_pdbx_xplor_file.param_file 
_pdbx_xplor_file.topol_file 
_pdbx_xplor_file.pdbx_refine_id 
1 PROTEIN_REP.PARAM    PROTEIN.TOP          'X-RAY DIFFRACTION' 
2 ION.PARAM            PROTEIN_BREAK.TOP    'X-RAY DIFFRACTION' 
3 CARBOHYDRATE.PARAM_N WATER.TOP            'X-RAY DIFFRACTION' 
4 WATER_REP.PARAM      CARBOHYDRATE.TOP_NEW 'X-RAY DIFFRACTION' 
5 ?                    ION.TOP              'X-RAY DIFFRACTION' 
# 
_struct.entry_id                  1SL5 
_struct.title                     
'Crystal Structure of DC-SIGN carbohydrate recognition domain complexed with LNFP III (Dextra L504).' 
_struct.pdbx_model_details        ? 
_struct.pdbx_CASP_flag            ? 
_struct.pdbx_model_type_details   ? 
# 
_struct_keywords.entry_id        1SL5 
_struct_keywords.pdbx_keywords   'SUGAR BINDING PROTEIN' 
_struct_keywords.text            'DC-SIGN, C-TYPE LECTIN, SUGAR BINDING PROTEIN' 
# 
loop_
_struct_asym.id 
_struct_asym.pdbx_blank_PDB_chainid_flag 
_struct_asym.pdbx_modified 
_struct_asym.entity_id 
_struct_asym.details 
A N N 1 ? 
B N N 2 ? 
C N N 3 ? 
D N N 3 ? 
E N N 4 ? 
F N N 5 ? 
# 
_struct_ref.id                         1 
_struct_ref.db_name                    GB 
_struct_ref.db_code                    AAK91854 
_struct_ref.pdbx_db_accession          15281089 
_struct_ref.entity_id                  1 
_struct_ref.pdbx_seq_one_letter_code   
;ERLCHPCPWEWTFFQGNCYFMSNSQRNWHDSITACKEVGAQLVVIKSAEEQNFLQLQSSRSNRFTWMGLSDLNQEGTWQW
VDGSPLLPSFKQYWNRGEPNNVGEEDCAEFSGNGWNDDKCNLAKFWICKKSAASCSRDEEQFLSPAPATPNPPPA
;
_struct_ref.pdbx_align_begin           250 
_struct_ref.pdbx_db_isoform            ? 
# 
_struct_ref_seq.align_id                      1 
_struct_ref_seq.ref_id                        1 
_struct_ref_seq.pdbx_PDB_id_code              1SL5 
_struct_ref_seq.pdbx_strand_id                A 
_struct_ref_seq.seq_align_beg                 1 
_struct_ref_seq.pdbx_seq_align_beg_ins_code   ? 
_struct_ref_seq.seq_align_end                 139 
_struct_ref_seq.pdbx_seq_align_end_ins_code   ? 
_struct_ref_seq.pdbx_db_accession             15281089 
_struct_ref_seq.db_align_beg                  250 
_struct_ref_seq.pdbx_db_align_beg_ins_code    ? 
_struct_ref_seq.db_align_end                  388 
_struct_ref_seq.pdbx_db_align_end_ins_code    ? 
_struct_ref_seq.pdbx_auth_seq_align_beg       250 
_struct_ref_seq.pdbx_auth_seq_align_end       388 
# 
_pdbx_struct_assembly.id                   1 
_pdbx_struct_assembly.details              author_defined_assembly 
_pdbx_struct_assembly.method_details       ? 
_pdbx_struct_assembly.oligomeric_details   monomeric 
_pdbx_struct_assembly.oligomeric_count     1 
# 
_pdbx_struct_assembly_gen.assembly_id       1 
_pdbx_struct_assembly_gen.oper_expression   1 
_pdbx_struct_assembly_gen.asym_id_list      A,B,C,D,E,F 
# 
_pdbx_struct_oper_list.id                   1 
_pdbx_struct_oper_list.type                 'identity operation' 
_pdbx_struct_oper_list.name                 1_555 
_pdbx_struct_oper_list.symmetry_operation   x,y,z 
_pdbx_struct_oper_list.matrix[1][1]         1.0000000000 
_pdbx_struct_oper_list.matrix[1][2]         0.0000000000 
_pdbx_struct_oper_list.matrix[1][3]         0.0000000000 
_pdbx_struct_oper_list.vector[1]            0.0000000000 
_pdbx_struct_oper_list.matrix[2][1]         0.0000000000 
_pdbx_struct_oper_list.matrix[2][2]         1.0000000000 
_pdbx_struct_oper_list.matrix[2][3]         0.0000000000 
_pdbx_struct_oper_list.vector[2]            0.0000000000 
_pdbx_struct_oper_list.matrix[3][1]         0.0000000000 
_pdbx_struct_oper_list.matrix[3][2]         0.0000000000 
_pdbx_struct_oper_list.matrix[3][3]         1.0000000000 
_pdbx_struct_oper_list.vector[3]            0.0000000000 
# 
_struct_biol.id                    1 
_struct_biol.pdbx_parent_biol_id   ? 
_struct_biol.details               ? 
# 
loop_
_struct_conf.conf_type_id 
_struct_conf.id 
_struct_conf.pdbx_PDB_helix_id 
_struct_conf.beg_label_comp_id 
_struct_conf.beg_label_asym_id 
_struct_conf.beg_label_seq_id 
_struct_conf.pdbx_beg_PDB_ins_code 
_struct_conf.end_label_comp_id 
_struct_conf.end_label_asym_id 
_struct_conf.end_label_seq_id 
_struct_conf.pdbx_end_PDB_ins_code 
_struct_conf.beg_auth_comp_id 
_struct_conf.beg_auth_asym_id 
_struct_conf.beg_auth_seq_id 
_struct_conf.end_auth_comp_id 
_struct_conf.end_auth_asym_id 
_struct_conf.end_auth_seq_id 
_struct_conf.pdbx_PDB_helix_class 
_struct_conf.details 
_struct_conf.pdbx_PDB_helix_length 
HELX_P HELX_P1 1 ASN A 27 ? VAL A 38 ? ASN A 276 VAL A 287 1 ? 12 
HELX_P HELX_P2 2 SER A 47 ? ASN A 62 ? SER A 296 ASN A 311 1 ? 16 
HELX_P HELX_P3 3 LEU A 87 ? TRP A 94 ? LEU A 336 TRP A 343 5 ? 8  
# 
_struct_conf_type.id          HELX_P 
_struct_conf_type.criteria    ? 
_struct_conf_type.reference   ? 
# 
loop_
_struct_conn.id 
_struct_conn.conn_type_id 
_struct_conn.pdbx_leaving_atom_flag 
_struct_conn.pdbx_PDB_id 
_struct_conn.ptnr1_label_asym_id 
_struct_conn.ptnr1_label_comp_id 
_struct_conn.ptnr1_label_seq_id 
_struct_conn.ptnr1_label_atom_id 
_struct_conn.pdbx_ptnr1_label_alt_id 
_struct_conn.pdbx_ptnr1_PDB_ins_code 
_struct_conn.pdbx_ptnr1_standard_comp_id 
_struct_conn.ptnr1_symmetry 
_struct_conn.ptnr2_label_asym_id 
_struct_conn.ptnr2_label_comp_id 
_struct_conn.ptnr2_label_seq_id 
_struct_conn.ptnr2_label_atom_id 
_struct_conn.pdbx_ptnr2_label_alt_id 
_struct_conn.pdbx_ptnr2_PDB_ins_code 
_struct_conn.ptnr1_auth_asym_id 
_struct_conn.ptnr1_auth_comp_id 
_struct_conn.ptnr1_auth_seq_id 
_struct_conn.ptnr2_auth_asym_id 
_struct_conn.ptnr2_auth_comp_id 
_struct_conn.ptnr2_auth_seq_id 
_struct_conn.ptnr2_symmetry 
_struct_conn.pdbx_ptnr3_label_atom_id 
_struct_conn.pdbx_ptnr3_label_seq_id 
_struct_conn.pdbx_ptnr3_label_comp_id 
_struct_conn.pdbx_ptnr3_label_asym_id 
_struct_conn.pdbx_ptnr3_label_alt_id 
_struct_conn.pdbx_ptnr3_PDB_ins_code 
_struct_conn.details 
_struct_conn.pdbx_dist_value 
_struct_conn.pdbx_value_order 
_struct_conn.pdbx_role 
disulf1  disulf ?    ? A CYS 7   SG  ? ? ? 1_555 A CYS 18  SG ? ? A CYS 256 A CYS 267 1_555 ? ? ? ? ? ? ? 2.023 ? ? 
disulf2  disulf ?    ? A CYS 35  SG  ? ? ? 1_555 A CYS 128 SG ? ? A CYS 284 A CYS 377 1_555 ? ? ? ? ? ? ? 2.033 ? ? 
disulf3  disulf ?    ? A CYS 107 SG  ? ? ? 1_555 A CYS 120 SG ? ? A CYS 356 A CYS 369 1_555 ? ? ? ? ? ? ? 2.029 ? ? 
covale1  covale both ? B GAL .   O3  ? ? ? 1_555 B NAG .   C1 ? ? B GAL 1   B NAG 2   1_555 ? ? ? ? ? ? ? 1.384 ? ? 
covale2  covale both ? B NAG .   O3  ? ? ? 1_555 B FUC .   C1 ? ? B NAG 2   B FUC 3   1_555 ? ? ? ? ? ? ? 1.392 ? ? 
covale3  covale both ? B NAG .   O4  ? ? ? 1_555 B GAL .   C1 ? ? B NAG 2   B GAL 4   1_555 ? ? ? ? ? ? ? 1.383 ? ? 
metalc1  metalc ?    ? A ASP 71  OD1 ? ? ? 1_555 C CA  .   CA ? ? A ASP 320 A CA  401 1_555 ? ? ? ? ? ? ? 2.713 ? ? 
metalc2  metalc ?    ? A ASP 71  OD2 ? ? ? 1_555 C CA  .   CA ? ? A ASP 320 A CA  401 1_555 ? ? ? ? ? ? ? 2.469 ? ? 
metalc3  metalc ?    ? A GLU 75  OE2 ? ? ? 1_555 C CA  .   CA ? ? A GLU 324 A CA  401 1_555 ? ? ? ? ? ? ? 2.456 ? ? 
metalc4  metalc ?    ? A GLU 75  OE1 ? ? ? 1_555 C CA  .   CA ? ? A GLU 324 A CA  401 1_555 ? ? ? ? ? ? ? 2.397 ? ? 
metalc5  metalc ?    ? A GLU 98  OE1 ? ? ? 1_555 D CA  .   CA ? ? A GLU 347 A CA  402 1_555 ? ? ? ? ? ? ? 2.530 ? ? 
metalc6  metalc ?    ? A ASN 100 OD1 ? ? ? 1_555 D CA  .   CA ? ? A ASN 349 A CA  402 1_555 ? ? ? ? ? ? ? 2.304 ? ? 
metalc7  metalc ?    ? A ASN 101 OD1 ? ? ? 1_555 C CA  .   CA ? ? A ASN 350 A CA  401 1_555 ? ? ? ? ? ? ? 2.419 ? ? 
metalc8  metalc ?    ? A GLU 105 O   ? ? ? 1_555 C CA  .   CA ? ? A GLU 354 A CA  401 1_555 ? ? ? ? ? ? ? 2.543 ? ? 
metalc9  metalc ?    ? A GLU 105 OE1 ? ? ? 1_555 D CA  .   CA ? ? A GLU 354 A CA  402 1_555 ? ? ? ? ? ? ? 2.327 ? ? 
metalc10 metalc ?    ? A ASP 106 OD1 ? ? ? 1_555 C CA  .   CA ? ? A ASP 355 A CA  401 1_555 ? ? ? ? ? ? ? 2.521 ? ? 
metalc11 metalc ?    ? A ASP 106 OD2 ? ? ? 1_555 E MG  .   MG ? ? A ASP 355 A MG  403 1_555 ? ? ? ? ? ? ? 2.096 ? ? 
metalc12 metalc ?    ? A ASN 116 OD1 ? ? ? 1_555 D CA  .   CA ? ? A ASN 365 A CA  402 1_555 ? ? ? ? ? ? ? 2.440 ? ? 
metalc13 metalc ?    ? A ASP 117 OD1 ? ? ? 1_555 D CA  .   CA ? ? A ASP 366 A CA  402 1_555 ? ? ? ? ? ? ? 2.325 ? ? 
metalc14 metalc ?    ? A ASP 117 O   ? ? ? 1_555 D CA  .   CA ? ? A ASP 366 A CA  402 1_555 ? ? ? ? ? ? ? 2.450 ? ? 
metalc15 metalc ?    ? C CA  .   CA  ? ? ? 1_555 F HOH .   O  ? ? A CA  401 A HOH 407 1_555 ? ? ? ? ? ? ? 2.250 ? ? 
metalc16 metalc ?    ? D CA  .   CA  ? ? ? 1_555 B FUC .   O3 ? ? A CA  402 B FUC 3   1_555 ? ? ? ? ? ? ? 2.487 ? ? 
metalc17 metalc ?    ? D CA  .   CA  ? ? ? 1_555 B FUC .   O4 ? ? A CA  402 B FUC 3   1_555 ? ? ? ? ? ? ? 2.393 ? ? 
metalc18 metalc ?    ? E MG  .   MG  ? ? ? 1_555 F HOH .   O  ? ? A MG  403 A HOH 404 1_555 ? ? ? ? ? ? ? 2.126 ? ? 
metalc19 metalc ?    ? E MG  .   MG  ? ? ? 1_555 F HOH .   O  ? ? A MG  403 A HOH 405 1_555 ? ? ? ? ? ? ? 2.058 ? ? 
metalc20 metalc ?    ? E MG  .   MG  ? ? ? 1_555 F HOH .   O  ? ? A MG  403 A HOH 406 1_555 ? ? ? ? ? ? ? 2.171 ? ? 
metalc21 metalc ?    ? E MG  .   MG  ? ? ? 1_555 F HOH .   O  ? ? A MG  403 A HOH 409 1_555 ? ? ? ? ? ? ? 2.193 ? ? 
metalc22 metalc ?    ? E MG  .   MG  ? ? ? 1_555 F HOH .   O  ? ? A MG  403 A HOH 410 1_555 ? ? ? ? ? ? ? 2.062 ? ? 
# 
loop_
_struct_conn_type.id 
_struct_conn_type.criteria 
_struct_conn_type.reference 
disulf ? ? 
covale ? ? 
metalc ? ? 
# 
loop_
_pdbx_struct_conn_angle.id 
_pdbx_struct_conn_angle.ptnr1_label_atom_id 
_pdbx_struct_conn_angle.ptnr1_label_alt_id 
_pdbx_struct_conn_angle.ptnr1_label_asym_id 
_pdbx_struct_conn_angle.ptnr1_label_comp_id 
_pdbx_struct_conn_angle.ptnr1_label_seq_id 
_pdbx_struct_conn_angle.ptnr1_auth_atom_id 
_pdbx_struct_conn_angle.ptnr1_auth_asym_id 
_pdbx_struct_conn_angle.ptnr1_auth_comp_id 
_pdbx_struct_conn_angle.ptnr1_auth_seq_id 
_pdbx_struct_conn_angle.ptnr1_PDB_ins_code 
_pdbx_struct_conn_angle.ptnr1_symmetry 
_pdbx_struct_conn_angle.ptnr2_label_atom_id 
_pdbx_struct_conn_angle.ptnr2_label_alt_id 
_pdbx_struct_conn_angle.ptnr2_label_asym_id 
_pdbx_struct_conn_angle.ptnr2_label_comp_id 
_pdbx_struct_conn_angle.ptnr2_label_seq_id 
_pdbx_struct_conn_angle.ptnr2_auth_atom_id 
_pdbx_struct_conn_angle.ptnr2_auth_asym_id 
_pdbx_struct_conn_angle.ptnr2_auth_comp_id 
_pdbx_struct_conn_angle.ptnr2_auth_seq_id 
_pdbx_struct_conn_angle.ptnr2_PDB_ins_code 
_pdbx_struct_conn_angle.ptnr2_symmetry 
_pdbx_struct_conn_angle.ptnr3_label_atom_id 
_pdbx_struct_conn_angle.ptnr3_label_alt_id 
_pdbx_struct_conn_angle.ptnr3_label_asym_id 
_pdbx_struct_conn_angle.ptnr3_label_comp_id 
_pdbx_struct_conn_angle.ptnr3_label_seq_id 
_pdbx_struct_conn_angle.ptnr3_auth_atom_id 
_pdbx_struct_conn_angle.ptnr3_auth_asym_id 
_pdbx_struct_conn_angle.ptnr3_auth_comp_id 
_pdbx_struct_conn_angle.ptnr3_auth_seq_id 
_pdbx_struct_conn_angle.ptnr3_PDB_ins_code 
_pdbx_struct_conn_angle.ptnr3_symmetry 
_pdbx_struct_conn_angle.value 
_pdbx_struct_conn_angle.value_esd 
1  OD1 ? A ASP 71  ? A ASP 320 ? 1_555 CA ? C CA . ? A CA 401 ? 1_555 OD2 ? A ASP 71  ? A ASP 320 ? 1_555 49.9  ? 
2  OD1 ? A ASP 71  ? A ASP 320 ? 1_555 CA ? C CA . ? A CA 401 ? 1_555 OE2 ? A GLU 75  ? A GLU 324 ? 1_555 121.4 ? 
3  OD2 ? A ASP 71  ? A ASP 320 ? 1_555 CA ? C CA . ? A CA 401 ? 1_555 OE2 ? A GLU 75  ? A GLU 324 ? 1_555 74.2  ? 
4  OD1 ? A ASP 71  ? A ASP 320 ? 1_555 CA ? C CA . ? A CA 401 ? 1_555 OE1 ? A GLU 75  ? A GLU 324 ? 1_555 93.1  ? 
5  OD2 ? A ASP 71  ? A ASP 320 ? 1_555 CA ? C CA . ? A CA 401 ? 1_555 OE1 ? A GLU 75  ? A GLU 324 ? 1_555 77.0  ? 
6  OE2 ? A GLU 75  ? A GLU 324 ? 1_555 CA ? C CA . ? A CA 401 ? 1_555 OE1 ? A GLU 75  ? A GLU 324 ? 1_555 53.8  ? 
7  OD1 ? A ASP 71  ? A ASP 320 ? 1_555 CA ? C CA . ? A CA 401 ? 1_555 OD1 ? A ASN 101 ? A ASN 350 ? 1_555 155.1 ? 
8  OD2 ? A ASP 71  ? A ASP 320 ? 1_555 CA ? C CA . ? A CA 401 ? 1_555 OD1 ? A ASN 101 ? A ASN 350 ? 1_555 152.7 ? 
9  OE2 ? A GLU 75  ? A GLU 324 ? 1_555 CA ? C CA . ? A CA 401 ? 1_555 OD1 ? A ASN 101 ? A ASN 350 ? 1_555 78.4  ? 
10 OE1 ? A GLU 75  ? A GLU 324 ? 1_555 CA ? C CA . ? A CA 401 ? 1_555 OD1 ? A ASN 101 ? A ASN 350 ? 1_555 87.4  ? 
11 OD1 ? A ASP 71  ? A ASP 320 ? 1_555 CA ? C CA . ? A CA 401 ? 1_555 O   ? A GLU 105 ? A GLU 354 ? 1_555 89.6  ? 
12 OD2 ? A ASP 71  ? A ASP 320 ? 1_555 CA ? C CA . ? A CA 401 ? 1_555 O   ? A GLU 105 ? A GLU 354 ? 1_555 126.0 ? 
13 OE2 ? A GLU 75  ? A GLU 324 ? 1_555 CA ? C CA . ? A CA 401 ? 1_555 O   ? A GLU 105 ? A GLU 354 ? 1_555 144.7 ? 
14 OE1 ? A GLU 75  ? A GLU 324 ? 1_555 CA ? C CA . ? A CA 401 ? 1_555 O   ? A GLU 105 ? A GLU 354 ? 1_555 149.1 ? 
15 OD1 ? A ASN 101 ? A ASN 350 ? 1_555 CA ? C CA . ? A CA 401 ? 1_555 O   ? A GLU 105 ? A GLU 354 ? 1_555 77.7  ? 
16 OD1 ? A ASP 71  ? A ASP 320 ? 1_555 CA ? C CA . ? A CA 401 ? 1_555 OD1 ? A ASP 106 ? A ASP 355 ? 1_555 76.8  ? 
17 OD2 ? A ASP 71  ? A ASP 320 ? 1_555 CA ? C CA . ? A CA 401 ? 1_555 OD1 ? A ASP 106 ? A ASP 355 ? 1_555 117.9 ? 
18 OE2 ? A GLU 75  ? A GLU 324 ? 1_555 CA ? C CA . ? A CA 401 ? 1_555 OD1 ? A ASP 106 ? A ASP 355 ? 1_555 125.9 ? 
19 OE1 ? A GLU 75  ? A GLU 324 ? 1_555 CA ? C CA . ? A CA 401 ? 1_555 OD1 ? A ASP 106 ? A ASP 355 ? 1_555 76.7  ? 
20 OD1 ? A ASN 101 ? A ASN 350 ? 1_555 CA ? C CA . ? A CA 401 ? 1_555 OD1 ? A ASP 106 ? A ASP 355 ? 1_555 79.1  ? 
21 O   ? A GLU 105 ? A GLU 354 ? 1_555 CA ? C CA . ? A CA 401 ? 1_555 OD1 ? A ASP 106 ? A ASP 355 ? 1_555 74.0  ? 
22 OD1 ? A ASP 71  ? A ASP 320 ? 1_555 CA ? C CA . ? A CA 401 ? 1_555 O   ? F HOH .   ? A HOH 407 ? 1_555 112.8 ? 
23 OD2 ? A ASP 71  ? A ASP 320 ? 1_555 CA ? C CA . ? A CA 401 ? 1_555 O   ? F HOH .   ? A HOH 407 ? 1_555 91.8  ? 
24 OE2 ? A GLU 75  ? A GLU 324 ? 1_555 CA ? C CA . ? A CA 401 ? 1_555 O   ? F HOH .   ? A HOH 407 ? 1_555 81.0  ? 
25 OE1 ? A GLU 75  ? A GLU 324 ? 1_555 CA ? C CA . ? A CA 401 ? 1_555 O   ? F HOH .   ? A HOH 407 ? 1_555 134.8 ? 
26 OD1 ? A ASN 101 ? A ASN 350 ? 1_555 CA ? C CA . ? A CA 401 ? 1_555 O   ? F HOH .   ? A HOH 407 ? 1_555 83.4  ? 
27 O   ? A GLU 105 ? A GLU 354 ? 1_555 CA ? C CA . ? A CA 401 ? 1_555 O   ? F HOH .   ? A HOH 407 ? 1_555 70.7  ? 
28 OD1 ? A ASP 106 ? A ASP 355 ? 1_555 CA ? C CA . ? A CA 401 ? 1_555 O   ? F HOH .   ? A HOH 407 ? 1_555 143.1 ? 
29 OE1 ? A GLU 98  ? A GLU 347 ? 1_555 CA ? D CA . ? A CA 402 ? 1_555 OD1 ? A ASN 100 ? A ASN 349 ? 1_555 78.0  ? 
30 OE1 ? A GLU 98  ? A GLU 347 ? 1_555 CA ? D CA . ? A CA 402 ? 1_555 OE1 ? A GLU 105 ? A GLU 354 ? 1_555 147.5 ? 
31 OD1 ? A ASN 100 ? A ASN 349 ? 1_555 CA ? D CA . ? A CA 402 ? 1_555 OE1 ? A GLU 105 ? A GLU 354 ? 1_555 74.1  ? 
32 OE1 ? A GLU 98  ? A GLU 347 ? 1_555 CA ? D CA . ? A CA 402 ? 1_555 OD1 ? A ASN 116 ? A ASN 365 ? 1_555 66.9  ? 
33 OD1 ? A ASN 100 ? A ASN 349 ? 1_555 CA ? D CA . ? A CA 402 ? 1_555 OD1 ? A ASN 116 ? A ASN 365 ? 1_555 143.9 ? 
34 OE1 ? A GLU 105 ? A GLU 354 ? 1_555 CA ? D CA . ? A CA 402 ? 1_555 OD1 ? A ASN 116 ? A ASN 365 ? 1_555 141.9 ? 
35 OE1 ? A GLU 98  ? A GLU 347 ? 1_555 CA ? D CA . ? A CA 402 ? 1_555 OD1 ? A ASP 117 ? A ASP 366 ? 1_555 70.9  ? 
36 OD1 ? A ASN 100 ? A ASN 349 ? 1_555 CA ? D CA . ? A CA 402 ? 1_555 OD1 ? A ASP 117 ? A ASP 366 ? 1_555 85.4  ? 
37 OE1 ? A GLU 105 ? A GLU 354 ? 1_555 CA ? D CA . ? A CA 402 ? 1_555 OD1 ? A ASP 117 ? A ASP 366 ? 1_555 90.4  ? 
38 OD1 ? A ASN 116 ? A ASN 365 ? 1_555 CA ? D CA . ? A CA 402 ? 1_555 OD1 ? A ASP 117 ? A ASP 366 ? 1_555 90.6  ? 
39 OE1 ? A GLU 98  ? A GLU 347 ? 1_555 CA ? D CA . ? A CA 402 ? 1_555 O   ? A ASP 117 ? A ASP 366 ? 1_555 122.7 ? 
40 OD1 ? A ASN 100 ? A ASN 349 ? 1_555 CA ? D CA . ? A CA 402 ? 1_555 O   ? A ASP 117 ? A ASP 366 ? 1_555 137.9 ? 
41 OE1 ? A GLU 105 ? A GLU 354 ? 1_555 CA ? D CA . ? A CA 402 ? 1_555 O   ? A ASP 117 ? A ASP 366 ? 1_555 71.9  ? 
42 OD1 ? A ASN 116 ? A ASN 365 ? 1_555 CA ? D CA . ? A CA 402 ? 1_555 O   ? A ASP 117 ? A ASP 366 ? 1_555 72.6  ? 
43 OD1 ? A ASP 117 ? A ASP 366 ? 1_555 CA ? D CA . ? A CA 402 ? 1_555 O   ? A ASP 117 ? A ASP 366 ? 1_555 70.8  ? 
44 OE1 ? A GLU 98  ? A GLU 347 ? 1_555 CA ? D CA . ? A CA 402 ? 1_555 O3  ? B FUC .   ? B FUC 3   ? 1_555 135.4 ? 
45 OD1 ? A ASN 100 ? A ASN 349 ? 1_555 CA ? D CA . ? A CA 402 ? 1_555 O3  ? B FUC .   ? B FUC 3   ? 1_555 118.6 ? 
46 OE1 ? A GLU 105 ? A GLU 354 ? 1_555 CA ? D CA . ? A CA 402 ? 1_555 O3  ? B FUC .   ? B FUC 3   ? 1_555 74.1  ? 
47 OD1 ? A ASN 116 ? A ASN 365 ? 1_555 CA ? D CA . ? A CA 402 ? 1_555 O3  ? B FUC .   ? B FUC 3   ? 1_555 83.7  ? 
48 OD1 ? A ASP 117 ? A ASP 366 ? 1_555 CA ? D CA . ? A CA 402 ? 1_555 O3  ? B FUC .   ? B FUC 3   ? 1_555 144.9 ? 
49 O   ? A ASP 117 ? A ASP 366 ? 1_555 CA ? D CA . ? A CA 402 ? 1_555 O3  ? B FUC .   ? B FUC 3   ? 1_555 74.4  ? 
50 OE1 ? A GLU 98  ? A GLU 347 ? 1_555 CA ? D CA . ? A CA 402 ? 1_555 O4  ? B FUC .   ? B FUC 3   ? 1_555 71.0  ? 
51 OD1 ? A ASN 100 ? A ASN 349 ? 1_555 CA ? D CA . ? A CA 402 ? 1_555 O4  ? B FUC .   ? B FUC 3   ? 1_555 84.8  ? 
52 OE1 ? A GLU 105 ? A GLU 354 ? 1_555 CA ? D CA . ? A CA 402 ? 1_555 O4  ? B FUC .   ? B FUC 3   ? 1_555 121.8 ? 
53 OD1 ? A ASN 116 ? A ASN 365 ? 1_555 CA ? D CA . ? A CA 402 ? 1_555 O4  ? B FUC .   ? B FUC 3   ? 1_555 76.4  ? 
54 OD1 ? A ASP 117 ? A ASP 366 ? 1_555 CA ? D CA . ? A CA 402 ? 1_555 O4  ? B FUC .   ? B FUC 3   ? 1_555 141.8 ? 
55 O   ? A ASP 117 ? A ASP 366 ? 1_555 CA ? D CA . ? A CA 402 ? 1_555 O4  ? B FUC .   ? B FUC 3   ? 1_555 134.7 ? 
56 O3  ? B FUC .   ? B FUC 3   ? 1_555 CA ? D CA . ? A CA 402 ? 1_555 O4  ? B FUC .   ? B FUC 3   ? 1_555 70.1  ? 
57 OD2 ? A ASP 106 ? A ASP 355 ? 1_555 MG ? E MG . ? A MG 403 ? 1_555 O   ? F HOH .   ? A HOH 404 ? 1_555 96.5  ? 
58 OD2 ? A ASP 106 ? A ASP 355 ? 1_555 MG ? E MG . ? A MG 403 ? 1_555 O   ? F HOH .   ? A HOH 405 ? 1_555 87.1  ? 
59 O   ? F HOH .   ? A HOH 404 ? 1_555 MG ? E MG . ? A MG 403 ? 1_555 O   ? F HOH .   ? A HOH 405 ? 1_555 91.3  ? 
60 OD2 ? A ASP 106 ? A ASP 355 ? 1_555 MG ? E MG . ? A MG 403 ? 1_555 O   ? F HOH .   ? A HOH 406 ? 1_555 84.5  ? 
61 O   ? F HOH .   ? A HOH 404 ? 1_555 MG ? E MG . ? A MG 403 ? 1_555 O   ? F HOH .   ? A HOH 406 ? 1_555 177.8 ? 
62 O   ? F HOH .   ? A HOH 405 ? 1_555 MG ? E MG . ? A MG 403 ? 1_555 O   ? F HOH .   ? A HOH 406 ? 1_555 90.7  ? 
63 OD2 ? A ASP 106 ? A ASP 355 ? 1_555 MG ? E MG . ? A MG 403 ? 1_555 O   ? F HOH .   ? A HOH 409 ? 1_555 177.1 ? 
64 O   ? F HOH .   ? A HOH 404 ? 1_555 MG ? E MG . ? A MG 403 ? 1_555 O   ? F HOH .   ? A HOH 409 ? 1_555 86.3  ? 
65 O   ? F HOH .   ? A HOH 405 ? 1_555 MG ? E MG . ? A MG 403 ? 1_555 O   ? F HOH .   ? A HOH 409 ? 1_555 92.3  ? 
66 O   ? F HOH .   ? A HOH 406 ? 1_555 MG ? E MG . ? A MG 403 ? 1_555 O   ? F HOH .   ? A HOH 409 ? 1_555 92.6  ? 
67 OD2 ? A ASP 106 ? A ASP 355 ? 1_555 MG ? E MG . ? A MG 403 ? 1_555 O   ? F HOH .   ? A HOH 410 ? 1_555 89.5  ? 
68 O   ? F HOH .   ? A HOH 404 ? 1_555 MG ? E MG . ? A MG 403 ? 1_555 O   ? F HOH .   ? A HOH 410 ? 1_555 92.9  ? 
69 O   ? F HOH .   ? A HOH 405 ? 1_555 MG ? E MG . ? A MG 403 ? 1_555 O   ? F HOH .   ? A HOH 410 ? 1_555 174.9 ? 
70 O   ? F HOH .   ? A HOH 406 ? 1_555 MG ? E MG . ? A MG 403 ? 1_555 O   ? F HOH .   ? A HOH 410 ? 1_555 85.2  ? 
71 O   ? F HOH .   ? A HOH 409 ? 1_555 MG ? E MG . ? A MG 403 ? 1_555 O   ? F HOH .   ? A HOH 410 ? 1_555 91.0  ? 
# 
loop_
_pdbx_modification_feature.ordinal 
_pdbx_modification_feature.label_comp_id 
_pdbx_modification_feature.label_asym_id 
_pdbx_modification_feature.label_seq_id 
_pdbx_modification_feature.label_alt_id 
_pdbx_modification_feature.modified_residue_label_comp_id 
_pdbx_modification_feature.modified_residue_label_asym_id 
_pdbx_modification_feature.modified_residue_label_seq_id 
_pdbx_modification_feature.modified_residue_label_alt_id 
_pdbx_modification_feature.auth_comp_id 
_pdbx_modification_feature.auth_asym_id 
_pdbx_modification_feature.auth_seq_id 
_pdbx_modification_feature.PDB_ins_code 
_pdbx_modification_feature.symmetry 
_pdbx_modification_feature.modified_residue_auth_comp_id 
_pdbx_modification_feature.modified_residue_auth_asym_id 
_pdbx_modification_feature.modified_residue_auth_seq_id 
_pdbx_modification_feature.modified_residue_PDB_ins_code 
_pdbx_modification_feature.modified_residue_symmetry 
_pdbx_modification_feature.comp_id_linking_atom 
_pdbx_modification_feature.modified_residue_id_linking_atom 
_pdbx_modification_feature.modified_residue_id 
_pdbx_modification_feature.ref_pcm_id 
_pdbx_modification_feature.ref_comp_id 
_pdbx_modification_feature.type 
_pdbx_modification_feature.category 
1 CYS A 7   ? CYS A 18  ? CYS A 256 ? 1_555 CYS A 267 ? 1_555 SG SG . . . None 'Disulfide bridge' 
2 CYS A 35  ? CYS A 128 ? CYS A 284 ? 1_555 CYS A 377 ? 1_555 SG SG . . . None 'Disulfide bridge' 
3 CYS A 107 ? CYS A 120 ? CYS A 356 ? 1_555 CYS A 369 ? 1_555 SG SG . . . None 'Disulfide bridge' 
# 
_struct_mon_prot_cis.pdbx_id                1 
_struct_mon_prot_cis.label_comp_id          GLU 
_struct_mon_prot_cis.label_seq_id           98 
_struct_mon_prot_cis.label_asym_id          A 
_struct_mon_prot_cis.label_alt_id           . 
_struct_mon_prot_cis.pdbx_PDB_ins_code      ? 
_struct_mon_prot_cis.auth_comp_id           GLU 
_struct_mon_prot_cis.auth_seq_id            347 
_struct_mon_prot_cis.auth_asym_id           A 
_struct_mon_prot_cis.pdbx_label_comp_id_2   PRO 
_struct_mon_prot_cis.pdbx_label_seq_id_2    99 
_struct_mon_prot_cis.pdbx_label_asym_id_2   A 
_struct_mon_prot_cis.pdbx_PDB_ins_code_2    ? 
_struct_mon_prot_cis.pdbx_auth_comp_id_2    PRO 
_struct_mon_prot_cis.pdbx_auth_seq_id_2     348 
_struct_mon_prot_cis.pdbx_auth_asym_id_2    A 
_struct_mon_prot_cis.pdbx_PDB_model_num     1 
_struct_mon_prot_cis.pdbx_omega_angle       -0.32 
# 
loop_
_struct_sheet.id 
_struct_sheet.type 
_struct_sheet.number_strands 
_struct_sheet.details 
A ? 5 ? 
B ? 5 ? 
# 
loop_
_struct_sheet_order.sheet_id 
_struct_sheet_order.range_id_1 
_struct_sheet_order.range_id_2 
_struct_sheet_order.offset 
_struct_sheet_order.sense 
A 1 2 ? anti-parallel 
A 2 3 ? anti-parallel 
A 3 4 ? parallel      
A 4 5 ? anti-parallel 
B 1 2 ? anti-parallel 
B 2 3 ? parallel      
B 3 4 ? anti-parallel 
B 4 5 ? anti-parallel 
# 
loop_
_struct_sheet_range.sheet_id 
_struct_sheet_range.id 
_struct_sheet_range.beg_label_comp_id 
_struct_sheet_range.beg_label_asym_id 
_struct_sheet_range.beg_label_seq_id 
_struct_sheet_range.pdbx_beg_PDB_ins_code 
_struct_sheet_range.end_label_comp_id 
_struct_sheet_range.end_label_asym_id 
_struct_sheet_range.end_label_seq_id 
_struct_sheet_range.pdbx_end_PDB_ins_code 
_struct_sheet_range.beg_auth_comp_id 
_struct_sheet_range.beg_auth_asym_id 
_struct_sheet_range.beg_auth_seq_id 
_struct_sheet_range.end_auth_comp_id 
_struct_sheet_range.end_auth_asym_id 
_struct_sheet_range.end_auth_seq_id 
A 1 THR A 12  ? PHE A 14  ? THR A 261 PHE A 263 
A 2 ASN A 17  ? MET A 21  ? ASN A 266 MET A 270 
A 3 PHE A 125 ? SER A 131 ? PHE A 374 SER A 380 
A 4 THR A 65  ? SER A 70  ? THR A 314 SER A 319 
A 5 GLN A 79  ? TRP A 80  ? GLN A 328 TRP A 329 
B 1 GLN A 41  ? LEU A 42  ? GLN A 290 LEU A 291 
B 2 PHE A 125 ? SER A 131 ? PHE A 374 SER A 380 
B 3 THR A 65  ? SER A 70  ? THR A 314 SER A 319 
B 4 CYS A 107 ? SER A 111 ? CYS A 356 SER A 360 
B 5 GLY A 114 ? ASP A 118 ? GLY A 363 ASP A 367 
# 
loop_
_pdbx_struct_sheet_hbond.sheet_id 
_pdbx_struct_sheet_hbond.range_id_1 
_pdbx_struct_sheet_hbond.range_id_2 
_pdbx_struct_sheet_hbond.range_1_label_atom_id 
_pdbx_struct_sheet_hbond.range_1_label_comp_id 
_pdbx_struct_sheet_hbond.range_1_label_asym_id 
_pdbx_struct_sheet_hbond.range_1_label_seq_id 
_pdbx_struct_sheet_hbond.range_1_PDB_ins_code 
_pdbx_struct_sheet_hbond.range_1_auth_atom_id 
_pdbx_struct_sheet_hbond.range_1_auth_comp_id 
_pdbx_struct_sheet_hbond.range_1_auth_asym_id 
_pdbx_struct_sheet_hbond.range_1_auth_seq_id 
_pdbx_struct_sheet_hbond.range_2_label_atom_id 
_pdbx_struct_sheet_hbond.range_2_label_comp_id 
_pdbx_struct_sheet_hbond.range_2_label_asym_id 
_pdbx_struct_sheet_hbond.range_2_label_seq_id 
_pdbx_struct_sheet_hbond.range_2_PDB_ins_code 
_pdbx_struct_sheet_hbond.range_2_auth_atom_id 
_pdbx_struct_sheet_hbond.range_2_auth_comp_id 
_pdbx_struct_sheet_hbond.range_2_auth_asym_id 
_pdbx_struct_sheet_hbond.range_2_auth_seq_id 
A 1 2 N THR A 12  ? N THR A 261 O TYR A 19  ? O TYR A 268 
A 2 3 N CYS A 18  ? N CYS A 267 O LYS A 130 ? O LYS A 379 
A 3 4 O PHE A 125 ? O PHE A 374 N TRP A 66  ? N TRP A 315 
A 4 5 N SER A 70  ? N SER A 319 O GLN A 79  ? O GLN A 328 
B 1 2 N GLN A 41  ? N GLN A 290 O LYS A 129 ? O LYS A 378 
B 2 3 O PHE A 125 ? O PHE A 374 N TRP A 66  ? N TRP A 315 
B 3 4 N THR A 65  ? N THR A 314 O PHE A 110 ? O PHE A 359 
B 4 5 N SER A 111 ? N SER A 360 O GLY A 114 ? O GLY A 363 
# 
_pdbx_entry_details.entry_id                   1SL5 
_pdbx_entry_details.compound_details           ? 
_pdbx_entry_details.source_details             ? 
_pdbx_entry_details.nonpolymer_details         ? 
_pdbx_entry_details.sequence_details           ? 
_pdbx_entry_details.has_ligand_of_interest     ? 
_pdbx_entry_details.has_protein_modification   Y 
# 
loop_
_pdbx_validate_torsion.id 
_pdbx_validate_torsion.PDB_model_num 
_pdbx_validate_torsion.auth_comp_id 
_pdbx_validate_torsion.auth_asym_id 
_pdbx_validate_torsion.auth_seq_id 
_pdbx_validate_torsion.PDB_ins_code 
_pdbx_validate_torsion.label_alt_id 
_pdbx_validate_torsion.phi 
_pdbx_validate_torsion.psi 
1 1 GLU A 259 ? ? 81.29   -10.22  
2 1 GLN A 264 ? ? 34.37   60.04   
3 1 ALA A 289 ? ? -126.52 -165.86 
4 1 VAL A 292 ? ? -35.35  119.34  
5 1 GLU A 353 ? ? 71.39   94.27   
# 
loop_
_pdbx_unobs_or_zero_occ_residues.id 
_pdbx_unobs_or_zero_occ_residues.PDB_model_num 
_pdbx_unobs_or_zero_occ_residues.polymer_flag 
_pdbx_unobs_or_zero_occ_residues.occupancy_flag 
_pdbx_unobs_or_zero_occ_residues.auth_asym_id 
_pdbx_unobs_or_zero_occ_residues.auth_comp_id 
_pdbx_unobs_or_zero_occ_residues.auth_seq_id 
_pdbx_unobs_or_zero_occ_residues.PDB_ins_code 
_pdbx_unobs_or_zero_occ_residues.label_asym_id 
_pdbx_unobs_or_zero_occ_residues.label_comp_id 
_pdbx_unobs_or_zero_occ_residues.label_seq_id 
1 1 Y 1 A GLU 250 ? A GLU 1   
2 1 Y 1 A ARG 251 ? A ARG 2   
3 1 Y 1 A LEU 252 ? A LEU 3   
4 1 Y 1 A CYS 384 ? A CYS 135 
5 1 Y 1 A SER 385 ? A SER 136 
6 1 Y 1 A ARG 386 ? A ARG 137 
7 1 Y 1 A ASP 387 ? A ASP 138 
8 1 Y 1 A GLU 388 ? A GLU 139 
# 
loop_
_chem_comp_atom.comp_id 
_chem_comp_atom.atom_id 
_chem_comp_atom.type_symbol 
_chem_comp_atom.pdbx_aromatic_flag 
_chem_comp_atom.pdbx_stereo_config 
_chem_comp_atom.pdbx_ordinal 
ALA N    N  N N 1   
ALA CA   C  N S 2   
ALA C    C  N N 3   
ALA O    O  N N 4   
ALA CB   C  N N 5   
ALA OXT  O  N N 6   
ALA H    H  N N 7   
ALA H2   H  N N 8   
ALA HA   H  N N 9   
ALA HB1  H  N N 10  
ALA HB2  H  N N 11  
ALA HB3  H  N N 12  
ALA HXT  H  N N 13  
ARG N    N  N N 14  
ARG CA   C  N S 15  
ARG C    C  N N 16  
ARG O    O  N N 17  
ARG CB   C  N N 18  
ARG CG   C  N N 19  
ARG CD   C  N N 20  
ARG NE   N  N N 21  
ARG CZ   C  N N 22  
ARG NH1  N  N N 23  
ARG NH2  N  N N 24  
ARG OXT  O  N N 25  
ARG H    H  N N 26  
ARG H2   H  N N 27  
ARG HA   H  N N 28  
ARG HB2  H  N N 29  
ARG HB3  H  N N 30  
ARG HG2  H  N N 31  
ARG HG3  H  N N 32  
ARG HD2  H  N N 33  
ARG HD3  H  N N 34  
ARG HE   H  N N 35  
ARG HH11 H  N N 36  
ARG HH12 H  N N 37  
ARG HH21 H  N N 38  
ARG HH22 H  N N 39  
ARG HXT  H  N N 40  
ASN N    N  N N 41  
ASN CA   C  N S 42  
ASN C    C  N N 43  
ASN O    O  N N 44  
ASN CB   C  N N 45  
ASN CG   C  N N 46  
ASN OD1  O  N N 47  
ASN ND2  N  N N 48  
ASN OXT  O  N N 49  
ASN H    H  N N 50  
ASN H2   H  N N 51  
ASN HA   H  N N 52  
ASN HB2  H  N N 53  
ASN HB3  H  N N 54  
ASN HD21 H  N N 55  
ASN HD22 H  N N 56  
ASN HXT  H  N N 57  
ASP N    N  N N 58  
ASP CA   C  N S 59  
ASP C    C  N N 60  
ASP O    O  N N 61  
ASP CB   C  N N 62  
ASP CG   C  N N 63  
ASP OD1  O  N N 64  
ASP OD2  O  N N 65  
ASP OXT  O  N N 66  
ASP H    H  N N 67  
ASP H2   H  N N 68  
ASP HA   H  N N 69  
ASP HB2  H  N N 70  
ASP HB3  H  N N 71  
ASP HD2  H  N N 72  
ASP HXT  H  N N 73  
CA  CA   CA N N 74  
CYS N    N  N N 75  
CYS CA   C  N R 76  
CYS C    C  N N 77  
CYS O    O  N N 78  
CYS CB   C  N N 79  
CYS SG   S  N N 80  
CYS OXT  O  N N 81  
CYS H    H  N N 82  
CYS H2   H  N N 83  
CYS HA   H  N N 84  
CYS HB2  H  N N 85  
CYS HB3  H  N N 86  
CYS HG   H  N N 87  
CYS HXT  H  N N 88  
FUC C1   C  N R 89  
FUC C2   C  N S 90  
FUC C3   C  N R 91  
FUC C4   C  N S 92  
FUC C5   C  N S 93  
FUC C6   C  N N 94  
FUC O1   O  N N 95  
FUC O2   O  N N 96  
FUC O3   O  N N 97  
FUC O4   O  N N 98  
FUC O5   O  N N 99  
FUC H1   H  N N 100 
FUC H2   H  N N 101 
FUC H3   H  N N 102 
FUC H4   H  N N 103 
FUC H5   H  N N 104 
FUC H61  H  N N 105 
FUC H62  H  N N 106 
FUC H63  H  N N 107 
FUC HO1  H  N N 108 
FUC HO2  H  N N 109 
FUC HO3  H  N N 110 
FUC HO4  H  N N 111 
GAL C1   C  N R 112 
GAL C2   C  N R 113 
GAL C3   C  N S 114 
GAL C4   C  N R 115 
GAL C5   C  N R 116 
GAL C6   C  N N 117 
GAL O1   O  N N 118 
GAL O2   O  N N 119 
GAL O3   O  N N 120 
GAL O4   O  N N 121 
GAL O5   O  N N 122 
GAL O6   O  N N 123 
GAL H1   H  N N 124 
GAL H2   H  N N 125 
GAL H3   H  N N 126 
GAL H4   H  N N 127 
GAL H5   H  N N 128 
GAL H61  H  N N 129 
GAL H62  H  N N 130 
GAL HO1  H  N N 131 
GAL HO2  H  N N 132 
GAL HO3  H  N N 133 
GAL HO4  H  N N 134 
GAL HO6  H  N N 135 
GLN N    N  N N 136 
GLN CA   C  N S 137 
GLN C    C  N N 138 
GLN O    O  N N 139 
GLN CB   C  N N 140 
GLN CG   C  N N 141 
GLN CD   C  N N 142 
GLN OE1  O  N N 143 
GLN NE2  N  N N 144 
GLN OXT  O  N N 145 
GLN H    H  N N 146 
GLN H2   H  N N 147 
GLN HA   H  N N 148 
GLN HB2  H  N N 149 
GLN HB3  H  N N 150 
GLN HG2  H  N N 151 
GLN HG3  H  N N 152 
GLN HE21 H  N N 153 
GLN HE22 H  N N 154 
GLN HXT  H  N N 155 
GLU N    N  N N 156 
GLU CA   C  N S 157 
GLU C    C  N N 158 
GLU O    O  N N 159 
GLU CB   C  N N 160 
GLU CG   C  N N 161 
GLU CD   C  N N 162 
GLU OE1  O  N N 163 
GLU OE2  O  N N 164 
GLU OXT  O  N N 165 
GLU H    H  N N 166 
GLU H2   H  N N 167 
GLU HA   H  N N 168 
GLU HB2  H  N N 169 
GLU HB3  H  N N 170 
GLU HG2  H  N N 171 
GLU HG3  H  N N 172 
GLU HE2  H  N N 173 
GLU HXT  H  N N 174 
GLY N    N  N N 175 
GLY CA   C  N N 176 
GLY C    C  N N 177 
GLY O    O  N N 178 
GLY OXT  O  N N 179 
GLY H    H  N N 180 
GLY H2   H  N N 181 
GLY HA2  H  N N 182 
GLY HA3  H  N N 183 
GLY HXT  H  N N 184 
HIS N    N  N N 185 
HIS CA   C  N S 186 
HIS C    C  N N 187 
HIS O    O  N N 188 
HIS CB   C  N N 189 
HIS CG   C  Y N 190 
HIS ND1  N  Y N 191 
HIS CD2  C  Y N 192 
HIS CE1  C  Y N 193 
HIS NE2  N  Y N 194 
HIS OXT  O  N N 195 
HIS H    H  N N 196 
HIS H2   H  N N 197 
HIS HA   H  N N 198 
HIS HB2  H  N N 199 
HIS HB3  H  N N 200 
HIS HD1  H  N N 201 
HIS HD2  H  N N 202 
HIS HE1  H  N N 203 
HIS HE2  H  N N 204 
HIS HXT  H  N N 205 
HOH O    O  N N 206 
HOH H1   H  N N 207 
HOH H2   H  N N 208 
ILE N    N  N N 209 
ILE CA   C  N S 210 
ILE C    C  N N 211 
ILE O    O  N N 212 
ILE CB   C  N S 213 
ILE CG1  C  N N 214 
ILE CG2  C  N N 215 
ILE CD1  C  N N 216 
ILE OXT  O  N N 217 
ILE H    H  N N 218 
ILE H2   H  N N 219 
ILE HA   H  N N 220 
ILE HB   H  N N 221 
ILE HG12 H  N N 222 
ILE HG13 H  N N 223 
ILE HG21 H  N N 224 
ILE HG22 H  N N 225 
ILE HG23 H  N N 226 
ILE HD11 H  N N 227 
ILE HD12 H  N N 228 
ILE HD13 H  N N 229 
ILE HXT  H  N N 230 
LEU N    N  N N 231 
LEU CA   C  N S 232 
LEU C    C  N N 233 
LEU O    O  N N 234 
LEU CB   C  N N 235 
LEU CG   C  N N 236 
LEU CD1  C  N N 237 
LEU CD2  C  N N 238 
LEU OXT  O  N N 239 
LEU H    H  N N 240 
LEU H2   H  N N 241 
LEU HA   H  N N 242 
LEU HB2  H  N N 243 
LEU HB3  H  N N 244 
LEU HG   H  N N 245 
LEU HD11 H  N N 246 
LEU HD12 H  N N 247 
LEU HD13 H  N N 248 
LEU HD21 H  N N 249 
LEU HD22 H  N N 250 
LEU HD23 H  N N 251 
LEU HXT  H  N N 252 
LYS N    N  N N 253 
LYS CA   C  N S 254 
LYS C    C  N N 255 
LYS O    O  N N 256 
LYS CB   C  N N 257 
LYS CG   C  N N 258 
LYS CD   C  N N 259 
LYS CE   C  N N 260 
LYS NZ   N  N N 261 
LYS OXT  O  N N 262 
LYS H    H  N N 263 
LYS H2   H  N N 264 
LYS HA   H  N N 265 
LYS HB2  H  N N 266 
LYS HB3  H  N N 267 
LYS HG2  H  N N 268 
LYS HG3  H  N N 269 
LYS HD2  H  N N 270 
LYS HD3  H  N N 271 
LYS HE2  H  N N 272 
LYS HE3  H  N N 273 
LYS HZ1  H  N N 274 
LYS HZ2  H  N N 275 
LYS HZ3  H  N N 276 
LYS HXT  H  N N 277 
MET N    N  N N 278 
MET CA   C  N S 279 
MET C    C  N N 280 
MET O    O  N N 281 
MET CB   C  N N 282 
MET CG   C  N N 283 
MET SD   S  N N 284 
MET CE   C  N N 285 
MET OXT  O  N N 286 
MET H    H  N N 287 
MET H2   H  N N 288 
MET HA   H  N N 289 
MET HB2  H  N N 290 
MET HB3  H  N N 291 
MET HG2  H  N N 292 
MET HG3  H  N N 293 
MET HE1  H  N N 294 
MET HE2  H  N N 295 
MET HE3  H  N N 296 
MET HXT  H  N N 297 
MG  MG   MG N N 298 
NAG C1   C  N R 299 
NAG C2   C  N R 300 
NAG C3   C  N R 301 
NAG C4   C  N S 302 
NAG C5   C  N R 303 
NAG C6   C  N N 304 
NAG C7   C  N N 305 
NAG C8   C  N N 306 
NAG N2   N  N N 307 
NAG O1   O  N N 308 
NAG O3   O  N N 309 
NAG O4   O  N N 310 
NAG O5   O  N N 311 
NAG O6   O  N N 312 
NAG O7   O  N N 313 
NAG H1   H  N N 314 
NAG H2   H  N N 315 
NAG H3   H  N N 316 
NAG H4   H  N N 317 
NAG H5   H  N N 318 
NAG H61  H  N N 319 
NAG H62  H  N N 320 
NAG H81  H  N N 321 
NAG H82  H  N N 322 
NAG H83  H  N N 323 
NAG HN2  H  N N 324 
NAG HO1  H  N N 325 
NAG HO3  H  N N 326 
NAG HO4  H  N N 327 
NAG HO6  H  N N 328 
PHE N    N  N N 329 
PHE CA   C  N S 330 
PHE C    C  N N 331 
PHE O    O  N N 332 
PHE CB   C  N N 333 
PHE CG   C  Y N 334 
PHE CD1  C  Y N 335 
PHE CD2  C  Y N 336 
PHE CE1  C  Y N 337 
PHE CE2  C  Y N 338 
PHE CZ   C  Y N 339 
PHE OXT  O  N N 340 
PHE H    H  N N 341 
PHE H2   H  N N 342 
PHE HA   H  N N 343 
PHE HB2  H  N N 344 
PHE HB3  H  N N 345 
PHE HD1  H  N N 346 
PHE HD2  H  N N 347 
PHE HE1  H  N N 348 
PHE HE2  H  N N 349 
PHE HZ   H  N N 350 
PHE HXT  H  N N 351 
PRO N    N  N N 352 
PRO CA   C  N S 353 
PRO C    C  N N 354 
PRO O    O  N N 355 
PRO CB   C  N N 356 
PRO CG   C  N N 357 
PRO CD   C  N N 358 
PRO OXT  O  N N 359 
PRO H    H  N N 360 
PRO HA   H  N N 361 
PRO HB2  H  N N 362 
PRO HB3  H  N N 363 
PRO HG2  H  N N 364 
PRO HG3  H  N N 365 
PRO HD2  H  N N 366 
PRO HD3  H  N N 367 
PRO HXT  H  N N 368 
SER N    N  N N 369 
SER CA   C  N S 370 
SER C    C  N N 371 
SER O    O  N N 372 
SER CB   C  N N 373 
SER OG   O  N N 374 
SER OXT  O  N N 375 
SER H    H  N N 376 
SER H2   H  N N 377 
SER HA   H  N N 378 
SER HB2  H  N N 379 
SER HB3  H  N N 380 
SER HG   H  N N 381 
SER HXT  H  N N 382 
THR N    N  N N 383 
THR CA   C  N S 384 
THR C    C  N N 385 
THR O    O  N N 386 
THR CB   C  N R 387 
THR OG1  O  N N 388 
THR CG2  C  N N 389 
THR OXT  O  N N 390 
THR H    H  N N 391 
THR H2   H  N N 392 
THR HA   H  N N 393 
THR HB   H  N N 394 
THR HG1  H  N N 395 
THR HG21 H  N N 396 
THR HG22 H  N N 397 
THR HG23 H  N N 398 
THR HXT  H  N N 399 
TRP N    N  N N 400 
TRP CA   C  N S 401 
TRP C    C  N N 402 
TRP O    O  N N 403 
TRP CB   C  N N 404 
TRP CG   C  Y N 405 
TRP CD1  C  Y N 406 
TRP CD2  C  Y N 407 
TRP NE1  N  Y N 408 
TRP CE2  C  Y N 409 
TRP CE3  C  Y N 410 
TRP CZ2  C  Y N 411 
TRP CZ3  C  Y N 412 
TRP CH2  C  Y N 413 
TRP OXT  O  N N 414 
TRP H    H  N N 415 
TRP H2   H  N N 416 
TRP HA   H  N N 417 
TRP HB2  H  N N 418 
TRP HB3  H  N N 419 
TRP HD1  H  N N 420 
TRP HE1  H  N N 421 
TRP HE3  H  N N 422 
TRP HZ2  H  N N 423 
TRP HZ3  H  N N 424 
TRP HH2  H  N N 425 
TRP HXT  H  N N 426 
TYR N    N  N N 427 
TYR CA   C  N S 428 
TYR C    C  N N 429 
TYR O    O  N N 430 
TYR CB   C  N N 431 
TYR CG   C  Y N 432 
TYR CD1  C  Y N 433 
TYR CD2  C  Y N 434 
TYR CE1  C  Y N 435 
TYR CE2  C  Y N 436 
TYR CZ   C  Y N 437 
TYR OH   O  N N 438 
TYR OXT  O  N N 439 
TYR H    H  N N 440 
TYR H2   H  N N 441 
TYR HA   H  N N 442 
TYR HB2  H  N N 443 
TYR HB3  H  N N 444 
TYR HD1  H  N N 445 
TYR HD2  H  N N 446 
TYR HE1  H  N N 447 
TYR HE2  H  N N 448 
TYR HH   H  N N 449 
TYR HXT  H  N N 450 
VAL N    N  N N 451 
VAL CA   C  N S 452 
VAL C    C  N N 453 
VAL O    O  N N 454 
VAL CB   C  N N 455 
VAL CG1  C  N N 456 
VAL CG2  C  N N 457 
VAL OXT  O  N N 458 
VAL H    H  N N 459 
VAL H2   H  N N 460 
VAL HA   H  N N 461 
VAL HB   H  N N 462 
VAL HG11 H  N N 463 
VAL HG12 H  N N 464 
VAL HG13 H  N N 465 
VAL HG21 H  N N 466 
VAL HG22 H  N N 467 
VAL HG23 H  N N 468 
VAL HXT  H  N N 469 
# 
loop_
_chem_comp_bond.comp_id 
_chem_comp_bond.atom_id_1 
_chem_comp_bond.atom_id_2 
_chem_comp_bond.value_order 
_chem_comp_bond.pdbx_aromatic_flag 
_chem_comp_bond.pdbx_stereo_config 
_chem_comp_bond.pdbx_ordinal 
ALA N   CA   sing N N 1   
ALA N   H    sing N N 2   
ALA N   H2   sing N N 3   
ALA CA  C    sing N N 4   
ALA CA  CB   sing N N 5   
ALA CA  HA   sing N N 6   
ALA C   O    doub N N 7   
ALA C   OXT  sing N N 8   
ALA CB  HB1  sing N N 9   
ALA CB  HB2  sing N N 10  
ALA CB  HB3  sing N N 11  
ALA OXT HXT  sing N N 12  
ARG N   CA   sing N N 13  
ARG N   H    sing N N 14  
ARG N   H2   sing N N 15  
ARG CA  C    sing N N 16  
ARG CA  CB   sing N N 17  
ARG CA  HA   sing N N 18  
ARG C   O    doub N N 19  
ARG C   OXT  sing N N 20  
ARG CB  CG   sing N N 21  
ARG CB  HB2  sing N N 22  
ARG CB  HB3  sing N N 23  
ARG CG  CD   sing N N 24  
ARG CG  HG2  sing N N 25  
ARG CG  HG3  sing N N 26  
ARG CD  NE   sing N N 27  
ARG CD  HD2  sing N N 28  
ARG CD  HD3  sing N N 29  
ARG NE  CZ   sing N N 30  
ARG NE  HE   sing N N 31  
ARG CZ  NH1  sing N N 32  
ARG CZ  NH2  doub N N 33  
ARG NH1 HH11 sing N N 34  
ARG NH1 HH12 sing N N 35  
ARG NH2 HH21 sing N N 36  
ARG NH2 HH22 sing N N 37  
ARG OXT HXT  sing N N 38  
ASN N   CA   sing N N 39  
ASN N   H    sing N N 40  
ASN N   H2   sing N N 41  
ASN CA  C    sing N N 42  
ASN CA  CB   sing N N 43  
ASN CA  HA   sing N N 44  
ASN C   O    doub N N 45  
ASN C   OXT  sing N N 46  
ASN CB  CG   sing N N 47  
ASN CB  HB2  sing N N 48  
ASN CB  HB3  sing N N 49  
ASN CG  OD1  doub N N 50  
ASN CG  ND2  sing N N 51  
ASN ND2 HD21 sing N N 52  
ASN ND2 HD22 sing N N 53  
ASN OXT HXT  sing N N 54  
ASP N   CA   sing N N 55  
ASP N   H    sing N N 56  
ASP N   H2   sing N N 57  
ASP CA  C    sing N N 58  
ASP CA  CB   sing N N 59  
ASP CA  HA   sing N N 60  
ASP C   O    doub N N 61  
ASP C   OXT  sing N N 62  
ASP CB  CG   sing N N 63  
ASP CB  HB2  sing N N 64  
ASP CB  HB3  sing N N 65  
ASP CG  OD1  doub N N 66  
ASP CG  OD2  sing N N 67  
ASP OD2 HD2  sing N N 68  
ASP OXT HXT  sing N N 69  
CYS N   CA   sing N N 70  
CYS N   H    sing N N 71  
CYS N   H2   sing N N 72  
CYS CA  C    sing N N 73  
CYS CA  CB   sing N N 74  
CYS CA  HA   sing N N 75  
CYS C   O    doub N N 76  
CYS C   OXT  sing N N 77  
CYS CB  SG   sing N N 78  
CYS CB  HB2  sing N N 79  
CYS CB  HB3  sing N N 80  
CYS SG  HG   sing N N 81  
CYS OXT HXT  sing N N 82  
FUC C1  C2   sing N N 83  
FUC C1  O1   sing N N 84  
FUC C1  O5   sing N N 85  
FUC C1  H1   sing N N 86  
FUC C2  C3   sing N N 87  
FUC C2  O2   sing N N 88  
FUC C2  H2   sing N N 89  
FUC C3  C4   sing N N 90  
FUC C3  O3   sing N N 91  
FUC C3  H3   sing N N 92  
FUC C4  C5   sing N N 93  
FUC C4  O4   sing N N 94  
FUC C4  H4   sing N N 95  
FUC C5  C6   sing N N 96  
FUC C5  O5   sing N N 97  
FUC C5  H5   sing N N 98  
FUC C6  H61  sing N N 99  
FUC C6  H62  sing N N 100 
FUC C6  H63  sing N N 101 
FUC O1  HO1  sing N N 102 
FUC O2  HO2  sing N N 103 
FUC O3  HO3  sing N N 104 
FUC O4  HO4  sing N N 105 
GAL C1  C2   sing N N 106 
GAL C1  O1   sing N N 107 
GAL C1  O5   sing N N 108 
GAL C1  H1   sing N N 109 
GAL C2  C3   sing N N 110 
GAL C2  O2   sing N N 111 
GAL C2  H2   sing N N 112 
GAL C3  C4   sing N N 113 
GAL C3  O3   sing N N 114 
GAL C3  H3   sing N N 115 
GAL C4  C5   sing N N 116 
GAL C4  O4   sing N N 117 
GAL C4  H4   sing N N 118 
GAL C5  C6   sing N N 119 
GAL C5  O5   sing N N 120 
GAL C5  H5   sing N N 121 
GAL C6  O6   sing N N 122 
GAL C6  H61  sing N N 123 
GAL C6  H62  sing N N 124 
GAL O1  HO1  sing N N 125 
GAL O2  HO2  sing N N 126 
GAL O3  HO3  sing N N 127 
GAL O4  HO4  sing N N 128 
GAL O6  HO6  sing N N 129 
GLN N   CA   sing N N 130 
GLN N   H    sing N N 131 
GLN N   H2   sing N N 132 
GLN CA  C    sing N N 133 
GLN CA  CB   sing N N 134 
GLN CA  HA   sing N N 135 
GLN C   O    doub N N 136 
GLN C   OXT  sing N N 137 
GLN CB  CG   sing N N 138 
GLN CB  HB2  sing N N 139 
GLN CB  HB3  sing N N 140 
GLN CG  CD   sing N N 141 
GLN CG  HG2  sing N N 142 
GLN CG  HG3  sing N N 143 
GLN CD  OE1  doub N N 144 
GLN CD  NE2  sing N N 145 
GLN NE2 HE21 sing N N 146 
GLN NE2 HE22 sing N N 147 
GLN OXT HXT  sing N N 148 
GLU N   CA   sing N N 149 
GLU N   H    sing N N 150 
GLU N   H2   sing N N 151 
GLU CA  C    sing N N 152 
GLU CA  CB   sing N N 153 
GLU CA  HA   sing N N 154 
GLU C   O    doub N N 155 
GLU C   OXT  sing N N 156 
GLU CB  CG   sing N N 157 
GLU CB  HB2  sing N N 158 
GLU CB  HB3  sing N N 159 
GLU CG  CD   sing N N 160 
GLU CG  HG2  sing N N 161 
GLU CG  HG3  sing N N 162 
GLU CD  OE1  doub N N 163 
GLU CD  OE2  sing N N 164 
GLU OE2 HE2  sing N N 165 
GLU OXT HXT  sing N N 166 
GLY N   CA   sing N N 167 
GLY N   H    sing N N 168 
GLY N   H2   sing N N 169 
GLY CA  C    sing N N 170 
GLY CA  HA2  sing N N 171 
GLY CA  HA3  sing N N 172 
GLY C   O    doub N N 173 
GLY C   OXT  sing N N 174 
GLY OXT HXT  sing N N 175 
HIS N   CA   sing N N 176 
HIS N   H    sing N N 177 
HIS N   H2   sing N N 178 
HIS CA  C    sing N N 179 
HIS CA  CB   sing N N 180 
HIS CA  HA   sing N N 181 
HIS C   O    doub N N 182 
HIS C   OXT  sing N N 183 
HIS CB  CG   sing N N 184 
HIS CB  HB2  sing N N 185 
HIS CB  HB3  sing N N 186 
HIS CG  ND1  sing Y N 187 
HIS CG  CD2  doub Y N 188 
HIS ND1 CE1  doub Y N 189 
HIS ND1 HD1  sing N N 190 
HIS CD2 NE2  sing Y N 191 
HIS CD2 HD2  sing N N 192 
HIS CE1 NE2  sing Y N 193 
HIS CE1 HE1  sing N N 194 
HIS NE2 HE2  sing N N 195 
HIS OXT HXT  sing N N 196 
HOH O   H1   sing N N 197 
HOH O   H2   sing N N 198 
ILE N   CA   sing N N 199 
ILE N   H    sing N N 200 
ILE N   H2   sing N N 201 
ILE CA  C    sing N N 202 
ILE CA  CB   sing N N 203 
ILE CA  HA   sing N N 204 
ILE C   O    doub N N 205 
ILE C   OXT  sing N N 206 
ILE CB  CG1  sing N N 207 
ILE CB  CG2  sing N N 208 
ILE CB  HB   sing N N 209 
ILE CG1 CD1  sing N N 210 
ILE CG1 HG12 sing N N 211 
ILE CG1 HG13 sing N N 212 
ILE CG2 HG21 sing N N 213 
ILE CG2 HG22 sing N N 214 
ILE CG2 HG23 sing N N 215 
ILE CD1 HD11 sing N N 216 
ILE CD1 HD12 sing N N 217 
ILE CD1 HD13 sing N N 218 
ILE OXT HXT  sing N N 219 
LEU N   CA   sing N N 220 
LEU N   H    sing N N 221 
LEU N   H2   sing N N 222 
LEU CA  C    sing N N 223 
LEU CA  CB   sing N N 224 
LEU CA  HA   sing N N 225 
LEU C   O    doub N N 226 
LEU C   OXT  sing N N 227 
LEU CB  CG   sing N N 228 
LEU CB  HB2  sing N N 229 
LEU CB  HB3  sing N N 230 
LEU CG  CD1  sing N N 231 
LEU CG  CD2  sing N N 232 
LEU CG  HG   sing N N 233 
LEU CD1 HD11 sing N N 234 
LEU CD1 HD12 sing N N 235 
LEU CD1 HD13 sing N N 236 
LEU CD2 HD21 sing N N 237 
LEU CD2 HD22 sing N N 238 
LEU CD2 HD23 sing N N 239 
LEU OXT HXT  sing N N 240 
LYS N   CA   sing N N 241 
LYS N   H    sing N N 242 
LYS N   H2   sing N N 243 
LYS CA  C    sing N N 244 
LYS CA  CB   sing N N 245 
LYS CA  HA   sing N N 246 
LYS C   O    doub N N 247 
LYS C   OXT  sing N N 248 
LYS CB  CG   sing N N 249 
LYS CB  HB2  sing N N 250 
LYS CB  HB3  sing N N 251 
LYS CG  CD   sing N N 252 
LYS CG  HG2  sing N N 253 
LYS CG  HG3  sing N N 254 
LYS CD  CE   sing N N 255 
LYS CD  HD2  sing N N 256 
LYS CD  HD3  sing N N 257 
LYS CE  NZ   sing N N 258 
LYS CE  HE2  sing N N 259 
LYS CE  HE3  sing N N 260 
LYS NZ  HZ1  sing N N 261 
LYS NZ  HZ2  sing N N 262 
LYS NZ  HZ3  sing N N 263 
LYS OXT HXT  sing N N 264 
MET N   CA   sing N N 265 
MET N   H    sing N N 266 
MET N   H2   sing N N 267 
MET CA  C    sing N N 268 
MET CA  CB   sing N N 269 
MET CA  HA   sing N N 270 
MET C   O    doub N N 271 
MET C   OXT  sing N N 272 
MET CB  CG   sing N N 273 
MET CB  HB2  sing N N 274 
MET CB  HB3  sing N N 275 
MET CG  SD   sing N N 276 
MET CG  HG2  sing N N 277 
MET CG  HG3  sing N N 278 
MET SD  CE   sing N N 279 
MET CE  HE1  sing N N 280 
MET CE  HE2  sing N N 281 
MET CE  HE3  sing N N 282 
MET OXT HXT  sing N N 283 
NAG C1  C2   sing N N 284 
NAG C1  O1   sing N N 285 
NAG C1  O5   sing N N 286 
NAG C1  H1   sing N N 287 
NAG C2  C3   sing N N 288 
NAG C2  N2   sing N N 289 
NAG C2  H2   sing N N 290 
NAG C3  C4   sing N N 291 
NAG C3  O3   sing N N 292 
NAG C3  H3   sing N N 293 
NAG C4  C5   sing N N 294 
NAG C4  O4   sing N N 295 
NAG C4  H4   sing N N 296 
NAG C5  C6   sing N N 297 
NAG C5  O5   sing N N 298 
NAG C5  H5   sing N N 299 
NAG C6  O6   sing N N 300 
NAG C6  H61  sing N N 301 
NAG C6  H62  sing N N 302 
NAG C7  C8   sing N N 303 
NAG C7  N2   sing N N 304 
NAG C7  O7   doub N N 305 
NAG C8  H81  sing N N 306 
NAG C8  H82  sing N N 307 
NAG C8  H83  sing N N 308 
NAG N2  HN2  sing N N 309 
NAG O1  HO1  sing N N 310 
NAG O3  HO3  sing N N 311 
NAG O4  HO4  sing N N 312 
NAG O6  HO6  sing N N 313 
PHE N   CA   sing N N 314 
PHE N   H    sing N N 315 
PHE N   H2   sing N N 316 
PHE CA  C    sing N N 317 
PHE CA  CB   sing N N 318 
PHE CA  HA   sing N N 319 
PHE C   O    doub N N 320 
PHE C   OXT  sing N N 321 
PHE CB  CG   sing N N 322 
PHE CB  HB2  sing N N 323 
PHE CB  HB3  sing N N 324 
PHE CG  CD1  doub Y N 325 
PHE CG  CD2  sing Y N 326 
PHE CD1 CE1  sing Y N 327 
PHE CD1 HD1  sing N N 328 
PHE CD2 CE2  doub Y N 329 
PHE CD2 HD2  sing N N 330 
PHE CE1 CZ   doub Y N 331 
PHE CE1 HE1  sing N N 332 
PHE CE2 CZ   sing Y N 333 
PHE CE2 HE2  sing N N 334 
PHE CZ  HZ   sing N N 335 
PHE OXT HXT  sing N N 336 
PRO N   CA   sing N N 337 
PRO N   CD   sing N N 338 
PRO N   H    sing N N 339 
PRO CA  C    sing N N 340 
PRO CA  CB   sing N N 341 
PRO CA  HA   sing N N 342 
PRO C   O    doub N N 343 
PRO C   OXT  sing N N 344 
PRO CB  CG   sing N N 345 
PRO CB  HB2  sing N N 346 
PRO CB  HB3  sing N N 347 
PRO CG  CD   sing N N 348 
PRO CG  HG2  sing N N 349 
PRO CG  HG3  sing N N 350 
PRO CD  HD2  sing N N 351 
PRO CD  HD3  sing N N 352 
PRO OXT HXT  sing N N 353 
SER N   CA   sing N N 354 
SER N   H    sing N N 355 
SER N   H2   sing N N 356 
SER CA  C    sing N N 357 
SER CA  CB   sing N N 358 
SER CA  HA   sing N N 359 
SER C   O    doub N N 360 
SER C   OXT  sing N N 361 
SER CB  OG   sing N N 362 
SER CB  HB2  sing N N 363 
SER CB  HB3  sing N N 364 
SER OG  HG   sing N N 365 
SER OXT HXT  sing N N 366 
THR N   CA   sing N N 367 
THR N   H    sing N N 368 
THR N   H2   sing N N 369 
THR CA  C    sing N N 370 
THR CA  CB   sing N N 371 
THR CA  HA   sing N N 372 
THR C   O    doub N N 373 
THR C   OXT  sing N N 374 
THR CB  OG1  sing N N 375 
THR CB  CG2  sing N N 376 
THR CB  HB   sing N N 377 
THR OG1 HG1  sing N N 378 
THR CG2 HG21 sing N N 379 
THR CG2 HG22 sing N N 380 
THR CG2 HG23 sing N N 381 
THR OXT HXT  sing N N 382 
TRP N   CA   sing N N 383 
TRP N   H    sing N N 384 
TRP N   H2   sing N N 385 
TRP CA  C    sing N N 386 
TRP CA  CB   sing N N 387 
TRP CA  HA   sing N N 388 
TRP C   O    doub N N 389 
TRP C   OXT  sing N N 390 
TRP CB  CG   sing N N 391 
TRP CB  HB2  sing N N 392 
TRP CB  HB3  sing N N 393 
TRP CG  CD1  doub Y N 394 
TRP CG  CD2  sing Y N 395 
TRP CD1 NE1  sing Y N 396 
TRP CD1 HD1  sing N N 397 
TRP CD2 CE2  doub Y N 398 
TRP CD2 CE3  sing Y N 399 
TRP NE1 CE2  sing Y N 400 
TRP NE1 HE1  sing N N 401 
TRP CE2 CZ2  sing Y N 402 
TRP CE3 CZ3  doub Y N 403 
TRP CE3 HE3  sing N N 404 
TRP CZ2 CH2  doub Y N 405 
TRP CZ2 HZ2  sing N N 406 
TRP CZ3 CH2  sing Y N 407 
TRP CZ3 HZ3  sing N N 408 
TRP CH2 HH2  sing N N 409 
TRP OXT HXT  sing N N 410 
TYR N   CA   sing N N 411 
TYR N   H    sing N N 412 
TYR N   H2   sing N N 413 
TYR CA  C    sing N N 414 
TYR CA  CB   sing N N 415 
TYR CA  HA   sing N N 416 
TYR C   O    doub N N 417 
TYR C   OXT  sing N N 418 
TYR CB  CG   sing N N 419 
TYR CB  HB2  sing N N 420 
TYR CB  HB3  sing N N 421 
TYR CG  CD1  doub Y N 422 
TYR CG  CD2  sing Y N 423 
TYR CD1 CE1  sing Y N 424 
TYR CD1 HD1  sing N N 425 
TYR CD2 CE2  doub Y N 426 
TYR CD2 HD2  sing N N 427 
TYR CE1 CZ   doub Y N 428 
TYR CE1 HE1  sing N N 429 
TYR CE2 CZ   sing Y N 430 
TYR CE2 HE2  sing N N 431 
TYR CZ  OH   sing N N 432 
TYR OH  HH   sing N N 433 
TYR OXT HXT  sing N N 434 
VAL N   CA   sing N N 435 
VAL N   H    sing N N 436 
VAL N   H2   sing N N 437 
VAL CA  C    sing N N 438 
VAL CA  CB   sing N N 439 
VAL CA  HA   sing N N 440 
VAL C   O    doub N N 441 
VAL C   OXT  sing N N 442 
VAL CB  CG1  sing N N 443 
VAL CB  CG2  sing N N 444 
VAL CB  HB   sing N N 445 
VAL CG1 HG11 sing N N 446 
VAL CG1 HG12 sing N N 447 
VAL CG1 HG13 sing N N 448 
VAL CG2 HG21 sing N N 449 
VAL CG2 HG22 sing N N 450 
VAL CG2 HG23 sing N N 451 
VAL OXT HXT  sing N N 452 
# 
loop_
_pdbx_entity_branch_list.entity_id 
_pdbx_entity_branch_list.comp_id 
_pdbx_entity_branch_list.num 
_pdbx_entity_branch_list.hetero 
2 GAL 1 n 
2 NAG 2 n 
2 FUC 3 n 
2 GAL 4 n 
# 
_atom_sites.entry_id                    1SL5 
_atom_sites.fract_transf_matrix[1][1]   -0.01346658 
_atom_sites.fract_transf_matrix[1][2]   -0.00148718 
_atom_sites.fract_transf_matrix[1][3]   -0.00252102 
_atom_sites.fract_transf_matrix[2][1]   0.00339381 
_atom_sites.fract_transf_matrix[2][2]   -0.01518637 
_atom_sites.fract_transf_matrix[2][3]   -0.00917017 
_atom_sites.fract_transf_matrix[3][1]   -0.00334174 
_atom_sites.fract_transf_matrix[3][2]   -0.01790312 
_atom_sites.fract_transf_matrix[3][3]   0.02841194 
_atom_sites.fract_transf_vector[1]      0.238125 
_atom_sites.fract_transf_vector[2]      0.040437 
_atom_sites.fract_transf_vector[3]      0.332595 
# 
loop_
_atom_type.symbol 
C  
CA 
MG 
N  
O  
S  
# 
loop_
_atom_site.group_PDB 
_atom_site.id 
_atom_site.type_symbol 
_atom_site.label_atom_id 
_atom_site.label_alt_id 
_atom_site.label_comp_id 
_atom_site.label_asym_id 
_atom_site.label_entity_id 
_atom_site.label_seq_id 
_atom_site.pdbx_PDB_ins_code 
_atom_site.Cartn_x 
_atom_site.Cartn_y 
_atom_site.Cartn_z 
_atom_site.occupancy 
_atom_site.B_iso_or_equiv 
_atom_site.pdbx_formal_charge 
_atom_site.auth_seq_id 
_atom_site.auth_comp_id 
_atom_site.auth_asym_id 
_atom_site.auth_atom_id 
_atom_site.pdbx_PDB_model_num 
ATOM   1    N  N   . CYS A 1 4   ? 24.204  -8.647  12.499  1.00 30.26 ? 253 CYS A N   1 
ATOM   2    C  CA  . CYS A 1 4   ? 22.850  -8.790  11.882  1.00 30.64 ? 253 CYS A CA  1 
ATOM   3    C  C   . CYS A 1 4   ? 22.002  -7.529  11.984  1.00 29.55 ? 253 CYS A C   1 
ATOM   4    O  O   . CYS A 1 4   ? 21.743  -7.033  13.080  1.00 30.12 ? 253 CYS A O   1 
ATOM   5    C  CB  . CYS A 1 4   ? 22.077  -9.941  12.541  1.00 31.69 ? 253 CYS A CB  1 
ATOM   6    S  SG  . CYS A 1 4   ? 20.281  -10.005 12.144  1.00 34.95 ? 253 CYS A SG  1 
ATOM   7    N  N   . HIS A 1 5   ? 21.588  -6.999  10.838  1.00 27.87 ? 254 HIS A N   1 
ATOM   8    C  CA  . HIS A 1 5   ? 20.710  -5.841  10.834  1.00 26.82 ? 254 HIS A CA  1 
ATOM   9    C  C   . HIS A 1 5   ? 19.427  -6.309  10.151  1.00 24.02 ? 254 HIS A C   1 
ATOM   10   O  O   . HIS A 1 5   ? 19.462  -6.992  9.126   1.00 23.01 ? 254 HIS A O   1 
ATOM   11   C  CB  . HIS A 1 5   ? 21.329  -4.634  10.113  1.00 29.70 ? 254 HIS A CB  1 
ATOM   12   C  CG  . HIS A 1 5   ? 21.712  -4.891  8.691   1.00 31.69 ? 254 HIS A CG  1 
ATOM   13   N  ND1 . HIS A 1 5   ? 21.622  -3.922  7.717   1.00 32.87 ? 254 HIS A ND1 1 
ATOM   14   C  CD2 . HIS A 1 5   ? 22.230  -5.986  8.087   1.00 33.40 ? 254 HIS A CD2 1 
ATOM   15   C  CE1 . HIS A 1 5   ? 22.066  -4.408  6.573   1.00 33.67 ? 254 HIS A CE1 1 
ATOM   16   N  NE2 . HIS A 1 5   ? 22.441  -5.659  6.770   1.00 34.61 ? 254 HIS A NE2 1 
ATOM   17   N  N   . PRO A 1 6   ? 18.276  -5.955  10.728  1.00 21.65 ? 255 PRO A N   1 
ATOM   18   C  CA  . PRO A 1 6   ? 16.935  -6.310  10.252  1.00 19.59 ? 255 PRO A CA  1 
ATOM   19   C  C   . PRO A 1 6   ? 16.635  -6.070  8.780   1.00 18.47 ? 255 PRO A C   1 
ATOM   20   O  O   . PRO A 1 6   ? 16.076  -6.934  8.102   1.00 17.05 ? 255 PRO A O   1 
ATOM   21   C  CB  . PRO A 1 6   ? 16.021  -5.475  11.146  1.00 20.28 ? 255 PRO A CB  1 
ATOM   22   C  CG  . PRO A 1 6   ? 16.825  -5.284  12.389  1.00 22.76 ? 255 PRO A CG  1 
ATOM   23   C  CD  . PRO A 1 6   ? 18.192  -5.002  11.849  1.00 20.12 ? 255 PRO A CD  1 
ATOM   24   N  N   . CYS A 1 7   ? 17.009  -4.896  8.288   1.00 16.80 ? 256 CYS A N   1 
ATOM   25   C  CA  . CYS A 1 7   ? 16.708  -4.518  6.917   1.00 15.23 ? 256 CYS A CA  1 
ATOM   26   C  C   . CYS A 1 7   ? 17.897  -4.059  6.098   1.00 15.90 ? 256 CYS A C   1 
ATOM   27   O  O   . CYS A 1 7   ? 18.912  -3.630  6.639   1.00 16.19 ? 256 CYS A O   1 
ATOM   28   C  CB  . CYS A 1 7   ? 15.671  -3.401  6.939   1.00 14.51 ? 256 CYS A CB  1 
ATOM   29   S  SG  . CYS A 1 7   ? 14.187  -3.805  7.908   1.00 15.38 ? 256 CYS A SG  1 
ATOM   30   N  N   . PRO A 1 8   ? 17.777  -4.140  4.766   1.00 17.46 ? 257 PRO A N   1 
ATOM   31   C  CA  . PRO A 1 8   ? 18.856  -3.718  3.873   1.00 17.80 ? 257 PRO A CA  1 
ATOM   32   C  C   . PRO A 1 8   ? 19.004  -2.212  4.010   1.00 17.81 ? 257 PRO A C   1 
ATOM   33   O  O   . PRO A 1 8   ? 18.100  -1.539  4.506   1.00 18.45 ? 257 PRO A O   1 
ATOM   34   C  CB  . PRO A 1 8   ? 18.338  -4.105  2.487   1.00 19.25 ? 257 PRO A CB  1 
ATOM   35   C  CG  . PRO A 1 8   ? 17.380  -5.227  2.766   1.00 19.51 ? 257 PRO A CG  1 
ATOM   36   C  CD  . PRO A 1 8   ? 16.670  -4.733  3.999   1.00 17.07 ? 257 PRO A CD  1 
ATOM   37   N  N   . TRP A 1 9   ? 20.138  -1.678  3.581   1.00 16.47 ? 258 TRP A N   1 
ATOM   38   C  CA  . TRP A 1 9   ? 20.331  -0.244  3.660   1.00 15.49 ? 258 TRP A CA  1 
ATOM   39   C  C   . TRP A 1 9   ? 19.221  0.443   2.882   1.00 15.73 ? 258 TRP A C   1 
ATOM   40   O  O   . TRP A 1 9   ? 18.769  -0.070  1.858   1.00 15.76 ? 258 TRP A O   1 
ATOM   41   C  CB  . TRP A 1 9   ? 21.685  0.146   3.077   1.00 14.85 ? 258 TRP A CB  1 
ATOM   42   C  CG  . TRP A 1 9   ? 22.800  -0.036  4.042   1.00 15.46 ? 258 TRP A CG  1 
ATOM   43   C  CD1 . TRP A 1 9   ? 23.344  -1.215  4.462   1.00 15.88 ? 258 TRP A CD1 1 
ATOM   44   C  CD2 . TRP A 1 9   ? 23.484  1.001   4.750   1.00 14.91 ? 258 TRP A CD2 1 
ATOM   45   N  NE1 . TRP A 1 9   ? 24.333  -0.973  5.394   1.00 14.94 ? 258 TRP A NE1 1 
ATOM   46   C  CE2 . TRP A 1 9   ? 24.437  0.379   5.587   1.00 15.13 ? 258 TRP A CE2 1 
ATOM   47   C  CE3 . TRP A 1 9   ? 23.383  2.399   4.758   1.00 14.42 ? 258 TRP A CE3 1 
ATOM   48   C  CZ2 . TRP A 1 9   ? 25.286  1.110   6.426   1.00 15.39 ? 258 TRP A CZ2 1 
ATOM   49   C  CZ3 . TRP A 1 9   ? 24.226  3.123   5.593   1.00 14.28 ? 258 TRP A CZ3 1 
ATOM   50   C  CH2 . TRP A 1 9   ? 25.166  2.476   6.416   1.00 13.12 ? 258 TRP A CH2 1 
ATOM   51   N  N   . GLU A 1 10  ? 18.785  1.597   3.385   1.00 16.60 ? 259 GLU A N   1 
ATOM   52   C  CA  . GLU A 1 10  ? 17.736  2.401   2.765   1.00 18.52 ? 259 GLU A CA  1 
ATOM   53   C  C   . GLU A 1 10  ? 16.315  1.935   3.067   1.00 16.26 ? 259 GLU A C   1 
ATOM   54   O  O   . GLU A 1 10  ? 15.357  2.638   2.759   1.00 17.00 ? 259 GLU A O   1 
ATOM   55   C  CB  . GLU A 1 10  ? 17.950  2.475   1.250   1.00 20.29 ? 259 GLU A CB  1 
ATOM   56   C  CG  . GLU A 1 10  ? 19.276  3.119   0.861   1.00 26.35 ? 259 GLU A CG  1 
ATOM   57   C  CD  . GLU A 1 10  ? 19.399  3.361   -0.631  1.00 30.81 ? 259 GLU A CD  1 
ATOM   58   O  OE1 . GLU A 1 10  ? 20.440  3.897   -1.062  1.00 34.49 ? 259 GLU A OE1 1 
ATOM   59   O  OE2 . GLU A 1 10  ? 18.455  3.016   -1.372  1.00 32.86 ? 259 GLU A OE2 1 
ATOM   60   N  N   . TRP A 1 11  ? 16.179  0.757   3.668   1.00 15.70 ? 260 TRP A N   1 
ATOM   61   C  CA  . TRP A 1 11  ? 14.861  0.231   4.018   1.00 14.67 ? 260 TRP A CA  1 
ATOM   62   C  C   . TRP A 1 11  ? 14.608  0.541   5.479   1.00 15.25 ? 260 TRP A C   1 
ATOM   63   O  O   . TRP A 1 11  ? 15.501  0.393   6.312   1.00 16.61 ? 260 TRP A O   1 
ATOM   64   C  CB  . TRP A 1 11  ? 14.795  -1.281  3.791   1.00 13.03 ? 260 TRP A CB  1 
ATOM   65   C  CG  . TRP A 1 11  ? 14.780  -1.661  2.344   1.00 13.75 ? 260 TRP A CG  1 
ATOM   66   C  CD1 . TRP A 1 11  ? 15.782  -1.476  1.436   1.00 14.16 ? 260 TRP A CD1 1 
ATOM   67   C  CD2 . TRP A 1 11  ? 13.693  -2.258  1.628   1.00 13.50 ? 260 TRP A CD2 1 
ATOM   68   N  NE1 . TRP A 1 11  ? 15.385  -1.920  0.197   1.00 12.97 ? 260 TRP A NE1 1 
ATOM   69   C  CE2 . TRP A 1 11  ? 14.105  -2.405  0.287   1.00 14.06 ? 260 TRP A CE2 1 
ATOM   70   C  CE3 . TRP A 1 11  ? 12.406  -2.685  1.992   1.00 12.73 ? 260 TRP A CE3 1 
ATOM   71   C  CZ2 . TRP A 1 11  ? 13.279  -2.959  -0.696  1.00 15.05 ? 260 TRP A CZ2 1 
ATOM   72   C  CZ3 . TRP A 1 11  ? 11.582  -3.236  1.013   1.00 13.04 ? 260 TRP A CZ3 1 
ATOM   73   C  CH2 . TRP A 1 11  ? 12.022  -3.367  -0.314  1.00 15.02 ? 260 TRP A CH2 1 
ATOM   74   N  N   A THR A 1 12  ? 13.380  0.946   5.784   0.50 15.28 ? 261 THR A N   1 
ATOM   75   N  N   B THR A 1 12  ? 13.396  0.981   5.797   0.50 15.55 ? 261 THR A N   1 
ATOM   76   C  CA  A THR A 1 12  ? 12.990  1.301   7.144   0.50 14.42 ? 261 THR A CA  1 
ATOM   77   C  CA  B THR A 1 12  ? 13.075  1.319   7.177   0.50 14.73 ? 261 THR A CA  1 
ATOM   78   C  C   A THR A 1 12  ? 12.480  0.108   7.946   0.50 13.91 ? 261 THR A C   1 
ATOM   79   C  C   B THR A 1 12  ? 12.507  0.129   7.942   0.50 14.17 ? 261 THR A C   1 
ATOM   80   O  O   A THR A 1 12  ? 11.598  -0.625  7.498   0.50 12.62 ? 261 THR A O   1 
ATOM   81   O  O   B THR A 1 12  ? 11.622  -0.580  7.462   0.50 12.98 ? 261 THR A O   1 
ATOM   82   C  CB  A THR A 1 12  ? 11.895  2.381   7.120   0.50 14.76 ? 261 THR A CB  1 
ATOM   83   C  CB  B THR A 1 12  ? 12.085  2.502   7.254   0.50 15.53 ? 261 THR A CB  1 
ATOM   84   O  OG1 A THR A 1 12  ? 12.368  3.518   6.388   0.50 14.55 ? 261 THR A OG1 1 
ATOM   85   O  OG1 B THR A 1 12  ? 12.021  2.980   8.603   0.50 17.07 ? 261 THR A OG1 1 
ATOM   86   C  CG2 A THR A 1 12  ? 11.529  2.811   8.532   0.50 16.32 ? 261 THR A CG2 1 
ATOM   87   C  CG2 B THR A 1 12  ? 10.697  2.074   6.813   0.50 15.38 ? 261 THR A CG2 1 
ATOM   88   N  N   . PHE A 1 13  ? 13.038  -0.077  9.140   1.00 14.26 ? 262 PHE A N   1 
ATOM   89   C  CA  . PHE A 1 13  ? 12.627  -1.172  10.003  1.00 14.67 ? 262 PHE A CA  1 
ATOM   90   C  C   . PHE A 1 13  ? 11.447  -0.776  10.889  1.00 14.95 ? 262 PHE A C   1 
ATOM   91   O  O   . PHE A 1 13  ? 11.462  0.274   11.530  1.00 13.69 ? 262 PHE A O   1 
ATOM   92   C  CB  . PHE A 1 13  ? 13.805  -1.593  10.886  1.00 14.56 ? 262 PHE A CB  1 
ATOM   93   C  CG  . PHE A 1 13  ? 13.448  -2.604  11.928  1.00 16.74 ? 262 PHE A CG  1 
ATOM   94   C  CD1 . PHE A 1 13  ? 13.235  -3.933  11.582  1.00 15.95 ? 262 PHE A CD1 1 
ATOM   95   C  CD2 . PHE A 1 13  ? 13.306  -2.227  13.260  1.00 17.85 ? 262 PHE A CD2 1 
ATOM   96   C  CE1 . PHE A 1 13  ? 12.885  -4.875  12.548  1.00 18.17 ? 262 PHE A CE1 1 
ATOM   97   C  CE2 . PHE A 1 13  ? 12.955  -3.161  14.234  1.00 19.43 ? 262 PHE A CE2 1 
ATOM   98   C  CZ  . PHE A 1 13  ? 12.745  -4.486  13.877  1.00 18.36 ? 262 PHE A CZ  1 
ATOM   99   N  N   . PHE A 1 14  ? 10.422  -1.619  10.912  1.00 14.30 ? 263 PHE A N   1 
ATOM   100  C  CA  . PHE A 1 14  ? 9.260   -1.372  11.748  1.00 14.86 ? 263 PHE A CA  1 
ATOM   101  C  C   . PHE A 1 14  ? 8.653   -2.703  12.155  1.00 15.13 ? 263 PHE A C   1 
ATOM   102  O  O   . PHE A 1 14  ? 8.286   -3.514  11.307  1.00 16.90 ? 263 PHE A O   1 
ATOM   103  C  CB  . PHE A 1 14  ? 8.202   -0.536  11.022  1.00 13.76 ? 263 PHE A CB  1 
ATOM   104  C  CG  . PHE A 1 14  ? 6.957   -0.304  11.841  1.00 14.32 ? 263 PHE A CG  1 
ATOM   105  C  CD1 . PHE A 1 14  ? 7.000   0.483   12.990  1.00 15.21 ? 263 PHE A CD1 1 
ATOM   106  C  CD2 . PHE A 1 14  ? 5.747   -0.883  11.473  1.00 14.85 ? 263 PHE A CD2 1 
ATOM   107  C  CE1 . PHE A 1 14  ? 5.853   0.692   13.760  1.00 16.02 ? 263 PHE A CE1 1 
ATOM   108  C  CE2 . PHE A 1 14  ? 4.595   -0.681  12.235  1.00 14.90 ? 263 PHE A CE2 1 
ATOM   109  C  CZ  . PHE A 1 14  ? 4.648   0.107   13.379  1.00 14.47 ? 263 PHE A CZ  1 
ATOM   110  N  N   . GLN A 1 15  ? 8.569   -2.916  13.461  1.00 16.33 ? 264 GLN A N   1 
ATOM   111  C  CA  . GLN A 1 15  ? 7.995   -4.125  14.032  1.00 15.64 ? 264 GLN A CA  1 
ATOM   112  C  C   . GLN A 1 15  ? 8.224   -5.411  13.243  1.00 15.35 ? 264 GLN A C   1 
ATOM   113  O  O   . GLN A 1 15  ? 7.271   -6.059  12.813  1.00 14.97 ? 264 GLN A O   1 
ATOM   114  C  CB  . GLN A 1 15  ? 6.493   -3.934  14.245  1.00 17.67 ? 264 GLN A CB  1 
ATOM   115  C  CG  . GLN A 1 15  ? 6.129   -2.662  14.997  1.00 19.31 ? 264 GLN A CG  1 
ATOM   116  C  CD  . GLN A 1 15  ? 4.685   -2.665  15.472  1.00 25.09 ? 264 GLN A CD  1 
ATOM   117  O  OE1 . GLN A 1 15  ? 3.809   -3.256  14.835  1.00 26.26 ? 264 GLN A OE1 1 
ATOM   118  N  NE2 . GLN A 1 15  ? 4.429   -1.993  16.590  1.00 26.56 ? 264 GLN A NE2 1 
ATOM   119  N  N   . GLY A 1 16  ? 9.488   -5.770  13.052  1.00 15.52 ? 265 GLY A N   1 
ATOM   120  C  CA  . GLY A 1 16  ? 9.818   -7.003  12.358  1.00 14.23 ? 265 GLY A CA  1 
ATOM   121  C  C   . GLY A 1 16  ? 9.707   -7.015  10.851  1.00 13.17 ? 265 GLY A C   1 
ATOM   122  O  O   . GLY A 1 16  ? 9.881   -8.064  10.229  1.00 13.40 ? 265 GLY A O   1 
ATOM   123  N  N   . ASN A 1 17  ? 9.413   -5.866  10.257  1.00 12.66 ? 266 ASN A N   1 
ATOM   124  C  CA  . ASN A 1 17  ? 9.286   -5.774  8.811   1.00 13.01 ? 266 ASN A CA  1 
ATOM   125  C  C   . ASN A 1 17  ? 10.093  -4.614  8.257   1.00 12.30 ? 266 ASN A C   1 
ATOM   126  O  O   . ASN A 1 17  ? 10.428  -3.676  8.979   1.00 12.57 ? 266 ASN A O   1 
ATOM   127  C  CB  . ASN A 1 17  ? 7.817   -5.624  8.420   1.00 14.92 ? 266 ASN A CB  1 
ATOM   128  C  CG  . ASN A 1 17  ? 7.044   -6.908  8.592   1.00 15.94 ? 266 ASN A CG  1 
ATOM   129  O  OD1 . ASN A 1 17  ? 7.274   -7.884  7.876   1.00 17.05 ? 266 ASN A OD1 1 
ATOM   130  N  ND2 . ASN A 1 17  ? 6.128   -6.922  9.551   1.00 15.92 ? 266 ASN A ND2 1 
ATOM   131  N  N   . CYS A 1 18  ? 10.386  -4.692  6.964   1.00 13.20 ? 267 CYS A N   1 
ATOM   132  C  CA  . CYS A 1 18  ? 11.171  -3.683  6.268   1.00 13.35 ? 267 CYS A CA  1 
ATOM   133  C  C   . CYS A 1 18  ? 10.342  -2.974  5.207   1.00 13.56 ? 267 CYS A C   1 
ATOM   134  O  O   . CYS A 1 18  ? 9.649   -3.623  4.430   1.00 14.02 ? 267 CYS A O   1 
ATOM   135  C  CB  . CYS A 1 18  ? 12.368  -4.353  5.613   1.00 13.79 ? 267 CYS A CB  1 
ATOM   136  S  SG  . CYS A 1 18  ? 13.371  -5.290  6.803   1.00 16.36 ? 267 CYS A SG  1 
ATOM   137  N  N   . TYR A 1 19  ? 10.423  -1.645  5.175   1.00 11.93 ? 268 TYR A N   1 
ATOM   138  C  CA  . TYR A 1 19  ? 9.662   -0.863  4.208   1.00 11.96 ? 268 TYR A CA  1 
ATOM   139  C  C   . TYR A 1 19  ? 10.534  0.041   3.344   1.00 11.63 ? 268 TYR A C   1 
ATOM   140  O  O   . TYR A 1 19  ? 11.606  0.481   3.757   1.00 11.54 ? 268 TYR A O   1 
ATOM   141  C  CB  . TYR A 1 19  ? 8.613   -0.013  4.924   1.00 10.36 ? 268 TYR A CB  1 
ATOM   142  C  CG  . TYR A 1 19  ? 7.682   -0.831  5.776   1.00 9.18  ? 268 TYR A CG  1 
ATOM   143  C  CD1 . TYR A 1 19  ? 8.088   -1.315  7.016   1.00 9.94  ? 268 TYR A CD1 1 
ATOM   144  C  CD2 . TYR A 1 19  ? 6.409   -1.162  5.322   1.00 10.34 ? 268 TYR A CD2 1 
ATOM   145  C  CE1 . TYR A 1 19  ? 7.251   -2.112  7.782   1.00 8.56  ? 268 TYR A CE1 1 
ATOM   146  C  CE2 . TYR A 1 19  ? 5.561   -1.958  6.080   1.00 10.83 ? 268 TYR A CE2 1 
ATOM   147  C  CZ  . TYR A 1 19  ? 5.990   -2.428  7.311   1.00 10.23 ? 268 TYR A CZ  1 
ATOM   148  O  OH  . TYR A 1 19  ? 5.152   -3.206  8.074   1.00 11.69 ? 268 TYR A OH  1 
ATOM   149  N  N   . PHE A 1 20  ? 10.052  0.311   2.139   1.00 12.42 ? 269 PHE A N   1 
ATOM   150  C  CA  . PHE A 1 20  ? 10.759  1.151   1.184   1.00 14.00 ? 269 PHE A CA  1 
ATOM   151  C  C   . PHE A 1 20  ? 9.724   1.932   0.390   1.00 14.30 ? 269 PHE A C   1 
ATOM   152  O  O   . PHE A 1 20  ? 8.771   1.352   -0.122  1.00 16.04 ? 269 PHE A O   1 
ATOM   153  C  CB  . PHE A 1 20  ? 11.570  0.276   0.218   1.00 16.67 ? 269 PHE A CB  1 
ATOM   154  C  CG  . PHE A 1 20  ? 12.200  1.039   -0.916  1.00 17.39 ? 269 PHE A CG  1 
ATOM   155  C  CD1 . PHE A 1 20  ? 13.417  1.684   -0.748  1.00 18.99 ? 269 PHE A CD1 1 
ATOM   156  C  CD2 . PHE A 1 20  ? 11.561  1.128   -2.149  1.00 18.96 ? 269 PHE A CD2 1 
ATOM   157  C  CE1 . PHE A 1 20  ? 13.997  2.408   -1.797  1.00 20.93 ? 269 PHE A CE1 1 
ATOM   158  C  CE2 . PHE A 1 20  ? 12.125  1.847   -3.203  1.00 20.10 ? 269 PHE A CE2 1 
ATOM   159  C  CZ  . PHE A 1 20  ? 13.346  2.489   -3.026  1.00 20.50 ? 269 PHE A CZ  1 
ATOM   160  N  N   . MET A 1 21  ? 9.894   3.246   0.306   1.00 13.81 ? 270 MET A N   1 
ATOM   161  C  CA  . MET A 1 21  ? 8.965   4.056   -0.474  1.00 14.04 ? 270 MET A CA  1 
ATOM   162  C  C   . MET A 1 21  ? 9.716   4.522   -1.708  1.00 13.72 ? 270 MET A C   1 
ATOM   163  O  O   . MET A 1 21  ? 10.860  4.961   -1.616  1.00 13.23 ? 270 MET A O   1 
ATOM   164  C  CB  . MET A 1 21  ? 8.470   5.268   0.316   1.00 13.90 ? 270 MET A CB  1 
ATOM   165  C  CG  . MET A 1 21  ? 7.432   6.085   -0.452  1.00 14.94 ? 270 MET A CG  1 
ATOM   166  S  SD  . MET A 1 21  ? 6.839   7.507   0.478   1.00 22.92 ? 270 MET A SD  1 
ATOM   167  C  CE  . MET A 1 21  ? 5.102   7.147   0.601   1.00 22.26 ? 270 MET A CE  1 
ATOM   168  N  N   . SER A 1 22  ? 9.074   4.424   -2.865  1.00 13.60 ? 271 SER A N   1 
ATOM   169  C  CA  . SER A 1 22  ? 9.712   4.816   -4.116  1.00 14.57 ? 271 SER A CA  1 
ATOM   170  C  C   . SER A 1 22  ? 9.979   6.312   -4.207  1.00 16.15 ? 271 SER A C   1 
ATOM   171  O  O   . SER A 1 22  ? 9.434   7.107   -3.435  1.00 14.37 ? 271 SER A O   1 
ATOM   172  C  CB  . SER A 1 22  ? 8.840   4.404   -5.297  1.00 14.53 ? 271 SER A CB  1 
ATOM   173  O  OG  . SER A 1 22  ? 7.678   5.209   -5.350  1.00 12.64 ? 271 SER A OG  1 
ATOM   174  N  N   . ASN A 1 23  ? 10.827  6.677   -5.164  1.00 17.79 ? 272 ASN A N   1 
ATOM   175  C  CA  . ASN A 1 23  ? 11.181  8.068   -5.417  1.00 20.47 ? 272 ASN A CA  1 
ATOM   176  C  C   . ASN A 1 23  ? 10.725  8.422   -6.827  1.00 20.30 ? 272 ASN A C   1 
ATOM   177  O  O   . ASN A 1 23  ? 11.141  9.434   -7.394  1.00 20.69 ? 272 ASN A O   1 
ATOM   178  C  CB  . ASN A 1 23  ? 12.695  8.273   -5.291  1.00 25.49 ? 272 ASN A CB  1 
ATOM   179  C  CG  . ASN A 1 23  ? 13.156  8.361   -3.846  1.00 29.68 ? 272 ASN A CG  1 
ATOM   180  O  OD1 . ASN A 1 23  ? 14.355  8.400   -3.566  1.00 34.90 ? 272 ASN A OD1 1 
ATOM   181  N  ND2 . ASN A 1 23  ? 12.204  8.401   -2.922  1.00 33.24 ? 272 ASN A ND2 1 
ATOM   182  N  N   . SER A 1 24  ? 9.873   7.566   -7.383  1.00 17.54 ? 273 SER A N   1 
ATOM   183  C  CA  . SER A 1 24  ? 9.312   7.755   -8.717  1.00 15.95 ? 273 SER A CA  1 
ATOM   184  C  C   . SER A 1 24  ? 7.877   7.229   -8.701  1.00 14.87 ? 273 SER A C   1 
ATOM   185  O  O   . SER A 1 24  ? 7.436   6.648   -7.706  1.00 14.03 ? 273 SER A O   1 
ATOM   186  C  CB  . SER A 1 24  ? 10.133  6.994   -9.762  1.00 17.14 ? 273 SER A CB  1 
ATOM   187  O  OG  . SER A 1 24  ? 10.113  5.600   -9.520  1.00 18.77 ? 273 SER A OG  1 
ATOM   188  N  N   . GLN A 1 25  ? 7.161   7.423   -9.803  1.00 13.10 ? 274 GLN A N   1 
ATOM   189  C  CA  . GLN A 1 25  ? 5.771   6.983   -9.903  1.00 13.02 ? 274 GLN A CA  1 
ATOM   190  C  C   . GLN A 1 25  ? 5.549   5.922   -10.976 1.00 12.37 ? 274 GLN A C   1 
ATOM   191  O  O   . GLN A 1 25  ? 6.059   6.036   -12.081 1.00 13.18 ? 274 GLN A O   1 
ATOM   192  C  CB  . GLN A 1 25  ? 4.873   8.178   -10.205 1.00 12.19 ? 274 GLN A CB  1 
ATOM   193  C  CG  . GLN A 1 25  ? 4.939   9.292   -9.176  1.00 14.53 ? 274 GLN A CG  1 
ATOM   194  C  CD  . GLN A 1 25  ? 4.051   10.456  -9.552  1.00 16.14 ? 274 GLN A CD  1 
ATOM   195  O  OE1 . GLN A 1 25  ? 3.232   10.910  -8.755  1.00 18.40 ? 274 GLN A OE1 1 
ATOM   196  N  NE2 . GLN A 1 25  ? 4.207   10.945  -10.778 1.00 15.44 ? 274 GLN A NE2 1 
ATOM   197  N  N   . ARG A 1 26  ? 4.779   4.894   -10.636 1.00 11.83 ? 275 ARG A N   1 
ATOM   198  C  CA  . ARG A 1 26  ? 4.454   3.816   -11.567 1.00 11.87 ? 275 ARG A CA  1 
ATOM   199  C  C   . ARG A 1 26  ? 3.015   3.400   -11.330 1.00 11.98 ? 275 ARG A C   1 
ATOM   200  O  O   . ARG A 1 26  ? 2.454   3.693   -10.271 1.00 11.69 ? 275 ARG A O   1 
ATOM   201  C  CB  . ARG A 1 26  ? 5.381   2.621   -11.355 1.00 13.22 ? 275 ARG A CB  1 
ATOM   202  C  CG  . ARG A 1 26  ? 6.826   2.935   -11.689 1.00 17.75 ? 275 ARG A CG  1 
ATOM   203  C  CD  . ARG A 1 26  ? 7.722   1.713   -11.624 1.00 21.66 ? 275 ARG A CD  1 
ATOM   204  N  NE  . ARG A 1 26  ? 9.109   2.093   -11.878 1.00 26.98 ? 275 ARG A NE  1 
ATOM   205  C  CZ  . ARG A 1 26  ? 10.103  1.234   -12.075 1.00 28.46 ? 275 ARG A CZ  1 
ATOM   206  N  NH1 . ARG A 1 26  ? 9.871   -0.070  -12.052 1.00 30.14 ? 275 ARG A NH1 1 
ATOM   207  N  NH2 . ARG A 1 26  ? 11.332  1.682   -12.295 1.00 29.89 ? 275 ARG A NH2 1 
ATOM   208  N  N   . ASN A 1 27  ? 2.403   2.732   -12.304 1.00 11.74 ? 276 ASN A N   1 
ATOM   209  C  CA  . ASN A 1 27  ? 1.025   2.312   -12.102 1.00 10.81 ? 276 ASN A CA  1 
ATOM   210  C  C   . ASN A 1 27  ? 1.004   1.155   -11.112 1.00 11.17 ? 276 ASN A C   1 
ATOM   211  O  O   . ASN A 1 27  ? 2.055   0.648   -10.712 1.00 9.59  ? 276 ASN A O   1 
ATOM   212  C  CB  . ASN A 1 27  ? 0.338   1.937   -13.424 1.00 12.25 ? 276 ASN A CB  1 
ATOM   213  C  CG  . ASN A 1 27  ? 0.973   0.752   -14.108 1.00 12.73 ? 276 ASN A CG  1 
ATOM   214  O  OD1 . ASN A 1 27  ? 1.379   -0.211  -13.458 1.00 15.43 ? 276 ASN A OD1 1 
ATOM   215  N  ND2 . ASN A 1 27  ? 1.038   0.803   -15.437 1.00 11.49 ? 276 ASN A ND2 1 
ATOM   216  N  N   . TRP A 1 28  ? -0.190  0.742   -10.710 1.00 10.45 ? 277 TRP A N   1 
ATOM   217  C  CA  . TRP A 1 28  ? -0.323  -0.314  -9.718  1.00 10.14 ? 277 TRP A CA  1 
ATOM   218  C  C   . TRP A 1 28  ? 0.414   -1.606  -10.069 1.00 12.33 ? 277 TRP A C   1 
ATOM   219  O  O   . TRP A 1 28  ? 1.201   -2.116  -9.270  1.00 11.22 ? 277 TRP A O   1 
ATOM   220  C  CB  . TRP A 1 28  ? -1.800  -0.603  -9.478  1.00 9.58  ? 277 TRP A CB  1 
ATOM   221  C  CG  . TRP A 1 28  ? -2.055  -1.383  -8.233  1.00 8.99  ? 277 TRP A CG  1 
ATOM   222  C  CD1 . TRP A 1 28  ? -2.001  -0.921  -6.946  1.00 8.30  ? 277 TRP A CD1 1 
ATOM   223  C  CD2 . TRP A 1 28  ? -2.409  -2.766  -8.150  1.00 9.72  ? 277 TRP A CD2 1 
ATOM   224  N  NE1 . TRP A 1 28  ? -2.302  -1.933  -6.068  1.00 9.60  ? 277 TRP A NE1 1 
ATOM   225  C  CE2 . TRP A 1 28  ? -2.557  -3.077  -6.779  1.00 9.17  ? 277 TRP A CE2 1 
ATOM   226  C  CE3 . TRP A 1 28  ? -2.619  -3.776  -9.102  1.00 10.56 ? 277 TRP A CE3 1 
ATOM   227  C  CZ2 . TRP A 1 28  ? -2.906  -4.354  -6.335  1.00 11.89 ? 277 TRP A CZ2 1 
ATOM   228  C  CZ3 . TRP A 1 28  ? -2.969  -5.048  -8.659  1.00 11.86 ? 277 TRP A CZ3 1 
ATOM   229  C  CH2 . TRP A 1 28  ? -3.108  -5.325  -7.286  1.00 12.38 ? 277 TRP A CH2 1 
ATOM   230  N  N   . HIS A 1 29  ? 0.163   -2.133  -11.260 1.00 12.17 ? 278 HIS A N   1 
ATOM   231  C  CA  . HIS A 1 29  ? 0.808   -3.370  -11.681 1.00 14.25 ? 278 HIS A CA  1 
ATOM   232  C  C   . HIS A 1 29  ? 2.332   -3.269  -11.726 1.00 14.10 ? 278 HIS A C   1 
ATOM   233  O  O   . HIS A 1 29  ? 3.032   -4.189  -11.297 1.00 13.93 ? 278 HIS A O   1 
ATOM   234  C  CB  . HIS A 1 29  ? 0.274   -3.800  -13.047 1.00 17.43 ? 278 HIS A CB  1 
ATOM   235  C  CG  . HIS A 1 29  ? -1.209  -3.995  -13.075 1.00 20.05 ? 278 HIS A CG  1 
ATOM   236  N  ND1 . HIS A 1 29  ? -2.091  -2.975  -13.358 1.00 23.43 ? 278 HIS A ND1 1 
ATOM   237  C  CD2 . HIS A 1 29  ? -1.968  -5.088  -12.823 1.00 21.99 ? 278 HIS A CD2 1 
ATOM   238  C  CE1 . HIS A 1 29  ? -3.329  -3.431  -13.282 1.00 22.39 ? 278 HIS A CE1 1 
ATOM   239  N  NE2 . HIS A 1 29  ? -3.282  -4.710  -12.959 1.00 22.52 ? 278 HIS A NE2 1 
ATOM   240  N  N   . ASP A 1 30  ? 2.843   -2.154  -12.240 1.00 13.35 ? 279 ASP A N   1 
ATOM   241  C  CA  . ASP A 1 30  ? 4.283   -1.949  -12.328 1.00 13.70 ? 279 ASP A CA  1 
ATOM   242  C  C   . ASP A 1 30  ? 4.902   -1.787  -10.942 1.00 12.05 ? 279 ASP A C   1 
ATOM   243  O  O   . ASP A 1 30  ? 6.067   -2.136  -10.725 1.00 12.28 ? 279 ASP A O   1 
ATOM   244  C  CB  . ASP A 1 30  ? 4.593   -0.724  -13.196 1.00 14.16 ? 279 ASP A CB  1 
ATOM   245  C  CG  . ASP A 1 30  ? 4.333   -0.975  -14.675 1.00 16.22 ? 279 ASP A CG  1 
ATOM   246  O  OD1 . ASP A 1 30  ? 4.441   -0.022  -15.475 1.00 15.49 ? 279 ASP A OD1 1 
ATOM   247  O  OD2 . ASP A 1 30  ? 4.023   -2.128  -15.036 1.00 15.88 ? 279 ASP A OD2 1 
ATOM   248  N  N   . SER A 1 31  ? 4.130   -1.248  -10.003 1.00 11.64 ? 280 SER A N   1 
ATOM   249  C  CA  . SER A 1 31  ? 4.629   -1.084  -8.645  1.00 12.86 ? 280 SER A CA  1 
ATOM   250  C  C   . SER A 1 31  ? 4.787   -2.470  -8.016  1.00 12.19 ? 280 SER A C   1 
ATOM   251  O  O   . SER A 1 31  ? 5.729   -2.721  -7.268  1.00 13.72 ? 280 SER A O   1 
ATOM   252  C  CB  . SER A 1 31  ? 3.666   -0.224  -7.825  1.00 12.31 ? 280 SER A CB  1 
ATOM   253  O  OG  . SER A 1 31  ? 3.618   1.091   -8.352  1.00 11.26 ? 280 SER A OG  1 
ATOM   254  N  N   . ILE A 1 32  ? 3.867   -3.372  -8.331  1.00 12.48 ? 281 ILE A N   1 
ATOM   255  C  CA  . ILE A 1 32  ? 3.944   -4.734  -7.817  1.00 12.10 ? 281 ILE A CA  1 
ATOM   256  C  C   . ILE A 1 32  ? 5.248   -5.360  -8.316  1.00 14.35 ? 281 ILE A C   1 
ATOM   257  O  O   . ILE A 1 32  ? 5.999   -5.967  -7.547  1.00 14.36 ? 281 ILE A O   1 
ATOM   258  C  CB  . ILE A 1 32  ? 2.744   -5.576  -8.303  1.00 12.80 ? 281 ILE A CB  1 
ATOM   259  C  CG1 . ILE A 1 32  ? 1.473   -5.108  -7.589  1.00 13.08 ? 281 ILE A CG1 1 
ATOM   260  C  CG2 . ILE A 1 32  ? 2.998   -7.068  -8.054  1.00 11.56 ? 281 ILE A CG2 1 
ATOM   261  C  CD1 . ILE A 1 32  ? 0.219   -5.813  -8.037  1.00 12.62 ? 281 ILE A CD1 1 
ATOM   262  N  N   . THR A 1 33  ? 5.515   -5.188  -9.605  1.00 14.35 ? 282 THR A N   1 
ATOM   263  C  CA  . THR A 1 33  ? 6.726   -5.722  -10.217 1.00 13.99 ? 282 THR A CA  1 
ATOM   264  C  C   . THR A 1 33  ? 7.969   -5.089  -9.607  1.00 13.87 ? 282 THR A C   1 
ATOM   265  O  O   . THR A 1 33  ? 8.970   -5.764  -9.378  1.00 12.49 ? 282 THR A O   1 
ATOM   266  C  CB  . THR A 1 33  ? 6.731   -5.462  -11.732 1.00 15.17 ? 282 THR A CB  1 
ATOM   267  O  OG1 . THR A 1 33  ? 5.623   -6.144  -12.328 1.00 15.21 ? 282 THR A OG1 1 
ATOM   268  C  CG2 . THR A 1 33  ? 8.029   -5.947  -12.358 1.00 14.53 ? 282 THR A CG2 1 
ATOM   269  N  N   . ALA A 1 34  ? 7.896   -3.787  -9.340  1.00 13.16 ? 283 ALA A N   1 
ATOM   270  C  CA  . ALA A 1 34  ? 9.014   -3.065  -8.754  1.00 12.80 ? 283 ALA A CA  1 
ATOM   271  C  C   . ALA A 1 34  ? 9.394   -3.668  -7.401  1.00 12.73 ? 283 ALA A C   1 
ATOM   272  O  O   . ALA A 1 34  ? 10.576  -3.806  -7.082  1.00 11.91 ? 283 ALA A O   1 
ATOM   273  C  CB  . ALA A 1 34  ? 8.653   -1.586  -8.591  1.00 13.25 ? 283 ALA A CB  1 
ATOM   274  N  N   . CYS A 1 35  ? 8.388   -4.017  -6.605  1.00 11.27 ? 284 CYS A N   1 
ATOM   275  C  CA  . CYS A 1 35  ? 8.633   -4.603  -5.296  1.00 11.93 ? 284 CYS A CA  1 
ATOM   276  C  C   . CYS A 1 35  ? 9.194   -6.018  -5.405  1.00 12.95 ? 284 CYS A C   1 
ATOM   277  O  O   . CYS A 1 35  ? 10.133  -6.378  -4.693  1.00 13.23 ? 284 CYS A O   1 
ATOM   278  C  CB  . CYS A 1 35  ? 7.346   -4.606  -4.472  1.00 10.68 ? 284 CYS A CB  1 
ATOM   279  S  SG  . CYS A 1 35  ? 6.798   -2.937  -3.971  1.00 12.60 ? 284 CYS A SG  1 
ATOM   280  N  N   . LYS A 1 36  ? 8.625   -6.823  -6.293  1.00 15.08 ? 285 LYS A N   1 
ATOM   281  C  CA  . LYS A 1 36  ? 9.111   -8.188  -6.470  1.00 15.60 ? 285 LYS A CA  1 
ATOM   282  C  C   . LYS A 1 36  ? 10.578  -8.182  -6.883  1.00 16.53 ? 285 LYS A C   1 
ATOM   283  O  O   . LYS A 1 36  ? 11.359  -9.027  -6.447  1.00 17.51 ? 285 LYS A O   1 
ATOM   284  C  CB  . LYS A 1 36  ? 8.286   -8.924  -7.527  1.00 18.32 ? 285 LYS A CB  1 
ATOM   285  C  CG  . LYS A 1 36  ? 6.884   -9.284  -7.084  1.00 21.10 ? 285 LYS A CG  1 
ATOM   286  C  CD  . LYS A 1 36  ? 6.131   -9.988  -8.203  1.00 25.02 ? 285 LYS A CD  1 
ATOM   287  C  CE  . LYS A 1 36  ? 4.682   -10.254 -7.817  1.00 27.59 ? 285 LYS A CE  1 
ATOM   288  N  NZ  . LYS A 1 36  ? 3.860   -10.670 -8.992  1.00 28.78 ? 285 LYS A NZ  1 
ATOM   289  N  N   . GLU A 1 37  ? 10.956  -7.220  -7.713  1.00 16.42 ? 286 GLU A N   1 
ATOM   290  C  CA  . GLU A 1 37  ? 12.331  -7.144  -8.175  1.00 18.55 ? 286 GLU A CA  1 
ATOM   291  C  C   . GLU A 1 37  ? 13.322  -6.882  -7.043  1.00 18.93 ? 286 GLU A C   1 
ATOM   292  O  O   . GLU A 1 37  ? 14.507  -7.167  -7.180  1.00 20.78 ? 286 GLU A O   1 
ATOM   293  C  CB  . GLU A 1 37  ? 12.447  -6.098  -9.285  1.00 19.43 ? 286 GLU A CB  1 
ATOM   294  C  CG  . GLU A 1 37  ? 11.502  -6.417  -10.440 1.00 24.20 ? 286 GLU A CG  1 
ATOM   295  C  CD  . GLU A 1 37  ? 11.761  -5.603  -11.687 1.00 25.28 ? 286 GLU A CD  1 
ATOM   296  O  OE1 . GLU A 1 37  ? 12.146  -4.424  -11.553 1.00 26.10 ? 286 GLU A OE1 1 
ATOM   297  O  OE2 . GLU A 1 37  ? 11.562  -6.142  -12.800 1.00 24.52 ? 286 GLU A OE2 1 
ATOM   298  N  N   . VAL A 1 38  ? 12.839  -6.351  -5.921  1.00 17.38 ? 287 VAL A N   1 
ATOM   299  C  CA  . VAL A 1 38  ? 13.709  -6.114  -4.774  1.00 17.11 ? 287 VAL A CA  1 
ATOM   300  C  C   . VAL A 1 38  ? 13.356  -7.088  -3.644  1.00 18.03 ? 287 VAL A C   1 
ATOM   301  O  O   . VAL A 1 38  ? 13.544  -6.793  -2.464  1.00 17.75 ? 287 VAL A O   1 
ATOM   302  C  CB  . VAL A 1 38  ? 13.606  -4.652  -4.257  1.00 16.44 ? 287 VAL A CB  1 
ATOM   303  C  CG1 . VAL A 1 38  ? 14.167  -3.695  -5.298  1.00 17.65 ? 287 VAL A CG1 1 
ATOM   304  C  CG2 . VAL A 1 38  ? 12.166  -4.301  -3.943  1.00 16.33 ? 287 VAL A CG2 1 
ATOM   305  N  N   . GLY A 1 39  ? 12.840  -8.253  -4.028  1.00 16.28 ? 288 GLY A N   1 
ATOM   306  C  CA  . GLY A 1 39  ? 12.472  -9.277  -3.064  1.00 16.42 ? 288 GLY A CA  1 
ATOM   307  C  C   . GLY A 1 39  ? 11.405  -8.872  -2.066  1.00 15.85 ? 288 GLY A C   1 
ATOM   308  O  O   . GLY A 1 39  ? 11.360  -9.399  -0.952  1.00 15.90 ? 288 GLY A O   1 
ATOM   309  N  N   . ALA A 1 40  ? 10.532  -7.952  -2.461  1.00 13.75 ? 289 ALA A N   1 
ATOM   310  C  CA  . ALA A 1 40  ? 9.483   -7.487  -1.565  1.00 12.76 ? 289 ALA A CA  1 
ATOM   311  C  C   . ALA A 1 40  ? 8.106   -7.605  -2.196  1.00 12.41 ? 289 ALA A C   1 
ATOM   312  O  O   . ALA A 1 40  ? 7.929   -8.270  -3.216  1.00 11.71 ? 289 ALA A O   1 
ATOM   313  C  CB  . ALA A 1 40  ? 9.747   -6.041  -1.158  1.00 10.97 ? 289 ALA A CB  1 
ATOM   314  N  N   . GLN A 1 41  ? 7.132   -6.944  -1.582  1.00 10.78 ? 290 GLN A N   1 
ATOM   315  C  CA  . GLN A 1 41  ? 5.757   -6.987  -2.069  1.00 10.78 ? 290 GLN A CA  1 
ATOM   316  C  C   . GLN A 1 41  ? 5.088   -5.634  -1.882  1.00 11.13 ? 290 GLN A C   1 
ATOM   317  O  O   . GLN A 1 41  ? 5.289   -4.982  -0.860  1.00 11.89 ? 290 GLN A O   1 
ATOM   318  C  CB  . GLN A 1 41  ? 4.985   -8.056  -1.289  1.00 11.53 ? 290 GLN A CB  1 
ATOM   319  C  CG  . GLN A 1 41  ? 3.525   -8.220  -1.671  1.00 12.52 ? 290 GLN A CG  1 
ATOM   320  C  CD  . GLN A 1 41  ? 2.864   -9.353  -0.907  1.00 15.99 ? 290 GLN A CD  1 
ATOM   321  O  OE1 . GLN A 1 41  ? 2.700   -9.282  0.311   1.00 19.66 ? 290 GLN A OE1 1 
ATOM   322  N  NE2 . GLN A 1 41  ? 2.494   -10.415 -1.619  1.00 17.41 ? 290 GLN A NE2 1 
ATOM   323  N  N   . LEU A 1 42  ? 4.300   -5.205  -2.866  1.00 11.80 ? 291 LEU A N   1 
ATOM   324  C  CA  . LEU A 1 42  ? 3.593   -3.938  -2.734  1.00 12.07 ? 291 LEU A CA  1 
ATOM   325  C  C   . LEU A 1 42  ? 2.885   -4.111  -1.392  1.00 12.89 ? 291 LEU A C   1 
ATOM   326  O  O   . LEU A 1 42  ? 2.067   -5.018  -1.221  1.00 13.21 ? 291 LEU A O   1 
ATOM   327  C  CB  . LEU A 1 42  ? 2.590   -3.764  -3.879  1.00 11.12 ? 291 LEU A CB  1 
ATOM   328  C  CG  . LEU A 1 42  ? 1.883   -2.411  -3.952  1.00 11.31 ? 291 LEU A CG  1 
ATOM   329  C  CD1 . LEU A 1 42  ? 2.902   -1.280  -3.980  1.00 11.59 ? 291 LEU A CD1 1 
ATOM   330  C  CD2 . LEU A 1 42  ? 1.007   -2.375  -5.189  1.00 8.96  ? 291 LEU A CD2 1 
ATOM   331  N  N   . VAL A 1 43  ? 3.213   -3.236  -0.446  1.00 12.76 ? 292 VAL A N   1 
ATOM   332  C  CA  . VAL A 1 43  ? 2.715   -3.326  0.919   1.00 10.72 ? 292 VAL A CA  1 
ATOM   333  C  C   . VAL A 1 43  ? 1.305   -3.825  1.203   1.00 11.82 ? 292 VAL A C   1 
ATOM   334  O  O   . VAL A 1 43  ? 0.306   -3.258  0.759   1.00 10.87 ? 292 VAL A O   1 
ATOM   335  C  CB  . VAL A 1 43  ? 2.939   -1.992  1.688   1.00 11.27 ? 292 VAL A CB  1 
ATOM   336  C  CG1 . VAL A 1 43  ? 1.993   -0.923  1.191   1.00 8.97  ? 292 VAL A CG1 1 
ATOM   337  C  CG2 . VAL A 1 43  ? 2.777   -2.226  3.185   1.00 11.46 ? 292 VAL A CG2 1 
ATOM   338  N  N   . VAL A 1 44  ? 1.256   -4.919  1.953   1.00 11.57 ? 293 VAL A N   1 
ATOM   339  C  CA  . VAL A 1 44  ? 0.005   -5.524  2.383   1.00 11.71 ? 293 VAL A CA  1 
ATOM   340  C  C   . VAL A 1 44  ? -0.071  -5.197  3.868   1.00 11.96 ? 293 VAL A C   1 
ATOM   341  O  O   . VAL A 1 44  ? 0.796   -5.605  4.644   1.00 13.26 ? 293 VAL A O   1 
ATOM   342  C  CB  . VAL A 1 44  ? 0.025   -7.048  2.183   1.00 11.08 ? 293 VAL A CB  1 
ATOM   343  C  CG1 . VAL A 1 44  ? -1.201  -7.678  2.832   1.00 11.29 ? 293 VAL A CG1 1 
ATOM   344  C  CG2 . VAL A 1 44  ? 0.054   -7.365  0.701   1.00 11.99 ? 293 VAL A CG2 1 
ATOM   345  N  N   . ILE A 1 45  ? -1.095  -4.447  4.262   1.00 10.86 ? 294 ILE A N   1 
ATOM   346  C  CA  . ILE A 1 45  ? -1.252  -4.042  5.657   1.00 11.22 ? 294 ILE A CA  1 
ATOM   347  C  C   . ILE A 1 45  ? -1.925  -5.143  6.471   1.00 12.60 ? 294 ILE A C   1 
ATOM   348  O  O   . ILE A 1 45  ? -2.940  -5.696  6.055   1.00 12.10 ? 294 ILE A O   1 
ATOM   349  C  CB  . ILE A 1 45  ? -2.064  -2.729  5.744   1.00 11.53 ? 294 ILE A CB  1 
ATOM   350  C  CG1 . ILE A 1 45  ? -1.425  -1.679  4.826   1.00 10.84 ? 294 ILE A CG1 1 
ATOM   351  C  CG2 . ILE A 1 45  ? -2.094  -2.219  7.178   1.00 9.96  ? 294 ILE A CG2 1 
ATOM   352  C  CD1 . ILE A 1 45  ? -2.114  -0.325  4.845   1.00 11.69 ? 294 ILE A CD1 1 
ATOM   353  N  N   . LYS A 1 46  ? -1.358  -5.454  7.634   1.00 13.29 ? 295 LYS A N   1 
ATOM   354  C  CA  . LYS A 1 46  ? -1.890  -6.523  8.472   1.00 13.38 ? 295 LYS A CA  1 
ATOM   355  C  C   . LYS A 1 46  ? -2.419  -6.102  9.834   1.00 12.17 ? 295 LYS A C   1 
ATOM   356  O  O   . LYS A 1 46  ? -2.996  -6.918  10.542  1.00 12.53 ? 295 LYS A O   1 
ATOM   357  C  CB  . LYS A 1 46  ? -0.820  -7.600  8.670   1.00 16.22 ? 295 LYS A CB  1 
ATOM   358  C  CG  . LYS A 1 46  ? -0.359  -8.279  7.386   1.00 16.75 ? 295 LYS A CG  1 
ATOM   359  C  CD  . LYS A 1 46  ? -1.489  -9.047  6.729   1.00 21.27 ? 295 LYS A CD  1 
ATOM   360  C  CE  . LYS A 1 46  ? -0.991  -9.823  5.524   1.00 22.45 ? 295 LYS A CE  1 
ATOM   361  N  NZ  . LYS A 1 46  ? -2.114  -10.491 4.809   1.00 25.29 ? 295 LYS A NZ  1 
ATOM   362  N  N   . SER A 1 47  ? -2.237  -4.840  10.204  1.00 11.24 ? 296 SER A N   1 
ATOM   363  C  CA  . SER A 1 47  ? -2.718  -4.376  11.502  1.00 11.96 ? 296 SER A CA  1 
ATOM   364  C  C   . SER A 1 47  ? -2.979  -2.883  11.497  1.00 11.17 ? 296 SER A C   1 
ATOM   365  O  O   . SER A 1 47  ? -2.426  -2.151  10.679  1.00 11.33 ? 296 SER A O   1 
ATOM   366  C  CB  . SER A 1 47  ? -1.684  -4.676  12.589  1.00 11.97 ? 296 SER A CB  1 
ATOM   367  O  OG  . SER A 1 47  ? -0.610  -3.752  12.504  1.00 11.90 ? 296 SER A OG  1 
ATOM   368  N  N   . ALA A 1 48  ? -3.813  -2.436  12.431  1.00 10.68 ? 297 ALA A N   1 
ATOM   369  C  CA  . ALA A 1 48  ? -4.135  -1.020  12.548  1.00 10.58 ? 297 ALA A CA  1 
ATOM   370  C  C   . ALA A 1 48  ? -2.861  -0.232  12.812  1.00 10.06 ? 297 ALA A C   1 
ATOM   371  O  O   . ALA A 1 48  ? -2.679  0.869   12.294  1.00 11.36 ? 297 ALA A O   1 
ATOM   372  C  CB  . ALA A 1 48  ? -5.131  -0.802  13.681  1.00 9.98  ? 297 ALA A CB  1 
ATOM   373  N  N   . GLU A 1 49  ? -1.975  -0.795  13.626  1.00 10.06 ? 298 GLU A N   1 
ATOM   374  C  CA  . GLU A 1 49  ? -0.728  -0.119  13.942  1.00 10.80 ? 298 GLU A CA  1 
ATOM   375  C  C   . GLU A 1 49  ? 0.120   0.094   12.691  1.00 11.02 ? 298 GLU A C   1 
ATOM   376  O  O   . GLU A 1 49  ? 0.694   1.163   12.499  1.00 11.72 ? 298 GLU A O   1 
ATOM   377  C  CB  . GLU A 1 49  ? 0.069   -0.918  14.977  1.00 11.93 ? 298 GLU A CB  1 
ATOM   378  C  CG  . GLU A 1 49  ? -0.599  -1.041  16.343  1.00 13.13 ? 298 GLU A CG  1 
ATOM   379  C  CD  . GLU A 1 49  ? -1.835  -1.932  16.335  1.00 12.60 ? 298 GLU A CD  1 
ATOM   380  O  OE1 . GLU A 1 49  ? -1.868  -2.909  15.559  1.00 13.66 ? 298 GLU A OE1 1 
ATOM   381  O  OE2 . GLU A 1 49  ? -2.767  -1.672  17.128  1.00 15.48 ? 298 GLU A OE2 1 
ATOM   382  N  N   . GLU A 1 50  ? 0.198   -0.928  11.844  1.00 9.88  ? 299 GLU A N   1 
ATOM   383  C  CA  . GLU A 1 50  ? 0.976   -0.837  10.615  1.00 9.97  ? 299 GLU A CA  1 
ATOM   384  C  C   . GLU A 1 50  ? 0.363   0.205   9.687   1.00 10.30 ? 299 GLU A C   1 
ATOM   385  O  O   . GLU A 1 50  ? 1.076   0.956   9.024   1.00 10.22 ? 299 GLU A O   1 
ATOM   386  C  CB  . GLU A 1 50  ? 1.011   -2.193  9.916   1.00 9.91  ? 299 GLU A CB  1 
ATOM   387  C  CG  . GLU A 1 50  ? 1.954   -2.239  8.728   1.00 11.17 ? 299 GLU A CG  1 
ATOM   388  C  CD  . GLU A 1 50  ? 1.970   -3.597  8.061   1.00 12.43 ? 299 GLU A CD  1 
ATOM   389  O  OE1 . GLU A 1 50  ? 2.808   -3.809  7.166   1.00 12.01 ? 299 GLU A OE1 1 
ATOM   390  O  OE2 . GLU A 1 50  ? 1.137   -4.448  8.433   1.00 10.36 ? 299 GLU A OE2 1 
ATOM   391  N  N   . GLN A 1 51  ? -0.964  0.239   9.635   1.00 9.92  ? 300 GLN A N   1 
ATOM   392  C  CA  . GLN A 1 51  ? -1.664  1.208   8.803   1.00 11.52 ? 300 GLN A CA  1 
ATOM   393  C  C   . GLN A 1 51  ? -1.335  2.616   9.280   1.00 10.91 ? 300 GLN A C   1 
ATOM   394  O  O   . GLN A 1 51  ? -1.011  3.489   8.479   1.00 11.78 ? 300 GLN A O   1 
ATOM   395  C  CB  . GLN A 1 51  ? -3.180  0.955   8.868   1.00 10.45 ? 300 GLN A CB  1 
ATOM   396  C  CG  . GLN A 1 51  ? -4.086  2.188   8.709   1.00 12.07 ? 300 GLN A CG  1 
ATOM   397  C  CD  . GLN A 1 51  ? -3.870  2.941   7.411   1.00 11.29 ? 300 GLN A CD  1 
ATOM   398  O  OE1 . GLN A 1 51  ? -3.453  2.367   6.410   1.00 10.94 ? 300 GLN A OE1 1 
ATOM   399  N  NE2 . GLN A 1 51  ? -4.173  4.235   7.420   1.00 9.68  ? 300 GLN A NE2 1 
ATOM   400  N  N   . ASN A 1 52  ? -1.402  2.834   10.588  1.00 11.87 ? 301 ASN A N   1 
ATOM   401  C  CA  . ASN A 1 52  ? -1.114  4.156   11.123  1.00 13.84 ? 301 ASN A CA  1 
ATOM   402  C  C   . ASN A 1 52  ? 0.314   4.561   10.774  1.00 14.15 ? 301 ASN A C   1 
ATOM   403  O  O   . ASN A 1 52  ? 0.580   5.717   10.447  1.00 13.44 ? 301 ASN A O   1 
ATOM   404  C  CB  . ASN A 1 52  ? -1.320  4.177   12.639  1.00 18.77 ? 301 ASN A CB  1 
ATOM   405  C  CG  . ASN A 1 52  ? -2.748  3.847   13.037  1.00 24.24 ? 301 ASN A CG  1 
ATOM   406  O  OD1 . ASN A 1 52  ? -3.702  4.428   12.513  1.00 28.56 ? 301 ASN A OD1 1 
ATOM   407  N  ND2 . ASN A 1 52  ? -2.904  2.913   13.970  1.00 29.37 ? 301 ASN A ND2 1 
ATOM   408  N  N   . PHE A 1 53  ? 1.226   3.597   10.835  1.00 13.05 ? 302 PHE A N   1 
ATOM   409  C  CA  . PHE A 1 53  ? 2.633   3.836   10.524  1.00 12.05 ? 302 PHE A CA  1 
ATOM   410  C  C   . PHE A 1 53  ? 2.819   4.233   9.061   1.00 12.96 ? 302 PHE A C   1 
ATOM   411  O  O   . PHE A 1 53  ? 3.480   5.224   8.749   1.00 13.68 ? 302 PHE A O   1 
ATOM   412  C  CB  . PHE A 1 53  ? 3.439   2.574   10.843  1.00 12.55 ? 302 PHE A CB  1 
ATOM   413  C  CG  . PHE A 1 53  ? 4.792   2.527   10.198  1.00 13.43 ? 302 PHE A CG  1 
ATOM   414  C  CD1 . PHE A 1 53  ? 5.024   1.698   9.101   1.00 13.43 ? 302 PHE A CD1 1 
ATOM   415  C  CD2 . PHE A 1 53  ? 5.844   3.286   10.698  1.00 13.30 ? 302 PHE A CD2 1 
ATOM   416  C  CE1 . PHE A 1 53  ? 6.285   1.624   8.517   1.00 16.33 ? 302 PHE A CE1 1 
ATOM   417  C  CE2 . PHE A 1 53  ? 7.109   3.221   10.122  1.00 14.18 ? 302 PHE A CE2 1 
ATOM   418  C  CZ  . PHE A 1 53  ? 7.332   2.386   9.031   1.00 14.05 ? 302 PHE A CZ  1 
ATOM   419  N  N   . LEU A 1 54  ? 2.222   3.455   8.167   1.00 12.93 ? 303 LEU A N   1 
ATOM   420  C  CA  . LEU A 1 54  ? 2.329   3.716   6.740   1.00 12.22 ? 303 LEU A CA  1 
ATOM   421  C  C   . LEU A 1 54  ? 1.614   4.992   6.315   1.00 12.80 ? 303 LEU A C   1 
ATOM   422  O  O   . LEU A 1 54  ? 2.147   5.768   5.525   1.00 11.87 ? 303 LEU A O   1 
ATOM   423  C  CB  . LEU A 1 54  ? 1.778   2.525   5.954   1.00 14.17 ? 303 LEU A CB  1 
ATOM   424  C  CG  . LEU A 1 54  ? 2.566   1.222   6.110   1.00 12.96 ? 303 LEU A CG  1 
ATOM   425  C  CD1 . LEU A 1 54  ? 1.768   0.068   5.553   1.00 13.46 ? 303 LEU A CD1 1 
ATOM   426  C  CD2 . LEU A 1 54  ? 3.909   1.347   5.392   1.00 16.05 ? 303 LEU A CD2 1 
ATOM   427  N  N   . GLN A 1 55  ? 0.413   5.214   6.837   1.00 12.71 ? 304 GLN A N   1 
ATOM   428  C  CA  . GLN A 1 55  ? -0.343  6.407   6.463   1.00 14.28 ? 304 GLN A CA  1 
ATOM   429  C  C   . GLN A 1 55  ? 0.462   7.674   6.727   1.00 16.12 ? 304 GLN A C   1 
ATOM   430  O  O   . GLN A 1 55  ? 0.443   8.609   5.928   1.00 14.05 ? 304 GLN A O   1 
ATOM   431  C  CB  . GLN A 1 55  ? -1.665  6.469   7.234   1.00 13.11 ? 304 GLN A CB  1 
ATOM   432  C  CG  . GLN A 1 55  ? -2.653  7.516   6.716   1.00 13.29 ? 304 GLN A CG  1 
ATOM   433  C  CD  . GLN A 1 55  ? -3.236  7.163   5.356   1.00 14.82 ? 304 GLN A CD  1 
ATOM   434  O  OE1 . GLN A 1 55  ? -3.785  6.076   5.167   1.00 15.04 ? 304 GLN A OE1 1 
ATOM   435  N  NE2 . GLN A 1 55  ? -3.130  8.085   4.403   1.00 13.24 ? 304 GLN A NE2 1 
ATOM   436  N  N   . LEU A 1 56  ? 1.180   7.698   7.846   1.00 16.96 ? 305 LEU A N   1 
ATOM   437  C  CA  . LEU A 1 56  ? 1.978   8.863   8.209   1.00 20.59 ? 305 LEU A CA  1 
ATOM   438  C  C   . LEU A 1 56  ? 3.005   9.229   7.140   1.00 21.05 ? 305 LEU A C   1 
ATOM   439  O  O   . LEU A 1 56  ? 3.246   10.405  6.882   1.00 22.01 ? 305 LEU A O   1 
ATOM   440  C  CB  . LEU A 1 56  ? 2.692   8.622   9.542   1.00 20.88 ? 305 LEU A CB  1 
ATOM   441  C  CG  . LEU A 1 56  ? 3.558   9.782   10.048  1.00 24.31 ? 305 LEU A CG  1 
ATOM   442  C  CD1 . LEU A 1 56  ? 2.675   10.993  10.303  1.00 25.49 ? 305 LEU A CD1 1 
ATOM   443  C  CD2 . LEU A 1 56  ? 4.289   9.377   11.320  1.00 23.44 ? 305 LEU A CD2 1 
ATOM   444  N  N   . GLN A 1 57  ? 3.597   8.218   6.511   1.00 21.92 ? 306 GLN A N   1 
ATOM   445  C  CA  . GLN A 1 57  ? 4.611   8.439   5.485   1.00 22.23 ? 306 GLN A CA  1 
ATOM   446  C  C   . GLN A 1 57  ? 4.051   9.117   4.235   1.00 22.27 ? 306 GLN A C   1 
ATOM   447  O  O   . GLN A 1 57  ? 4.769   9.826   3.534   1.00 22.51 ? 306 GLN A O   1 
ATOM   448  C  CB  . GLN A 1 57  ? 5.270   7.103   5.126   1.00 22.09 ? 306 GLN A CB  1 
ATOM   449  C  CG  . GLN A 1 57  ? 6.444   7.195   4.164   1.00 24.25 ? 306 GLN A CG  1 
ATOM   450  C  CD  . GLN A 1 57  ? 7.533   8.141   4.639   1.00 23.94 ? 306 GLN A CD  1 
ATOM   451  O  OE1 . GLN A 1 57  ? 7.685   8.388   5.834   1.00 23.79 ? 306 GLN A OE1 1 
ATOM   452  N  NE2 . GLN A 1 57  ? 8.309   8.663   3.698   1.00 25.26 ? 306 GLN A NE2 1 
ATOM   453  N  N   A SER A 1 58  ? 2.768   8.894   3.970   0.50 22.26 ? 307 SER A N   1 
ATOM   454  N  N   B SER A 1 58  ? 2.769   8.905   3.952   0.50 22.61 ? 307 SER A N   1 
ATOM   455  C  CA  A SER A 1 58  ? 2.106   9.480   2.813   0.50 23.22 ? 307 SER A CA  1 
ATOM   456  C  CA  B SER A 1 58  ? 2.149   9.529   2.787   0.50 23.92 ? 307 SER A CA  1 
ATOM   457  C  C   A SER A 1 58  ? 1.550   10.861  3.132   0.50 24.85 ? 307 SER A C   1 
ATOM   458  C  C   B SER A 1 58  ? 1.563   10.890  3.135   0.50 25.24 ? 307 SER A C   1 
ATOM   459  O  O   A SER A 1 58  ? 1.665   11.788  2.331   0.50 24.24 ? 307 SER A O   1 
ATOM   460  O  O   B SER A 1 58  ? 1.667   11.834  2.352   0.50 24.62 ? 307 SER A O   1 
ATOM   461  C  CB  A SER A 1 58  ? 0.966   8.572   2.347   0.50 23.43 ? 307 SER A CB  1 
ATOM   462  C  CB  B SER A 1 58  ? 1.054   8.632   2.205   0.50 24.61 ? 307 SER A CB  1 
ATOM   463  O  OG  A SER A 1 58  ? 0.188   9.209   1.351   0.50 20.86 ? 307 SER A OG  1 
ATOM   464  O  OG  B SER A 1 58  ? 1.612   7.619   1.389   0.50 24.40 ? 307 SER A OG  1 
ATOM   465  N  N   . SER A 1 59  ? 0.941   10.988  4.306   1.00 26.32 ? 308 SER A N   1 
ATOM   466  C  CA  . SER A 1 59  ? 0.356   12.250  4.738   1.00 29.30 ? 308 SER A CA  1 
ATOM   467  C  C   . SER A 1 59  ? 1.469   13.240  5.059   1.00 32.27 ? 308 SER A C   1 
ATOM   468  O  O   . SER A 1 59  ? 1.297   14.453  4.924   1.00 34.91 ? 308 SER A O   1 
ATOM   469  C  CB  . SER A 1 59  ? -0.533  12.034  5.969   1.00 28.48 ? 308 SER A CB  1 
ATOM   470  O  OG  . SER A 1 59  ? 0.208   11.520  7.061   1.00 30.06 ? 308 SER A OG  1 
ATOM   471  N  N   . ARG A 1 60  ? 2.615   12.709  5.476   1.00 35.10 ? 309 ARG A N   1 
ATOM   472  C  CA  . ARG A 1 60  ? 3.776   13.524  5.816   1.00 37.88 ? 309 ARG A CA  1 
ATOM   473  C  C   . ARG A 1 60  ? 4.356   14.157  4.554   1.00 38.89 ? 309 ARG A C   1 
ATOM   474  O  O   . ARG A 1 60  ? 4.365   15.380  4.405   1.00 39.33 ? 309 ARG A O   1 
ATOM   475  C  CB  . ARG A 1 60  ? 4.848   12.655  6.474   1.00 40.87 ? 309 ARG A CB  1 
ATOM   476  C  CG  . ARG A 1 60  ? 6.037   13.425  7.009   1.00 45.77 ? 309 ARG A CG  1 
ATOM   477  C  CD  . ARG A 1 60  ? 5.684   14.112  8.312   1.00 48.69 ? 309 ARG A CD  1 
ATOM   478  N  NE  . ARG A 1 60  ? 5.418   13.142  9.371   1.00 51.84 ? 309 ARG A NE  1 
ATOM   479  C  CZ  . ARG A 1 60  ? 5.051   13.462  10.607  1.00 52.93 ? 309 ARG A CZ  1 
ATOM   480  N  NH1 . ARG A 1 60  ? 4.901   14.735  10.948  1.00 53.12 ? 309 ARG A NH1 1 
ATOM   481  N  NH2 . ARG A 1 60  ? 4.846   12.509  11.507  1.00 54.00 ? 309 ARG A NH2 1 
ATOM   482  N  N   . SER A 1 61  ? 4.843   13.305  3.656   1.00 38.32 ? 310 SER A N   1 
ATOM   483  C  CA  . SER A 1 61  ? 5.440   13.745  2.401   1.00 37.50 ? 310 SER A CA  1 
ATOM   484  C  C   . SER A 1 61  ? 4.402   14.323  1.448   1.00 36.69 ? 310 SER A C   1 
ATOM   485  O  O   . SER A 1 61  ? 4.746   14.858  0.393   1.00 37.73 ? 310 SER A O   1 
ATOM   486  C  CB  . SER A 1 61  ? 6.158   12.573  1.726   1.00 38.50 ? 310 SER A CB  1 
ATOM   487  O  OG  . SER A 1 61  ? 5.269   11.495  1.491   1.00 39.40 ? 310 SER A OG  1 
ATOM   488  N  N   . ASN A 1 62  ? 3.132   14.210  1.823   1.00 34.98 ? 311 ASN A N   1 
ATOM   489  C  CA  . ASN A 1 62  ? 2.042   14.721  1.001   1.00 32.15 ? 311 ASN A CA  1 
ATOM   490  C  C   . ASN A 1 62  ? 2.079   14.055  -0.376  1.00 30.37 ? 311 ASN A C   1 
ATOM   491  O  O   . ASN A 1 62  ? 1.935   14.713  -1.407  1.00 29.41 ? 311 ASN A O   1 
ATOM   492  C  CB  . ASN A 1 62  ? 2.175   16.237  0.850   1.00 35.61 ? 311 ASN A CB  1 
ATOM   493  C  CG  . ASN A 1 62  ? 0.860   16.905  0.518   1.00 37.53 ? 311 ASN A CG  1 
ATOM   494  O  OD1 . ASN A 1 62  ? 0.205   16.560  -0.464  1.00 40.97 ? 311 ASN A OD1 1 
ATOM   495  N  ND2 . ASN A 1 62  ? 0.464   17.869  1.340   1.00 37.90 ? 311 ASN A ND2 1 
ATOM   496  N  N   . ARG A 1 63  ? 2.271   12.741  -0.380  1.00 26.80 ? 312 ARG A N   1 
ATOM   497  C  CA  . ARG A 1 63  ? 2.340   11.973  -1.615  1.00 24.84 ? 312 ARG A CA  1 
ATOM   498  C  C   . ARG A 1 63  ? 1.230   10.939  -1.718  1.00 22.32 ? 312 ARG A C   1 
ATOM   499  O  O   . ARG A 1 63  ? 0.826   10.351  -0.718  1.00 22.70 ? 312 ARG A O   1 
ATOM   500  C  CB  . ARG A 1 63  ? 3.674   11.233  -1.703  1.00 26.87 ? 312 ARG A CB  1 
ATOM   501  C  CG  . ARG A 1 63  ? 4.894   12.096  -1.932  1.00 28.73 ? 312 ARG A CG  1 
ATOM   502  C  CD  . ARG A 1 63  ? 6.123   11.207  -1.939  1.00 32.70 ? 312 ARG A CD  1 
ATOM   503  N  NE  . ARG A 1 63  ? 7.297   11.862  -2.501  1.00 36.36 ? 312 ARG A NE  1 
ATOM   504  C  CZ  . ARG A 1 63  ? 8.468   11.258  -2.680  1.00 37.14 ? 312 ARG A CZ  1 
ATOM   505  N  NH1 . ARG A 1 63  ? 8.618   9.984   -2.337  1.00 37.95 ? 312 ARG A NH1 1 
ATOM   506  N  NH2 . ARG A 1 63  ? 9.484   11.923  -3.210  1.00 37.79 ? 312 ARG A NH2 1 
ATOM   507  N  N   . PHE A 1 64  ? 0.749   10.713  -2.935  1.00 17.66 ? 313 PHE A N   1 
ATOM   508  C  CA  . PHE A 1 64  ? -0.284  9.709   -3.178  1.00 14.96 ? 313 PHE A CA  1 
ATOM   509  C  C   . PHE A 1 64  ? 0.526   8.437   -3.422  1.00 13.72 ? 313 PHE A C   1 
ATOM   510  O  O   . PHE A 1 64  ? 1.385   8.402   -4.304  1.00 10.47 ? 313 PHE A O   1 
ATOM   511  C  CB  . PHE A 1 64  ? -1.116  10.111  -4.395  1.00 14.51 ? 313 PHE A CB  1 
ATOM   512  C  CG  . PHE A 1 64  ? -1.867  11.402  -4.201  1.00 15.88 ? 313 PHE A CG  1 
ATOM   513  C  CD1 . PHE A 1 64  ? -1.814  12.408  -5.159  1.00 15.59 ? 313 PHE A CD1 1 
ATOM   514  C  CD2 . PHE A 1 64  ? -2.612  11.620  -3.040  1.00 17.83 ? 313 PHE A CD2 1 
ATOM   515  C  CE1 . PHE A 1 64  ? -2.492  13.617  -4.964  1.00 19.37 ? 313 PHE A CE1 1 
ATOM   516  C  CE2 . PHE A 1 64  ? -3.293  12.825  -2.838  1.00 17.71 ? 313 PHE A CE2 1 
ATOM   517  C  CZ  . PHE A 1 64  ? -3.231  13.824  -3.802  1.00 18.29 ? 313 PHE A CZ  1 
ATOM   518  N  N   . THR A 1 65  ? 0.248   7.401   -2.635  1.00 12.35 ? 314 THR A N   1 
ATOM   519  C  CA  . THR A 1 65  ? 1.020   6.168   -2.698  1.00 10.46 ? 314 THR A CA  1 
ATOM   520  C  C   . THR A 1 65  ? 0.218   4.877   -2.801  1.00 9.88  ? 314 THR A C   1 
ATOM   521  O  O   . THR A 1 65  ? -0.770  4.696   -2.097  1.00 8.74  ? 314 THR A O   1 
ATOM   522  C  CB  . THR A 1 65  ? 1.912   6.082   -1.443  1.00 11.24 ? 314 THR A CB  1 
ATOM   523  O  OG1 . THR A 1 65  ? 2.620   7.319   -1.286  1.00 12.10 ? 314 THR A OG1 1 
ATOM   524  C  CG2 . THR A 1 65  ? 2.896   4.931   -1.547  1.00 12.44 ? 314 THR A CG2 1 
ATOM   525  N  N   . TRP A 1 66  ? 0.669   3.980   -3.678  1.00 8.68  ? 315 TRP A N   1 
ATOM   526  C  CA  . TRP A 1 66  ? 0.024   2.684   -3.882  1.00 8.37  ? 315 TRP A CA  1 
ATOM   527  C  C   . TRP A 1 66  ? 0.264   1.716   -2.726  1.00 9.35  ? 315 TRP A C   1 
ATOM   528  O  O   . TRP A 1 66  ? 1.329   1.724   -2.106  1.00 9.28  ? 315 TRP A O   1 
ATOM   529  C  CB  . TRP A 1 66  ? 0.578   1.989   -5.137  1.00 7.49  ? 315 TRP A CB  1 
ATOM   530  C  CG  . TRP A 1 66  ? 0.114   2.509   -6.456  1.00 9.03  ? 315 TRP A CG  1 
ATOM   531  C  CD1 . TRP A 1 66  ? 0.897   2.793   -7.541  1.00 10.49 ? 315 TRP A CD1 1 
ATOM   532  C  CD2 . TRP A 1 66  ? -1.239  2.745   -6.864  1.00 8.95  ? 315 TRP A CD2 1 
ATOM   533  N  NE1 . TRP A 1 66  ? 0.116   3.187   -8.598  1.00 10.29 ? 315 TRP A NE1 1 
ATOM   534  C  CE2 . TRP A 1 66  ? -1.199  3.169   -8.212  1.00 9.54  ? 315 TRP A CE2 1 
ATOM   535  C  CE3 . TRP A 1 66  ? -2.480  2.638   -6.225  1.00 7.55  ? 315 TRP A CE3 1 
ATOM   536  C  CZ2 . TRP A 1 66  ? -2.353  3.490   -8.931  1.00 8.91  ? 315 TRP A CZ2 1 
ATOM   537  C  CZ3 . TRP A 1 66  ? -3.630  2.958   -6.942  1.00 7.74  ? 315 TRP A CZ3 1 
ATOM   538  C  CH2 . TRP A 1 66  ? -3.554  3.379   -8.283  1.00 7.91  ? 315 TRP A CH2 1 
ATOM   539  N  N   . MET A 1 67  ? -0.733  0.877   -2.456  1.00 9.70  ? 316 MET A N   1 
ATOM   540  C  CA  . MET A 1 67  ? -0.612  -0.182  -1.456  1.00 9.65  ? 316 MET A CA  1 
ATOM   541  C  C   . MET A 1 67  ? -1.073  -1.420  -2.231  1.00 8.76  ? 316 MET A C   1 
ATOM   542  O  O   . MET A 1 67  ? -1.718  -1.290  -3.276  1.00 7.92  ? 316 MET A O   1 
ATOM   543  C  CB  . MET A 1 67  ? -1.510  0.064   -0.247  1.00 8.52  ? 316 MET A CB  1 
ATOM   544  C  CG  . MET A 1 67  ? -2.995  -0.101  -0.504  1.00 10.17 ? 316 MET A CG  1 
ATOM   545  S  SD  . MET A 1 67  ? -3.888  0.230   1.022   1.00 11.02 ? 316 MET A SD  1 
ATOM   546  C  CE  . MET A 1 67  ? -3.828  2.013   1.056   1.00 7.97  ? 316 MET A CE  1 
ATOM   547  N  N   . GLY A 1 68  ? -0.745  -2.610  -1.739  1.00 8.68  ? 317 GLY A N   1 
ATOM   548  C  CA  . GLY A 1 68  ? -1.116  -3.822  -2.452  1.00 7.41  ? 317 GLY A CA  1 
ATOM   549  C  C   . GLY A 1 68  ? -2.545  -4.264  -2.228  1.00 9.17  ? 317 GLY A C   1 
ATOM   550  O  O   . GLY A 1 68  ? -2.785  -5.363  -1.736  1.00 8.61  ? 317 GLY A O   1 
ATOM   551  N  N   . LEU A 1 69  ? -3.495  -3.417  -2.605  1.00 7.28  ? 318 LEU A N   1 
ATOM   552  C  CA  . LEU A 1 69  ? -4.910  -3.726  -2.415  1.00 7.97  ? 318 LEU A CA  1 
ATOM   553  C  C   . LEU A 1 69  ? -5.710  -3.345  -3.654  1.00 9.77  ? 318 LEU A C   1 
ATOM   554  O  O   . LEU A 1 69  ? -5.470  -2.294  -4.252  1.00 10.09 ? 318 LEU A O   1 
ATOM   555  C  CB  . LEU A 1 69  ? -5.428  -2.962  -1.193  1.00 7.05  ? 318 LEU A CB  1 
ATOM   556  C  CG  . LEU A 1 69  ? -6.883  -3.142  -0.749  1.00 11.33 ? 318 LEU A CG  1 
ATOM   557  C  CD1 . LEU A 1 69  ? -7.151  -4.599  -0.414  1.00 12.45 ? 318 LEU A CD1 1 
ATOM   558  C  CD2 . LEU A 1 69  ? -7.141  -2.256  0.469   1.00 10.98 ? 318 LEU A CD2 1 
ATOM   559  N  N   . SER A 1 70  ? -6.664  -4.193  -4.034  1.00 10.72 ? 319 SER A N   1 
ATOM   560  C  CA  . SER A 1 70  ? -7.484  -3.930  -5.214  1.00 11.26 ? 319 SER A CA  1 
ATOM   561  C  C   . SER A 1 70  ? -8.779  -4.728  -5.205  1.00 11.24 ? 319 SER A C   1 
ATOM   562  O  O   . SER A 1 70  ? -8.919  -5.695  -4.461  1.00 14.29 ? 319 SER A O   1 
ATOM   563  C  CB  . SER A 1 70  ? -6.718  -4.306  -6.479  1.00 11.37 ? 319 SER A CB  1 
ATOM   564  O  OG  . SER A 1 70  ? -6.702  -5.719  -6.647  1.00 14.16 ? 319 SER A OG  1 
ATOM   565  N  N   . ASP A 1 71  ? -9.725  -4.312  -6.039  1.00 13.50 ? 320 ASP A N   1 
ATOM   566  C  CA  . ASP A 1 71  ? -10.984 -5.031  -6.174  1.00 15.16 ? 320 ASP A CA  1 
ATOM   567  C  C   . ASP A 1 71  ? -11.149 -5.290  -7.670  1.00 15.14 ? 320 ASP A C   1 
ATOM   568  O  O   . ASP A 1 71  ? -12.252 -5.302  -8.214  1.00 16.81 ? 320 ASP A O   1 
ATOM   569  C  CB  . ASP A 1 71  ? -12.159 -4.230  -5.577  1.00 16.30 ? 320 ASP A CB  1 
ATOM   570  C  CG  . ASP A 1 71  ? -12.523 -2.997  -6.382  1.00 15.45 ? 320 ASP A CG  1 
ATOM   571  O  OD1 . ASP A 1 71  ? -11.663 -2.466  -7.112  1.00 16.69 ? 320 ASP A OD1 1 
ATOM   572  O  OD2 . ASP A 1 71  ? -13.685 -2.545  -6.258  1.00 13.73 ? 320 ASP A OD2 1 
ATOM   573  N  N   . LEU A 1 72  ? -10.006 -5.492  -8.323  1.00 14.83 ? 321 LEU A N   1 
ATOM   574  C  CA  . LEU A 1 72  ? -9.946  -5.768  -9.752  1.00 17.06 ? 321 LEU A CA  1 
ATOM   575  C  C   . LEU A 1 72  ? -10.702 -7.039  -10.126 1.00 20.25 ? 321 LEU A C   1 
ATOM   576  O  O   . LEU A 1 72  ? -11.489 -7.045  -11.073 1.00 20.41 ? 321 LEU A O   1 
ATOM   577  C  CB  . LEU A 1 72  ? -8.489  -5.905  -10.203 1.00 16.51 ? 321 LEU A CB  1 
ATOM   578  C  CG  . LEU A 1 72  ? -7.720  -4.616  -10.486 1.00 15.97 ? 321 LEU A CG  1 
ATOM   579  C  CD1 . LEU A 1 72  ? -6.227  -4.885  -10.532 1.00 15.62 ? 321 LEU A CD1 1 
ATOM   580  C  CD2 . LEU A 1 72  ? -8.204  -4.033  -11.802 1.00 16.72 ? 321 LEU A CD2 1 
ATOM   581  N  N   . ASN A 1 73  ? -10.462 -8.113  -9.383  1.00 22.74 ? 322 ASN A N   1 
ATOM   582  C  CA  . ASN A 1 73  ? -11.111 -9.389  -9.665  1.00 26.14 ? 322 ASN A CA  1 
ATOM   583  C  C   . ASN A 1 73  ? -12.611 -9.395  -9.390  1.00 26.44 ? 322 ASN A C   1 
ATOM   584  O  O   . ASN A 1 73  ? -13.373 -10.054 -10.098 1.00 27.16 ? 322 ASN A O   1 
ATOM   585  C  CB  . ASN A 1 73  ? -10.422 -10.507 -8.882  1.00 29.23 ? 322 ASN A CB  1 
ATOM   586  C  CG  . ASN A 1 73  ? -8.988  -10.722 -9.328  1.00 32.96 ? 322 ASN A CG  1 
ATOM   587  O  OD1 . ASN A 1 73  ? -8.731  -11.057 -10.488 1.00 35.93 ? 322 ASN A OD1 1 
ATOM   588  N  ND2 . ASN A 1 73  ? -8.044  -10.522 -8.414  1.00 34.89 ? 322 ASN A ND2 1 
ATOM   589  N  N   . GLN A 1 74  ? -13.036 -8.661  -8.369  1.00 25.89 ? 323 GLN A N   1 
ATOM   590  C  CA  . GLN A 1 74  ? -14.450 -8.593  -8.025  1.00 25.70 ? 323 GLN A CA  1 
ATOM   591  C  C   . GLN A 1 74  ? -14.799 -7.220  -7.462  1.00 23.74 ? 323 GLN A C   1 
ATOM   592  O  O   . GLN A 1 74  ? -14.505 -6.923  -6.306  1.00 22.29 ? 323 GLN A O   1 
ATOM   593  C  CB  . GLN A 1 74  ? -14.800 -9.683  -7.008  1.00 28.88 ? 323 GLN A CB  1 
ATOM   594  C  CG  . GLN A 1 74  ? -16.261 -9.690  -6.587  1.00 35.13 ? 323 GLN A CG  1 
ATOM   595  C  CD  . GLN A 1 74  ? -17.210 -9.902  -7.756  1.00 39.19 ? 323 GLN A CD  1 
ATOM   596  O  OE1 . GLN A 1 74  ? -17.174 -10.940 -8.423  1.00 42.50 ? 323 GLN A OE1 1 
ATOM   597  N  NE2 . GLN A 1 74  ? -18.066 -8.915  -8.010  1.00 40.46 ? 323 GLN A NE2 1 
ATOM   598  N  N   . GLU A 1 75  ? -15.436 -6.393  -8.287  1.00 21.39 ? 324 GLU A N   1 
ATOM   599  C  CA  . GLU A 1 75  ? -15.820 -5.043  -7.887  1.00 20.09 ? 324 GLU A CA  1 
ATOM   600  C  C   . GLU A 1 75  ? -16.520 -5.025  -6.542  1.00 21.37 ? 324 GLU A C   1 
ATOM   601  O  O   . GLU A 1 75  ? -17.546 -5.682  -6.356  1.00 21.83 ? 324 GLU A O   1 
ATOM   602  C  CB  . GLU A 1 75  ? -16.729 -4.412  -8.943  1.00 17.99 ? 324 GLU A CB  1 
ATOM   603  C  CG  . GLU A 1 75  ? -17.094 -2.960  -8.656  1.00 17.22 ? 324 GLU A CG  1 
ATOM   604  C  CD  . GLU A 1 75  ? -15.869 -2.094  -8.411  1.00 15.31 ? 324 GLU A CD  1 
ATOM   605  O  OE1 . GLU A 1 75  ? -14.829 -2.344  -9.055  1.00 15.35 ? 324 GLU A OE1 1 
ATOM   606  O  OE2 . GLU A 1 75  ? -15.953 -1.159  -7.587  1.00 14.27 ? 324 GLU A OE2 1 
ATOM   607  N  N   . GLY A 1 76  ? -15.961 -4.268  -5.604  1.00 19.30 ? 325 GLY A N   1 
ATOM   608  C  CA  . GLY A 1 76  ? -16.555 -4.185  -4.284  1.00 21.09 ? 325 GLY A CA  1 
ATOM   609  C  C   . GLY A 1 76  ? -15.870 -5.107  -3.298  1.00 20.79 ? 325 GLY A C   1 
ATOM   610  O  O   . GLY A 1 76  ? -15.945 -4.898  -2.089  1.00 23.06 ? 325 GLY A O   1 
ATOM   611  N  N   . THR A 1 77  ? -15.209 -6.136  -3.813  1.00 20.42 ? 326 THR A N   1 
ATOM   612  C  CA  . THR A 1 77  ? -14.500 -7.081  -2.966  1.00 20.53 ? 326 THR A CA  1 
ATOM   613  C  C   . THR A 1 77  ? -13.017 -6.758  -2.996  1.00 18.53 ? 326 THR A C   1 
ATOM   614  O  O   . THR A 1 77  ? -12.316 -7.133  -3.931  1.00 17.36 ? 326 THR A O   1 
ATOM   615  C  CB  . THR A 1 77  ? -14.691 -8.525  -3.450  1.00 22.27 ? 326 THR A CB  1 
ATOM   616  O  OG1 . THR A 1 77  ? -16.080 -8.866  -3.392  1.00 23.61 ? 326 THR A OG1 1 
ATOM   617  C  CG2 . THR A 1 77  ? -13.901 -9.489  -2.572  1.00 23.51 ? 326 THR A CG2 1 
ATOM   618  N  N   . TRP A 1 78  ? -12.542 -6.060  -1.971  1.00 17.88 ? 327 TRP A N   1 
ATOM   619  C  CA  . TRP A 1 78  ? -11.135 -5.698  -1.916  1.00 16.53 ? 327 TRP A CA  1 
ATOM   620  C  C   . TRP A 1 78  ? -10.284 -6.827  -1.378  1.00 16.74 ? 327 TRP A C   1 
ATOM   621  O  O   . TRP A 1 78  ? -10.608 -7.457  -0.370  1.00 16.05 ? 327 TRP A O   1 
ATOM   622  C  CB  . TRP A 1 78  ? -10.949 -4.420  -1.100  1.00 14.60 ? 327 TRP A CB  1 
ATOM   623  C  CG  . TRP A 1 78  ? -11.566 -3.256  -1.803  1.00 13.74 ? 327 TRP A CG  1 
ATOM   624  C  CD1 . TRP A 1 78  ? -12.884 -2.906  -1.806  1.00 13.37 ? 327 TRP A CD1 1 
ATOM   625  C  CD2 . TRP A 1 78  ? -10.911 -2.364  -2.714  1.00 12.40 ? 327 TRP A CD2 1 
ATOM   626  N  NE1 . TRP A 1 78  ? -13.095 -1.854  -2.666  1.00 13.38 ? 327 TRP A NE1 1 
ATOM   627  C  CE2 . TRP A 1 78  ? -11.900 -1.501  -3.237  1.00 10.93 ? 327 TRP A CE2 1 
ATOM   628  C  CE3 . TRP A 1 78  ? -9.586  -2.212  -3.142  1.00 11.62 ? 327 TRP A CE3 1 
ATOM   629  C  CZ2 . TRP A 1 78  ? -11.606 -0.499  -4.169  1.00 12.37 ? 327 TRP A CZ2 1 
ATOM   630  C  CZ3 . TRP A 1 78  ? -9.293  -1.219  -4.067  1.00 10.15 ? 327 TRP A CZ3 1 
ATOM   631  C  CH2 . TRP A 1 78  ? -10.300 -0.375  -4.572  1.00 10.91 ? 327 TRP A CH2 1 
ATOM   632  N  N   . GLN A 1 79  ? -9.182  -7.071  -2.075  1.00 15.60 ? 328 GLN A N   1 
ATOM   633  C  CA  . GLN A 1 79  ? -8.270  -8.143  -1.733  1.00 15.40 ? 328 GLN A CA  1 
ATOM   634  C  C   . GLN A 1 79  ? -6.823  -7.671  -1.819  1.00 14.36 ? 328 GLN A C   1 
ATOM   635  O  O   . GLN A 1 79  ? -6.457  -6.931  -2.735  1.00 13.75 ? 328 GLN A O   1 
ATOM   636  C  CB  . GLN A 1 79  ? -8.516  -9.294  -2.707  1.00 18.78 ? 328 GLN A CB  1 
ATOM   637  C  CG  . GLN A 1 79  ? -7.595  -10.481 -2.591  1.00 25.63 ? 328 GLN A CG  1 
ATOM   638  C  CD  . GLN A 1 79  ? -7.925  -11.542 -3.625  1.00 28.38 ? 328 GLN A CD  1 
ATOM   639  O  OE1 . GLN A 1 79  ? -7.244  -12.562 -3.731  1.00 31.92 ? 328 GLN A OE1 1 
ATOM   640  N  NE2 . GLN A 1 79  ? -8.980  -11.304 -4.396  1.00 30.71 ? 328 GLN A NE2 1 
ATOM   641  N  N   . TRP A 1 80  ? -6.004  -8.087  -0.857  1.00 12.60 ? 329 TRP A N   1 
ATOM   642  C  CA  . TRP A 1 80  ? -4.595  -7.713  -0.864  1.00 12.16 ? 329 TRP A CA  1 
ATOM   643  C  C   . TRP A 1 80  ? -3.879  -8.556  -1.917  1.00 13.65 ? 329 TRP A C   1 
ATOM   644  O  O   . TRP A 1 80  ? -4.369  -9.625  -2.300  1.00 13.40 ? 329 TRP A O   1 
ATOM   645  C  CB  . TRP A 1 80  ? -3.967  -7.946  0.513   1.00 10.43 ? 329 TRP A CB  1 
ATOM   646  C  CG  . TRP A 1 80  ? -4.565  -7.090  1.582   1.00 9.70  ? 329 TRP A CG  1 
ATOM   647  C  CD1 . TRP A 1 80  ? -5.561  -7.433  2.454   1.00 11.32 ? 329 TRP A CD1 1 
ATOM   648  C  CD2 . TRP A 1 80  ? -4.238  -5.726  1.862   1.00 9.20  ? 329 TRP A CD2 1 
ATOM   649  N  NE1 . TRP A 1 80  ? -5.874  -6.362  3.258   1.00 9.96  ? 329 TRP A NE1 1 
ATOM   650  C  CE2 . TRP A 1 80  ? -5.076  -5.301  2.916   1.00 10.42 ? 329 TRP A CE2 1 
ATOM   651  C  CE3 . TRP A 1 80  ? -3.315  -4.819  1.322   1.00 9.34  ? 329 TRP A CE3 1 
ATOM   652  C  CZ2 . TRP A 1 80  ? -5.020  -4.002  3.446   1.00 9.69  ? 329 TRP A CZ2 1 
ATOM   653  C  CZ3 . TRP A 1 80  ? -3.259  -3.521  1.849   1.00 9.90  ? 329 TRP A CZ3 1 
ATOM   654  C  CH2 . TRP A 1 80  ? -4.107  -3.131  2.900   1.00 10.44 ? 329 TRP A CH2 1 
ATOM   655  N  N   . VAL A 1 81  ? -2.722  -8.088  -2.380  1.00 14.13 ? 330 VAL A N   1 
ATOM   656  C  CA  . VAL A 1 81  ? -1.978  -8.822  -3.401  1.00 14.41 ? 330 VAL A CA  1 
ATOM   657  C  C   . VAL A 1 81  ? -1.500  -10.203 -2.967  1.00 16.81 ? 330 VAL A C   1 
ATOM   658  O  O   . VAL A 1 81  ? -1.071  -10.996 -3.800  1.00 17.39 ? 330 VAL A O   1 
ATOM   659  C  CB  . VAL A 1 81  ? -0.759  -8.017  -3.912  1.00 16.13 ? 330 VAL A CB  1 
ATOM   660  C  CG1 . VAL A 1 81  ? -1.233  -6.791  -4.672  1.00 13.32 ? 330 VAL A CG1 1 
ATOM   661  C  CG2 . VAL A 1 81  ? 0.137   -7.621  -2.749  1.00 13.54 ? 330 VAL A CG2 1 
ATOM   662  N  N   . ASP A 1 82  ? -1.565  -10.502 -1.673  1.00 17.41 ? 331 ASP A N   1 
ATOM   663  C  CA  . ASP A 1 82  ? -1.138  -11.817 -1.205  1.00 18.95 ? 331 ASP A CA  1 
ATOM   664  C  C   . ASP A 1 82  ? -2.341  -12.759 -1.148  1.00 20.66 ? 331 ASP A C   1 
ATOM   665  O  O   . ASP A 1 82  ? -2.224  -13.911 -0.732  1.00 22.96 ? 331 ASP A O   1 
ATOM   666  C  CB  . ASP A 1 82  ? -0.474  -11.712 0.170   1.00 18.59 ? 331 ASP A CB  1 
ATOM   667  C  CG  . ASP A 1 82  ? -1.441  -11.296 1.258   1.00 19.76 ? 331 ASP A CG  1 
ATOM   668  O  OD1 . ASP A 1 82  ? -2.610  -10.998 0.940   1.00 16.53 ? 331 ASP A OD1 1 
ATOM   669  O  OD2 . ASP A 1 82  ? -1.028  -11.270 2.438   1.00 18.97 ? 331 ASP A OD2 1 
ATOM   670  N  N   . GLY A 1 83  ? -3.497  -12.253 -1.571  1.00 20.92 ? 332 GLY A N   1 
ATOM   671  C  CA  . GLY A 1 83  ? -4.704  -13.059 -1.591  1.00 22.58 ? 332 GLY A CA  1 
ATOM   672  C  C   . GLY A 1 83  ? -5.673  -12.855 -0.446  1.00 22.95 ? 332 GLY A C   1 
ATOM   673  O  O   . GLY A 1 83  ? -6.866  -13.133 -0.581  1.00 23.41 ? 332 GLY A O   1 
ATOM   674  N  N   . SER A 1 84  ? -5.173  -12.370 0.684   1.00 22.62 ? 333 SER A N   1 
ATOM   675  C  CA  . SER A 1 84  ? -6.016  -12.142 1.853   1.00 21.29 ? 333 SER A CA  1 
ATOM   676  C  C   . SER A 1 84  ? -7.064  -11.064 1.585   1.00 20.73 ? 333 SER A C   1 
ATOM   677  O  O   . SER A 1 84  ? -6.799  -10.084 0.887   1.00 21.37 ? 333 SER A O   1 
ATOM   678  C  CB  . SER A 1 84  ? -5.151  -11.732 3.044   1.00 21.48 ? 333 SER A CB  1 
ATOM   679  O  OG  . SER A 1 84  ? -4.455  -10.526 2.774   1.00 21.16 ? 333 SER A OG  1 
ATOM   680  N  N   . PRO A 1 85  ? -8.273  -11.228 2.139   1.00 19.29 ? 334 PRO A N   1 
ATOM   681  C  CA  . PRO A 1 85  ? -9.343  -10.250 1.942   1.00 18.43 ? 334 PRO A CA  1 
ATOM   682  C  C   . PRO A 1 85  ? -9.203  -9.039  2.865   1.00 17.71 ? 334 PRO A C   1 
ATOM   683  O  O   . PRO A 1 85  ? -8.576  -9.120  3.923   1.00 16.97 ? 334 PRO A O   1 
ATOM   684  C  CB  . PRO A 1 85  ? -10.595 -11.059 2.251   1.00 19.81 ? 334 PRO A CB  1 
ATOM   685  C  CG  . PRO A 1 85  ? -10.128 -11.926 3.383   1.00 20.06 ? 334 PRO A CG  1 
ATOM   686  C  CD  . PRO A 1 85  ? -8.765  -12.398 2.892   1.00 20.87 ? 334 PRO A CD  1 
ATOM   687  N  N   . LEU A 1 86  ? -9.785  -7.918  2.458   1.00 16.75 ? 335 LEU A N   1 
ATOM   688  C  CA  . LEU A 1 86  ? -9.739  -6.714  3.274   1.00 17.11 ? 335 LEU A CA  1 
ATOM   689  C  C   . LEU A 1 86  ? -10.668 -6.939  4.459   1.00 18.14 ? 335 LEU A C   1 
ATOM   690  O  O   . LEU A 1 86  ? -11.874 -7.124  4.282   1.00 16.83 ? 335 LEU A O   1 
ATOM   691  C  CB  . LEU A 1 86  ? -10.220 -5.498  2.480   1.00 16.04 ? 335 LEU A CB  1 
ATOM   692  C  CG  . LEU A 1 86  ? -10.180 -4.182  3.268   1.00 16.73 ? 335 LEU A CG  1 
ATOM   693  C  CD1 . LEU A 1 86  ? -8.726  -3.809  3.531   1.00 15.80 ? 335 LEU A CD1 1 
ATOM   694  C  CD2 . LEU A 1 86  ? -10.884 -3.073  2.505   1.00 15.70 ? 335 LEU A CD2 1 
ATOM   695  N  N   . LEU A 1 87  ? -10.110 -6.939  5.664   1.00 18.89 ? 336 LEU A N   1 
ATOM   696  C  CA  . LEU A 1 87  ? -10.914 -7.140  6.863   1.00 19.72 ? 336 LEU A CA  1 
ATOM   697  C  C   . LEU A 1 87  ? -11.723 -5.885  7.196   1.00 20.72 ? 336 LEU A C   1 
ATOM   698  O  O   . LEU A 1 87  ? -11.246 -4.763  7.021   1.00 20.97 ? 336 LEU A O   1 
ATOM   699  C  CB  . LEU A 1 87  ? -10.010 -7.520  8.043   1.00 20.13 ? 336 LEU A CB  1 
ATOM   700  C  CG  . LEU A 1 87  ? -9.235  -8.831  7.866   1.00 20.90 ? 336 LEU A CG  1 
ATOM   701  C  CD1 . LEU A 1 87  ? -8.231  -9.002  8.994   1.00 20.79 ? 336 LEU A CD1 1 
ATOM   702  C  CD2 . LEU A 1 87  ? -10.210 -9.999  7.824   1.00 21.81 ? 336 LEU A CD2 1 
ATOM   703  N  N   . PRO A 1 88  ? -12.970 -6.063  7.671   1.00 21.49 ? 337 PRO A N   1 
ATOM   704  C  CA  . PRO A 1 88  ? -13.872 -4.963  8.035   1.00 20.11 ? 337 PRO A CA  1 
ATOM   705  C  C   . PRO A 1 88  ? -13.185 -4.003  8.991   1.00 19.56 ? 337 PRO A C   1 
ATOM   706  O  O   . PRO A 1 88  ? -13.585 -2.849  9.139   1.00 18.82 ? 337 PRO A O   1 
ATOM   707  C  CB  . PRO A 1 88  ? -15.041 -5.685  8.692   1.00 20.71 ? 337 PRO A CB  1 
ATOM   708  C  CG  . PRO A 1 88  ? -15.080 -6.984  7.959   1.00 22.46 ? 337 PRO A CG  1 
ATOM   709  C  CD  . PRO A 1 88  ? -13.623 -7.365  7.896   1.00 22.43 ? 337 PRO A CD  1 
ATOM   710  N  N   A SER A 1 89  ? -12.135 -4.511  9.625   0.50 19.18 ? 338 SER A N   1 
ATOM   711  N  N   B SER A 1 89  ? -12.147 -4.490  9.657   0.50 20.10 ? 338 SER A N   1 
ATOM   712  C  CA  A SER A 1 89  ? -11.333 -3.770  10.584  0.50 18.54 ? 338 SER A CA  1 
ATOM   713  C  CA  B SER A 1 89  ? -11.404 -3.676  10.603  0.50 20.41 ? 338 SER A CA  1 
ATOM   714  C  C   A SER A 1 89  ? -10.650 -2.567  9.928   0.50 18.75 ? 338 SER A C   1 
ATOM   715  C  C   B SER A 1 89  ? -10.726 -2.497  9.912   0.50 19.79 ? 338 SER A C   1 
ATOM   716  O  O   A SER A 1 89  ? -10.260 -1.614  10.605  0.50 18.48 ? 338 SER A O   1 
ATOM   717  O  O   B SER A 1 89  ? -10.404 -1.493  10.551  0.50 19.40 ? 338 SER A O   1 
ATOM   718  C  CB  A SER A 1 89  ? -10.265 -4.702  11.167  0.50 17.96 ? 338 SER A CB  1 
ATOM   719  C  CB  B SER A 1 89  ? -10.346 -4.526  11.305  0.50 21.63 ? 338 SER A CB  1 
ATOM   720  O  OG  A SER A 1 89  ? -10.762 -6.028  11.299  0.50 14.07 ? 338 SER A OG  1 
ATOM   721  O  OG  B SER A 1 89  ? -9.640  -3.760  12.258  0.50 23.46 ? 338 SER A OG  1 
ATOM   722  N  N   . PHE A 1 90  ? -10.517 -2.624  8.606   1.00 18.20 ? 339 PHE A N   1 
ATOM   723  C  CA  . PHE A 1 90  ? -9.857  -1.572  7.834   1.00 17.49 ? 339 PHE A CA  1 
ATOM   724  C  C   . PHE A 1 90  ? -10.761 -0.600  7.073   1.00 15.37 ? 339 PHE A C   1 
ATOM   725  O  O   . PHE A 1 90  ? -10.282 0.390   6.529   1.00 13.42 ? 339 PHE A O   1 
ATOM   726  C  CB  . PHE A 1 90  ? -8.890  -2.217  6.839   1.00 17.63 ? 339 PHE A CB  1 
ATOM   727  C  CG  . PHE A 1 90  ? -7.712  -2.891  7.482   1.00 19.44 ? 339 PHE A CG  1 
ATOM   728  C  CD1 . PHE A 1 90  ? -6.603  -2.153  7.876   1.00 21.97 ? 339 PHE A CD1 1 
ATOM   729  C  CD2 . PHE A 1 90  ? -7.714  -4.262  7.697   1.00 21.12 ? 339 PHE A CD2 1 
ATOM   730  C  CE1 . PHE A 1 90  ? -5.508  -2.772  8.476   1.00 22.61 ? 339 PHE A CE1 1 
ATOM   731  C  CE2 . PHE A 1 90  ? -6.623  -4.893  8.296   1.00 23.62 ? 339 PHE A CE2 1 
ATOM   732  C  CZ  . PHE A 1 90  ? -5.519  -4.145  8.686   1.00 22.62 ? 339 PHE A CZ  1 
ATOM   733  N  N   . LYS A 1 91  ? -12.058 -0.874  7.029   1.00 15.66 ? 340 LYS A N   1 
ATOM   734  C  CA  . LYS A 1 91  ? -12.978 -0.007  6.300   1.00 15.32 ? 340 LYS A CA  1 
ATOM   735  C  C   . LYS A 1 91  ? -12.919 1.455   6.727   1.00 14.83 ? 340 LYS A C   1 
ATOM   736  O  O   . LYS A 1 91  ? -13.076 2.352   5.903   1.00 14.00 ? 340 LYS A O   1 
ATOM   737  C  CB  . LYS A 1 91  ? -14.408 -0.525  6.437   1.00 19.11 ? 340 LYS A CB  1 
ATOM   738  C  CG  . LYS A 1 91  ? -14.603 -1.912  5.846   1.00 27.04 ? 340 LYS A CG  1 
ATOM   739  C  CD  . LYS A 1 91  ? -16.066 -2.320  5.862   1.00 30.04 ? 340 LYS A CD  1 
ATOM   740  C  CE  . LYS A 1 91  ? -16.257 -3.692  5.240   1.00 31.84 ? 340 LYS A CE  1 
ATOM   741  N  NZ  . LYS A 1 91  ? -17.699 -4.030  5.087   1.00 31.97 ? 340 LYS A NZ  1 
ATOM   742  N  N   . GLN A 1 92  ? -12.686 1.692   8.011   1.00 14.81 ? 341 GLN A N   1 
ATOM   743  C  CA  . GLN A 1 92  ? -12.614 3.054   8.533   1.00 17.65 ? 341 GLN A CA  1 
ATOM   744  C  C   . GLN A 1 92  ? -11.514 3.878   7.869   1.00 15.98 ? 341 GLN A C   1 
ATOM   745  O  O   . GLN A 1 92  ? -11.551 5.109   7.904   1.00 17.10 ? 341 GLN A O   1 
ATOM   746  C  CB  . GLN A 1 92  ? -12.355 3.023   10.039  1.00 18.20 ? 341 GLN A CB  1 
ATOM   747  C  CG  . GLN A 1 92  ? -11.021 2.389   10.399  1.00 22.89 ? 341 GLN A CG  1 
ATOM   748  C  CD  . GLN A 1 92  ? -10.744 2.411   11.882  1.00 22.76 ? 341 GLN A CD  1 
ATOM   749  O  OE1 . GLN A 1 92  ? -10.590 3.475   12.481  1.00 26.79 ? 341 GLN A OE1 1 
ATOM   750  N  NE2 . GLN A 1 92  ? -10.682 1.233   12.487  1.00 22.36 ? 341 GLN A NE2 1 
ATOM   751  N  N   . TYR A 1 93  ? -10.541 3.205   7.263   1.00 14.75 ? 342 TYR A N   1 
ATOM   752  C  CA  . TYR A 1 93  ? -9.427  3.914   6.636   1.00 13.41 ? 342 TYR A CA  1 
ATOM   753  C  C   . TYR A 1 93  ? -9.717  4.594   5.302   1.00 13.20 ? 342 TYR A C   1 
ATOM   754  O  O   . TYR A 1 93  ? -8.988  5.499   4.897   1.00 13.15 ? 342 TYR A O   1 
ATOM   755  C  CB  . TYR A 1 93  ? -8.225  2.975   6.527   1.00 14.11 ? 342 TYR A CB  1 
ATOM   756  C  CG  . TYR A 1 93  ? -7.773  2.513   7.889   1.00 13.85 ? 342 TYR A CG  1 
ATOM   757  C  CD1 . TYR A 1 93  ? -7.625  1.160   8.177   1.00 14.01 ? 342 TYR A CD1 1 
ATOM   758  C  CD2 . TYR A 1 93  ? -7.558  3.435   8.915   1.00 15.32 ? 342 TYR A CD2 1 
ATOM   759  C  CE1 . TYR A 1 93  ? -7.279  0.733   9.457   1.00 15.65 ? 342 TYR A CE1 1 
ATOM   760  C  CE2 . TYR A 1 93  ? -7.215  3.019   10.197  1.00 15.82 ? 342 TYR A CE2 1 
ATOM   761  C  CZ  . TYR A 1 93  ? -7.078  1.668   10.460  1.00 16.24 ? 342 TYR A CZ  1 
ATOM   762  O  OH  . TYR A 1 93  ? -6.745  1.257   11.730  1.00 16.94 ? 342 TYR A OH  1 
ATOM   763  N  N   . TRP A 1 94  ? -10.780 4.180   4.619   1.00 12.27 ? 343 TRP A N   1 
ATOM   764  C  CA  . TRP A 1 94  ? -11.131 4.820   3.358   1.00 11.53 ? 343 TRP A CA  1 
ATOM   765  C  C   . TRP A 1 94  ? -11.508 6.261   3.684   1.00 13.08 ? 343 TRP A C   1 
ATOM   766  O  O   . TRP A 1 94  ? -12.200 6.506   4.671   1.00 13.61 ? 343 TRP A O   1 
ATOM   767  C  CB  . TRP A 1 94  ? -12.356 4.150   2.718   1.00 11.06 ? 343 TRP A CB  1 
ATOM   768  C  CG  . TRP A 1 94  ? -12.150 2.750   2.230   1.00 12.07 ? 343 TRP A CG  1 
ATOM   769  C  CD1 . TRP A 1 94  ? -12.664 1.609   2.776   1.00 12.66 ? 343 TRP A CD1 1 
ATOM   770  C  CD2 . TRP A 1 94  ? -11.419 2.346   1.066   1.00 11.89 ? 343 TRP A CD2 1 
ATOM   771  N  NE1 . TRP A 1 94  ? -12.304 0.519   2.019   1.00 12.12 ? 343 TRP A NE1 1 
ATOM   772  C  CE2 . TRP A 1 94  ? -11.539 0.943   0.964   1.00 12.18 ? 343 TRP A CE2 1 
ATOM   773  C  CE3 . TRP A 1 94  ? -10.675 3.035   0.098   1.00 8.87  ? 343 TRP A CE3 1 
ATOM   774  C  CZ2 . TRP A 1 94  ? -10.942 0.212   -0.072  1.00 10.43 ? 343 TRP A CZ2 1 
ATOM   775  C  CZ3 . TRP A 1 94  ? -10.082 2.310   -0.930  1.00 11.09 ? 343 TRP A CZ3 1 
ATOM   776  C  CH2 . TRP A 1 94  ? -10.220 0.912   -1.005  1.00 11.33 ? 343 TRP A CH2 1 
ATOM   777  N  N   . ASN A 1 95  ? -11.055 7.217   2.879   1.00 12.38 ? 344 ASN A N   1 
ATOM   778  C  CA  . ASN A 1 95  ? -11.434 8.601   3.129   1.00 13.80 ? 344 ASN A CA  1 
ATOM   779  C  C   . ASN A 1 95  ? -12.950 8.610   2.987   1.00 15.41 ? 344 ASN A C   1 
ATOM   780  O  O   . ASN A 1 95  ? -13.516 7.742   2.320   1.00 13.88 ? 344 ASN A O   1 
ATOM   781  C  CB  . ASN A 1 95  ? -10.822 9.550   2.093   1.00 11.42 ? 344 ASN A CB  1 
ATOM   782  C  CG  . ASN A 1 95  ? -9.321  9.655   2.213   1.00 11.68 ? 344 ASN A CG  1 
ATOM   783  O  OD1 . ASN A 1 95  ? -8.770  9.608   3.311   1.00 12.84 ? 344 ASN A OD1 1 
ATOM   784  N  ND2 . ASN A 1 95  ? -8.646  9.819   1.080   1.00 11.81 ? 344 ASN A ND2 1 
ATOM   785  N  N   . ARG A 1 96  ? -13.616 9.574   3.603   1.00 17.53 ? 345 ARG A N   1 
ATOM   786  C  CA  . ARG A 1 96  ? -15.063 9.615   3.496   1.00 18.92 ? 345 ARG A CA  1 
ATOM   787  C  C   . ARG A 1 96  ? -15.463 9.738   2.030   1.00 18.22 ? 345 ARG A C   1 
ATOM   788  O  O   . ARG A 1 96  ? -14.868 10.506  1.268   1.00 17.72 ? 345 ARG A O   1 
ATOM   789  C  CB  . ARG A 1 96  ? -15.634 10.783  4.294   1.00 23.96 ? 345 ARG A CB  1 
ATOM   790  C  CG  . ARG A 1 96  ? -17.148 10.721  4.423   1.00 28.40 ? 345 ARG A CG  1 
ATOM   791  C  CD  . ARG A 1 96  ? -17.662 11.864  5.261   1.00 34.08 ? 345 ARG A CD  1 
ATOM   792  N  NE  . ARG A 1 96  ? -17.296 13.147  4.676   1.00 38.56 ? 345 ARG A NE  1 
ATOM   793  C  CZ  . ARG A 1 96  ? -17.493 14.317  5.269   1.00 39.39 ? 345 ARG A CZ  1 
ATOM   794  N  NH1 . ARG A 1 96  ? -18.053 14.362  6.470   1.00 41.34 ? 345 ARG A NH1 1 
ATOM   795  N  NH2 . ARG A 1 96  ? -17.132 15.437  4.658   1.00 40.50 ? 345 ARG A NH2 1 
ATOM   796  N  N   . GLY A 1 97  ? -16.471 8.967   1.639   1.00 18.71 ? 346 GLY A N   1 
ATOM   797  C  CA  . GLY A 1 97  ? -16.930 8.996   0.265   1.00 17.39 ? 346 GLY A CA  1 
ATOM   798  C  C   . GLY A 1 97  ? -16.256 7.923   -0.568  1.00 17.19 ? 346 GLY A C   1 
ATOM   799  O  O   . GLY A 1 97  ? -16.671 7.658   -1.692  1.00 17.45 ? 346 GLY A O   1 
ATOM   800  N  N   . GLU A 1 98  ? -15.210 7.312   -0.015  1.00 16.11 ? 347 GLU A N   1 
ATOM   801  C  CA  . GLU A 1 98  ? -14.466 6.258   -0.708  1.00 14.37 ? 347 GLU A CA  1 
ATOM   802  C  C   . GLU A 1 98  ? -14.833 4.897   -0.128  1.00 15.08 ? 347 GLU A C   1 
ATOM   803  O  O   . GLU A 1 98  ? -15.228 4.797   1.034   1.00 15.54 ? 347 GLU A O   1 
ATOM   804  C  CB  . GLU A 1 98  ? -12.957 6.462   -0.534  1.00 14.22 ? 347 GLU A CB  1 
ATOM   805  C  CG  . GLU A 1 98  ? -12.445 7.847   -0.869  1.00 11.65 ? 347 GLU A CG  1 
ATOM   806  C  CD  . GLU A 1 98  ? -12.690 8.239   -2.306  1.00 13.31 ? 347 GLU A CD  1 
ATOM   807  O  OE1 . GLU A 1 98  ? -12.890 7.340   -3.155  1.00 12.67 ? 347 GLU A OE1 1 
ATOM   808  O  OE2 . GLU A 1 98  ? -12.659 9.453   -2.590  1.00 12.78 ? 347 GLU A OE2 1 
ATOM   809  N  N   . PRO A 1 99  ? -14.718 3.829   -0.934  1.00 14.66 ? 348 PRO A N   1 
ATOM   810  C  CA  . PRO A 1 99  ? -14.274 3.845   -2.334  1.00 14.89 ? 348 PRO A CA  1 
ATOM   811  C  C   . PRO A 1 99  ? -15.466 4.169   -3.235  1.00 14.95 ? 348 PRO A C   1 
ATOM   812  O  O   . PRO A 1 99  ? -16.519 3.550   -3.101  1.00 16.89 ? 348 PRO A O   1 
ATOM   813  C  CB  . PRO A 1 99  ? -13.749 2.427   -2.537  1.00 14.02 ? 348 PRO A CB  1 
ATOM   814  C  CG  . PRO A 1 99  ? -14.673 1.615   -1.686  1.00 16.42 ? 348 PRO A CG  1 
ATOM   815  C  CD  . PRO A 1 99  ? -14.813 2.450   -0.425  1.00 15.36 ? 348 PRO A CD  1 
ATOM   816  N  N   . ASN A 1 100 ? -15.311 5.138   -4.136  1.00 14.07 ? 349 ASN A N   1 
ATOM   817  C  CA  . ASN A 1 100 ? -16.418 5.521   -5.014  1.00 14.53 ? 349 ASN A CA  1 
ATOM   818  C  C   . ASN A 1 100 ? -16.373 4.910   -6.414  1.00 14.24 ? 349 ASN A C   1 
ATOM   819  O  O   . ASN A 1 100 ? -17.305 5.074   -7.202  1.00 14.34 ? 349 ASN A O   1 
ATOM   820  C  CB  . ASN A 1 100 ? -16.525 7.048   -5.115  1.00 14.20 ? 349 ASN A CB  1 
ATOM   821  C  CG  . ASN A 1 100 ? -15.193 7.717   -5.401  1.00 12.82 ? 349 ASN A CG  1 
ATOM   822  O  OD1 . ASN A 1 100 ? -14.252 7.079   -5.866  1.00 12.71 ? 349 ASN A OD1 1 
ATOM   823  N  ND2 . ASN A 1 100 ? -15.119 9.021   -5.140  1.00 9.45  ? 349 ASN A ND2 1 
ATOM   824  N  N   . ASN A 1 101 ? -15.282 4.221   -6.722  1.00 16.48 ? 350 ASN A N   1 
ATOM   825  C  CA  . ASN A 1 101 ? -15.123 3.543   -8.007  1.00 16.64 ? 350 ASN A CA  1 
ATOM   826  C  C   . ASN A 1 101 ? -15.438 4.388   -9.246  1.00 18.46 ? 350 ASN A C   1 
ATOM   827  O  O   . ASN A 1 101 ? -15.855 3.846   -10.271 1.00 17.83 ? 350 ASN A O   1 
ATOM   828  C  CB  . ASN A 1 101 ? -16.012 2.298   -8.004  1.00 16.15 ? 350 ASN A CB  1 
ATOM   829  C  CG  . ASN A 1 101 ? -15.707 1.360   -9.146  1.00 16.32 ? 350 ASN A CG  1 
ATOM   830  O  OD1 . ASN A 1 101 ? -14.561 0.962   -9.340  1.00 16.25 ? 350 ASN A OD1 1 
ATOM   831  N  ND2 . ASN A 1 101 ? -16.737 0.989   -9.904  1.00 15.69 ? 350 ASN A ND2 1 
ATOM   832  N  N   . VAL A 1 102 ? -15.227 5.700   -9.178  1.00 19.11 ? 351 VAL A N   1 
ATOM   833  C  CA  . VAL A 1 102 ? -15.545 6.539   -10.335 1.00 21.00 ? 351 VAL A CA  1 
ATOM   834  C  C   . VAL A 1 102 ? -14.674 6.219   -11.552 1.00 20.19 ? 351 VAL A C   1 
ATOM   835  O  O   . VAL A 1 102 ? -13.447 6.180   -11.469 1.00 22.27 ? 351 VAL A O   1 
ATOM   836  C  CB  . VAL A 1 102 ? -15.437 8.056   -10.006 1.00 22.64 ? 351 VAL A CB  1 
ATOM   837  C  CG1 . VAL A 1 102 ? -15.785 8.305   -8.550  1.00 21.14 ? 351 VAL A CG1 1 
ATOM   838  C  CG2 . VAL A 1 102 ? -14.067 8.576   -10.343 1.00 23.52 ? 351 VAL A CG2 1 
ATOM   839  N  N   . GLY A 1 103 ? -15.326 5.985   -12.685 1.00 20.61 ? 352 GLY A N   1 
ATOM   840  C  CA  . GLY A 1 103 ? -14.605 5.659   -13.901 1.00 18.78 ? 352 GLY A CA  1 
ATOM   841  C  C   . GLY A 1 103 ? -13.858 4.355   -13.730 1.00 17.58 ? 352 GLY A C   1 
ATOM   842  O  O   . GLY A 1 103 ? -12.909 4.080   -14.453 1.00 19.51 ? 352 GLY A O   1 
ATOM   843  N  N   . GLU A 1 104 ? -14.308 3.553   -12.768 1.00 17.04 ? 353 GLU A N   1 
ATOM   844  C  CA  . GLU A 1 104 ? -13.706 2.265   -12.442 1.00 14.89 ? 353 GLU A CA  1 
ATOM   845  C  C   . GLU A 1 104 ? -12.357 2.466   -11.762 1.00 13.62 ? 353 GLU A C   1 
ATOM   846  O  O   . GLU A 1 104 ? -11.331 2.637   -12.415 1.00 13.41 ? 353 GLU A O   1 
ATOM   847  C  CB  . GLU A 1 104 ? -13.524 1.399   -13.696 1.00 16.68 ? 353 GLU A CB  1 
ATOM   848  C  CG  . GLU A 1 104 ? -14.792 1.174   -14.502 1.00 19.68 ? 353 GLU A CG  1 
ATOM   849  C  CD  . GLU A 1 104 ? -14.651 0.031   -15.493 1.00 23.80 ? 353 GLU A CD  1 
ATOM   850  O  OE1 . GLU A 1 104 ? -13.514 -0.240  -15.940 1.00 25.54 ? 353 GLU A OE1 1 
ATOM   851  O  OE2 . GLU A 1 104 ? -15.677 -0.593  -15.831 1.00 24.53 ? 353 GLU A OE2 1 
ATOM   852  N  N   . GLU A 1 105 ? -12.374 2.471   -10.438 1.00 12.39 ? 354 GLU A N   1 
ATOM   853  C  CA  . GLU A 1 105 ? -11.151 2.636   -9.665  1.00 12.35 ? 354 GLU A CA  1 
ATOM   854  C  C   . GLU A 1 105 ? -11.028 1.368   -8.850  1.00 13.03 ? 354 GLU A C   1 
ATOM   855  O  O   . GLU A 1 105 ? -11.798 1.147   -7.915  1.00 11.98 ? 354 GLU A O   1 
ATOM   856  C  CB  . GLU A 1 105 ? -11.266 3.869   -8.771  1.00 13.95 ? 354 GLU A CB  1 
ATOM   857  C  CG  . GLU A 1 105 ? -11.569 5.122   -9.573  1.00 15.32 ? 354 GLU A CG  1 
ATOM   858  C  CD  . GLU A 1 105 ? -11.619 6.374   -8.735  1.00 16.86 ? 354 GLU A CD  1 
ATOM   859  O  OE1 . GLU A 1 105 ? -12.251 6.340   -7.664  1.00 13.35 ? 354 GLU A OE1 1 
ATOM   860  O  OE2 . GLU A 1 105 ? -11.032 7.396   -9.154  1.00 19.37 ? 354 GLU A OE2 1 
ATOM   861  N  N   . ASP A 1 106 ? -10.067 0.524   -9.220  1.00 12.21 ? 355 ASP A N   1 
ATOM   862  C  CA  . ASP A 1 106 ? -9.897  -0.759  -8.548  1.00 10.96 ? 355 ASP A CA  1 
ATOM   863  C  C   . ASP A 1 106 ? -8.602  -0.953  -7.768  1.00 10.55 ? 355 ASP A C   1 
ATOM   864  O  O   . ASP A 1 106 ? -8.298  -2.066  -7.349  1.00 10.04 ? 355 ASP A O   1 
ATOM   865  C  CB  . ASP A 1 106 ? -10.038 -1.887  -9.573  1.00 12.40 ? 355 ASP A CB  1 
ATOM   866  C  CG  . ASP A 1 106 ? -11.291 -1.753  -10.416 1.00 13.23 ? 355 ASP A CG  1 
ATOM   867  O  OD1 . ASP A 1 106 ? -12.226 -1.046  -9.986  1.00 12.47 ? 355 ASP A OD1 1 
ATOM   868  O  OD2 . ASP A 1 106 ? -11.345 -2.359  -11.505 1.00 13.77 ? 355 ASP A OD2 1 
ATOM   869  N  N   . CYS A 1 107 ? -7.848  0.119   -7.571  1.00 7.92  ? 356 CYS A N   1 
ATOM   870  C  CA  . CYS A 1 107 ? -6.588  0.035   -6.840  1.00 6.60  ? 356 CYS A CA  1 
ATOM   871  C  C   . CYS A 1 107 ? -6.560  1.050   -5.699  1.00 7.18  ? 356 CYS A C   1 
ATOM   872  O  O   . CYS A 1 107 ? -6.921  2.207   -5.883  1.00 10.30 ? 356 CYS A O   1 
ATOM   873  C  CB  . CYS A 1 107 ? -5.420  0.248   -7.814  1.00 6.27  ? 356 CYS A CB  1 
ATOM   874  S  SG  . CYS A 1 107 ? -5.209  -1.198  -8.912  1.00 10.31 ? 356 CYS A SG  1 
ATOM   875  N  N   . ALA A 1 108 ? -6.131  0.607   -4.519  1.00 8.28  ? 357 ALA A N   1 
ATOM   876  C  CA  . ALA A 1 108 ? -6.094  1.472   -3.343  1.00 9.09  ? 357 ALA A CA  1 
ATOM   877  C  C   . ALA A 1 108 ? -4.770  2.203   -3.137  1.00 9.68  ? 357 ALA A C   1 
ATOM   878  O  O   . ALA A 1 108 ? -3.697  1.643   -3.337  1.00 8.22  ? 357 ALA A O   1 
ATOM   879  C  CB  . ALA A 1 108 ? -6.432  0.665   -2.102  1.00 8.83  ? 357 ALA A CB  1 
ATOM   880  N  N   . GLU A 1 109 ? -4.868  3.461   -2.718  1.00 9.50  ? 358 GLU A N   1 
ATOM   881  C  CA  . GLU A 1 109 ? -3.693  4.288   -2.475  1.00 9.01  ? 358 GLU A CA  1 
ATOM   882  C  C   . GLU A 1 109 ? -3.872  5.012   -1.157  1.00 9.16  ? 358 GLU A C   1 
ATOM   883  O  O   . GLU A 1 109 ? -4.997  5.157   -0.672  1.00 8.99  ? 358 GLU A O   1 
ATOM   884  C  CB  . GLU A 1 109 ? -3.556  5.358   -3.558  1.00 8.78  ? 358 GLU A CB  1 
ATOM   885  C  CG  . GLU A 1 109 ? -4.808  6.227   -3.663  1.00 10.00 ? 358 GLU A CG  1 
ATOM   886  C  CD  . GLU A 1 109 ? -4.594  7.571   -4.343  1.00 10.17 ? 358 GLU A CD  1 
ATOM   887  O  OE1 . GLU A 1 109 ? -5.609  8.235   -4.630  1.00 12.40 ? 358 GLU A OE1 1 
ATOM   888  O  OE2 . GLU A 1 109 ? -3.435  7.971   -4.583  1.00 10.16 ? 358 GLU A OE2 1 
ATOM   889  N  N   . PHE A 1 110 ? -2.758  5.444   -0.574  1.00 7.71  ? 359 PHE A N   1 
ATOM   890  C  CA  . PHE A 1 110 ? -2.802  6.242   0.635   1.00 8.58  ? 359 PHE A CA  1 
ATOM   891  C  C   . PHE A 1 110 ? -3.025  7.626   0.044   1.00 10.63 ? 359 PHE A C   1 
ATOM   892  O  O   . PHE A 1 110 ? -2.266  8.059   -0.827  1.00 9.97  ? 359 PHE A O   1 
ATOM   893  C  CB  . PHE A 1 110 ? -1.462  6.216   1.372   1.00 8.74  ? 359 PHE A CB  1 
ATOM   894  C  CG  . PHE A 1 110 ? -1.098  4.871   1.916   1.00 9.69  ? 359 PHE A CG  1 
ATOM   895  C  CD1 . PHE A 1 110 ? -0.232  4.034   1.220   1.00 11.66 ? 359 PHE A CD1 1 
ATOM   896  C  CD2 . PHE A 1 110 ? -1.638  4.429   3.118   1.00 10.84 ? 359 PHE A CD2 1 
ATOM   897  C  CE1 . PHE A 1 110 ? 0.095   2.771   1.714   1.00 11.75 ? 359 PHE A CE1 1 
ATOM   898  C  CE2 . PHE A 1 110 ? -1.321  3.167   3.620   1.00 11.81 ? 359 PHE A CE2 1 
ATOM   899  C  CZ  . PHE A 1 110 ? -0.450  2.338   2.914   1.00 11.90 ? 359 PHE A CZ  1 
ATOM   900  N  N   . SER A 1 111 ? -4.071  8.307   0.489   1.00 12.16 ? 360 SER A N   1 
ATOM   901  C  CA  . SER A 1 111 ? -4.381  9.633   -0.020  1.00 11.61 ? 360 SER A CA  1 
ATOM   902  C  C   . SER A 1 111 ? -4.802  10.528  1.135   1.00 12.66 ? 360 SER A C   1 
ATOM   903  O  O   . SER A 1 111 ? -5.882  10.360  1.702   1.00 14.01 ? 360 SER A O   1 
ATOM   904  C  CB  . SER A 1 111 ? -5.509  9.545   -1.051  1.00 14.12 ? 360 SER A CB  1 
ATOM   905  O  OG  . SER A 1 111 ? -5.841  10.825  -1.557  1.00 17.23 ? 360 SER A OG  1 
ATOM   906  N  N   . GLY A 1 112 ? -3.944  11.478  1.483   1.00 12.05 ? 361 GLY A N   1 
ATOM   907  C  CA  . GLY A 1 112 ? -4.257  12.375  2.575   1.00 14.36 ? 361 GLY A CA  1 
ATOM   908  C  C   . GLY A 1 112 ? -4.165  11.655  3.902   1.00 13.86 ? 361 GLY A C   1 
ATOM   909  O  O   . GLY A 1 112 ? -3.110  11.136  4.262   1.00 16.65 ? 361 GLY A O   1 
ATOM   910  N  N   . ASN A 1 113 ? -5.271  11.608  4.632   1.00 14.63 ? 362 ASN A N   1 
ATOM   911  C  CA  . ASN A 1 113 ? -5.274  10.954  5.932   1.00 15.57 ? 362 ASN A CA  1 
ATOM   912  C  C   . ASN A 1 113 ? -5.811  9.533   5.872   1.00 13.82 ? 362 ASN A C   1 
ATOM   913  O  O   . ASN A 1 113 ? -5.753  8.806   6.858   1.00 14.31 ? 362 ASN A O   1 
ATOM   914  C  CB  . ASN A 1 113 ? -6.092  11.777  6.931   1.00 19.91 ? 362 ASN A CB  1 
ATOM   915  C  CG  . ASN A 1 113 ? -5.555  13.183  7.100   1.00 21.69 ? 362 ASN A CG  1 
ATOM   916  O  OD1 . ASN A 1 113 ? -4.385  13.380  7.437   1.00 25.83 ? 362 ASN A OD1 1 
ATOM   917  N  ND2 . ASN A 1 113 ? -6.408  14.173  6.866   1.00 25.17 ? 362 ASN A ND2 1 
ATOM   918  N  N   . GLY A 1 114 ? -6.322  9.134   4.714   1.00 13.16 ? 363 GLY A N   1 
ATOM   919  C  CA  . GLY A 1 114 ? -6.858  7.793   4.586   1.00 10.64 ? 363 GLY A CA  1 
ATOM   920  C  C   . GLY A 1 114 ? -6.540  7.136   3.259   1.00 10.31 ? 363 GLY A C   1 
ATOM   921  O  O   . GLY A 1 114 ? -5.505  7.412   2.651   1.00 11.00 ? 363 GLY A O   1 
ATOM   922  N  N   . TRP A 1 115 ? -7.437  6.264   2.814   1.00 9.58  ? 364 TRP A N   1 
ATOM   923  C  CA  . TRP A 1 115 ? -7.263  5.550   1.557   1.00 9.98  ? 364 TRP A CA  1 
ATOM   924  C  C   . TRP A 1 115 ? -8.261  6.042   0.529   1.00 11.43 ? 364 TRP A C   1 
ATOM   925  O  O   . TRP A 1 115 ? -9.331  6.552   0.869   1.00 10.19 ? 364 TRP A O   1 
ATOM   926  C  CB  . TRP A 1 115 ? -7.512  4.046   1.722   1.00 8.21  ? 364 TRP A CB  1 
ATOM   927  C  CG  . TRP A 1 115 ? -6.710  3.342   2.756   1.00 9.79  ? 364 TRP A CG  1 
ATOM   928  C  CD1 . TRP A 1 115 ? -5.626  3.813   3.432   1.00 9.79  ? 364 TRP A CD1 1 
ATOM   929  C  CD2 . TRP A 1 115 ? -6.898  1.993   3.185   1.00 11.51 ? 364 TRP A CD2 1 
ATOM   930  N  NE1 . TRP A 1 115 ? -5.122  2.835   4.260   1.00 10.62 ? 364 TRP A NE1 1 
ATOM   931  C  CE2 . TRP A 1 115 ? -5.886  1.706   4.124   1.00 11.75 ? 364 TRP A CE2 1 
ATOM   932  C  CE3 . TRP A 1 115 ? -7.829  0.993   2.863   1.00 9.54  ? 364 TRP A CE3 1 
ATOM   933  C  CZ2 . TRP A 1 115 ? -5.775  0.456   4.747   1.00 11.73 ? 364 TRP A CZ2 1 
ATOM   934  C  CZ3 . TRP A 1 115 ? -7.719  -0.246  3.481   1.00 11.14 ? 364 TRP A CZ3 1 
ATOM   935  C  CH2 . TRP A 1 115 ? -6.697  -0.502  4.413   1.00 11.30 ? 364 TRP A CH2 1 
ATOM   936  N  N   . ASN A 1 116 ? -7.904  5.854   -0.733  1.00 10.32 ? 365 ASN A N   1 
ATOM   937  C  CA  . ASN A 1 116 ? -8.762  6.223   -1.838  1.00 10.47 ? 365 ASN A CA  1 
ATOM   938  C  C   . ASN A 1 116 ? -8.621  5.155   -2.909  1.00 11.93 ? 365 ASN A C   1 
ATOM   939  O  O   . ASN A 1 116 ? -7.556  4.556   -3.058  1.00 10.50 ? 365 ASN A O   1 
ATOM   940  C  CB  . ASN A 1 116 ? -8.352  7.574   -2.428  1.00 9.65  ? 365 ASN A CB  1 
ATOM   941  C  CG  . ASN A 1 116 ? -9.052  7.860   -3.742  1.00 10.53 ? 365 ASN A CG  1 
ATOM   942  O  OD1 . ASN A 1 116 ? -10.263 7.690   -3.851  1.00 11.36 ? 365 ASN A OD1 1 
ATOM   943  N  ND2 . ASN A 1 116 ? -8.295  8.293   -4.743  1.00 9.38  ? 365 ASN A ND2 1 
ATOM   944  N  N   . ASP A 1 117 ? -9.701  4.877   -3.628  1.00 10.84 ? 366 ASP A N   1 
ATOM   945  C  CA  . ASP A 1 117 ? -9.599  3.917   -4.710  1.00 11.31 ? 366 ASP A CA  1 
ATOM   946  C  C   . ASP A 1 117 ? -9.368  4.800   -5.933  1.00 10.66 ? 366 ASP A C   1 
ATOM   947  O  O   . ASP A 1 117 ? -9.993  5.851   -6.069  1.00 12.25 ? 366 ASP A O   1 
ATOM   948  C  CB  . ASP A 1 117 ? -10.873 3.058   -4.823  1.00 12.51 ? 366 ASP A CB  1 
ATOM   949  C  CG  . ASP A 1 117 ? -12.129 3.868   -5.071  1.00 12.38 ? 366 ASP A CG  1 
ATOM   950  O  OD1 . ASP A 1 117 ? -12.214 5.034   -4.632  1.00 11.72 ? 366 ASP A OD1 1 
ATOM   951  O  OD2 . ASP A 1 117 ? -13.053 3.312   -5.700  1.00 13.92 ? 366 ASP A OD2 1 
ATOM   952  N  N   . ASP A 1 118 ? -8.433  4.410   -6.791  1.00 9.68  ? 367 ASP A N   1 
ATOM   953  C  CA  . ASP A 1 118 ? -8.131  5.213   -7.969  1.00 8.22  ? 367 ASP A CA  1 
ATOM   954  C  C   . ASP A 1 118 ? -7.843  4.339   -9.184  1.00 9.67  ? 367 ASP A C   1 
ATOM   955  O  O   . ASP A 1 118 ? -7.803  3.108   -9.088  1.00 8.02  ? 367 ASP A O   1 
ATOM   956  C  CB  . ASP A 1 118 ? -6.925  6.117   -7.684  1.00 10.64 ? 367 ASP A CB  1 
ATOM   957  C  CG  . ASP A 1 118 ? -6.977  7.430   -8.450  1.00 12.15 ? 367 ASP A CG  1 
ATOM   958  O  OD1 . ASP A 1 118 ? -7.801  7.550   -9.379  1.00 13.70 ? 367 ASP A OD1 1 
ATOM   959  O  OD2 . ASP A 1 118 ? -6.185  8.340   -8.124  1.00 12.88 ? 367 ASP A OD2 1 
ATOM   960  N  N   . LYS A 1 119 ? -7.651  4.985   -10.331 1.00 9.64  ? 368 LYS A N   1 
ATOM   961  C  CA  . LYS A 1 119 ? -7.363  4.273   -11.574 1.00 9.89  ? 368 LYS A CA  1 
ATOM   962  C  C   . LYS A 1 119 ? -6.061  3.500   -11.425 1.00 9.58  ? 368 LYS A C   1 
ATOM   963  O  O   . LYS A 1 119 ? -5.003  4.086   -11.183 1.00 10.60 ? 368 LYS A O   1 
ATOM   964  C  CB  . LYS A 1 119 ? -7.225  5.259   -12.735 1.00 10.24 ? 368 LYS A CB  1 
ATOM   965  C  CG  . LYS A 1 119 ? -8.350  6.278   -12.852 1.00 16.18 ? 368 LYS A CG  1 
ATOM   966  C  CD  . LYS A 1 119 ? -9.706  5.618   -13.071 1.00 18.74 ? 368 LYS A CD  1 
ATOM   967  C  CE  . LYS A 1 119 ? -10.782 6.672   -13.341 1.00 22.63 ? 368 LYS A CE  1 
ATOM   968  N  NZ  . LYS A 1 119 ? -10.916 7.655   -12.221 1.00 22.52 ? 368 LYS A NZ  1 
ATOM   969  N  N   . CYS A 1 120 ? -6.134  2.183   -11.583 1.00 9.82  ? 369 CYS A N   1 
ATOM   970  C  CA  . CYS A 1 120 ? -4.956  1.335   -11.465 1.00 9.84  ? 369 CYS A CA  1 
ATOM   971  C  C   . CYS A 1 120 ? -3.834  1.729   -12.417 1.00 10.35 ? 369 CYS A C   1 
ATOM   972  O  O   . CYS A 1 120 ? -2.663  1.489   -12.134 1.00 11.19 ? 369 CYS A O   1 
ATOM   973  C  CB  . CYS A 1 120 ? -5.334  -0.116  -11.729 1.00 8.79  ? 369 CYS A CB  1 
ATOM   974  S  SG  . CYS A 1 120 ? -6.442  -0.838  -10.483 1.00 11.49 ? 369 CYS A SG  1 
ATOM   975  N  N   . ASN A 1 121 ? -4.192  2.325   -13.549 1.00 11.55 ? 370 ASN A N   1 
ATOM   976  C  CA  . ASN A 1 121 ? -3.187  2.717   -14.526 1.00 11.50 ? 370 ASN A CA  1 
ATOM   977  C  C   . ASN A 1 121 ? -2.538  4.071   -14.280 1.00 12.45 ? 370 ASN A C   1 
ATOM   978  O  O   . ASN A 1 121 ? -1.625  4.473   -15.008 1.00 12.00 ? 370 ASN A O   1 
ATOM   979  C  CB  . ASN A 1 121 ? -3.775  2.646   -15.937 1.00 14.45 ? 370 ASN A CB  1 
ATOM   980  C  CG  . ASN A 1 121 ? -3.810  1.227   -16.466 1.00 17.75 ? 370 ASN A CG  1 
ATOM   981  O  OD1 . ASN A 1 121 ? -2.863  0.469   -16.265 1.00 21.67 ? 370 ASN A OD1 1 
ATOM   982  N  ND2 . ASN A 1 121 ? -4.891  0.860   -17.144 1.00 20.01 ? 370 ASN A ND2 1 
ATOM   983  N  N   . LEU A 1 122 ? -3.009  4.782   -13.260 1.00 11.14 ? 371 LEU A N   1 
ATOM   984  C  CA  . LEU A 1 122 ? -2.416  6.063   -12.914 1.00 11.26 ? 371 LEU A CA  1 
ATOM   985  C  C   . LEU A 1 122 ? -1.088  5.749   -12.242 1.00 10.30 ? 371 LEU A C   1 
ATOM   986  O  O   . LEU A 1 122 ? -0.963  4.740   -11.551 1.00 11.79 ? 371 LEU A O   1 
ATOM   987  C  CB  . LEU A 1 122 ? -3.306  6.833   -11.933 1.00 12.83 ? 371 LEU A CB  1 
ATOM   988  C  CG  . LEU A 1 122 ? -4.376  7.763   -12.510 1.00 15.26 ? 371 LEU A CG  1 
ATOM   989  C  CD1 . LEU A 1 122 ? -5.222  8.326   -11.372 1.00 16.67 ? 371 LEU A CD1 1 
ATOM   990  C  CD2 . LEU A 1 122 ? -3.712  8.896   -13.290 1.00 14.34 ? 371 LEU A CD2 1 
ATOM   991  N  N   . ALA A 1 123 ? -0.092  6.597   -12.461 1.00 8.72  ? 372 ALA A N   1 
ATOM   992  C  CA  . ALA A 1 123 ? 1.210   6.395   -11.846 1.00 7.48  ? 372 ALA A CA  1 
ATOM   993  C  C   . ALA A 1 123 ? 1.224   7.068   -10.479 1.00 9.09  ? 372 ALA A C   1 
ATOM   994  O  O   . ALA A 1 123 ? 0.752   8.194   -10.323 1.00 8.32  ? 372 ALA A O   1 
ATOM   995  C  CB  . ALA A 1 123 ? 2.302   6.977   -12.733 1.00 9.12  ? 372 ALA A CB  1 
ATOM   996  N  N   . LYS A 1 124 ? 1.763   6.371   -9.486  1.00 9.72  ? 373 LYS A N   1 
ATOM   997  C  CA  . LYS A 1 124 ? 1.844   6.912   -8.137  1.00 8.15  ? 373 LYS A CA  1 
ATOM   998  C  C   . LYS A 1 124 ? 3.091   6.346   -7.482  1.00 9.33  ? 373 LYS A C   1 
ATOM   999  O  O   . LYS A 1 124 ? 3.722   5.430   -8.005  1.00 8.67  ? 373 LYS A O   1 
ATOM   1000 C  CB  . LYS A 1 124 ? 0.632   6.485   -7.300  1.00 7.24  ? 373 LYS A CB  1 
ATOM   1001 C  CG  . LYS A 1 124 ? -0.721  6.957   -7.811  1.00 5.44  ? 373 LYS A CG  1 
ATOM   1002 C  CD  . LYS A 1 124 ? -1.841  6.410   -6.940  1.00 4.16  ? 373 LYS A CD  1 
ATOM   1003 C  CE  . LYS A 1 124 ? -3.209  6.745   -7.507  1.00 4.08  ? 373 LYS A CE  1 
ATOM   1004 N  NZ  . LYS A 1 124 ? -3.542  8.185   -7.349  1.00 7.68  ? 373 LYS A NZ  1 
ATOM   1005 N  N   . PHE A 1 125 ? 3.448   6.898   -6.334  1.00 7.83  ? 374 PHE A N   1 
ATOM   1006 C  CA  . PHE A 1 125 ? 4.590   6.365   -5.618  1.00 9.58  ? 374 PHE A CA  1 
ATOM   1007 C  C   . PHE A 1 125 ? 4.091   5.053   -5.036  1.00 8.99  ? 374 PHE A C   1 
ATOM   1008 O  O   . PHE A 1 125 ? 2.891   4.773   -5.059  1.00 7.45  ? 374 PHE A O   1 
ATOM   1009 C  CB  . PHE A 1 125 ? 5.023   7.310   -4.497  1.00 9.87  ? 374 PHE A CB  1 
ATOM   1010 C  CG  . PHE A 1 125 ? 5.574   8.610   -4.992  1.00 12.18 ? 374 PHE A CG  1 
ATOM   1011 C  CD1 . PHE A 1 125 ? 4.739   9.704   -5.192  1.00 11.26 ? 374 PHE A CD1 1 
ATOM   1012 C  CD2 . PHE A 1 125 ? 6.926   8.733   -5.291  1.00 11.94 ? 374 PHE A CD2 1 
ATOM   1013 C  CE1 . PHE A 1 125 ? 5.242   10.902  -5.687  1.00 12.93 ? 374 PHE A CE1 1 
ATOM   1014 C  CE2 . PHE A 1 125 ? 7.440   9.928   -5.789  1.00 13.29 ? 374 PHE A CE2 1 
ATOM   1015 C  CZ  . PHE A 1 125 ? 6.598   11.013  -5.988  1.00 14.24 ? 374 PHE A CZ  1 
ATOM   1016 N  N   . TRP A 1 126 ? 4.998   4.235   -4.525  1.00 8.85  ? 375 TRP A N   1 
ATOM   1017 C  CA  . TRP A 1 126 ? 4.577   2.970   -3.946  1.00 9.37  ? 375 TRP A CA  1 
ATOM   1018 C  C   . TRP A 1 126 ? 5.498   2.602   -2.797  1.00 8.75  ? 375 TRP A C   1 
ATOM   1019 O  O   . TRP A 1 126 ? 6.626   3.078   -2.722  1.00 9.89  ? 375 TRP A O   1 
ATOM   1020 C  CB  . TRP A 1 126 ? 4.577   1.864   -5.016  1.00 10.36 ? 375 TRP A CB  1 
ATOM   1021 C  CG  . TRP A 1 126 ? 5.939   1.461   -5.473  1.00 11.37 ? 375 TRP A CG  1 
ATOM   1022 C  CD1 . TRP A 1 126 ? 6.737   0.494   -4.928  1.00 10.90 ? 375 TRP A CD1 1 
ATOM   1023 C  CD2 . TRP A 1 126 ? 6.698   2.060   -6.530  1.00 12.46 ? 375 TRP A CD2 1 
ATOM   1024 N  NE1 . TRP A 1 126 ? 7.947   0.457   -5.579  1.00 13.76 ? 375 TRP A NE1 1 
ATOM   1025 C  CE2 . TRP A 1 126 ? 7.951   1.407   -6.566  1.00 13.69 ? 375 TRP A CE2 1 
ATOM   1026 C  CE3 . TRP A 1 126 ? 6.442   3.088   -7.448  1.00 12.71 ? 375 TRP A CE3 1 
ATOM   1027 C  CZ2 . TRP A 1 126 ? 8.948   1.751   -7.485  1.00 13.55 ? 375 TRP A CZ2 1 
ATOM   1028 C  CZ3 . TRP A 1 126 ? 7.434   3.428   -8.359  1.00 14.31 ? 375 TRP A CZ3 1 
ATOM   1029 C  CH2 . TRP A 1 126 ? 8.670   2.763   -8.371  1.00 12.55 ? 375 TRP A CH2 1 
ATOM   1030 N  N   . ILE A 1 127 ? 4.990   1.774   -1.891  1.00 9.52  ? 376 ILE A N   1 
ATOM   1031 C  CA  . ILE A 1 127 ? 5.757   1.316   -0.742  1.00 9.02  ? 376 ILE A CA  1 
ATOM   1032 C  C   . ILE A 1 127 ? 5.867   -0.202  -0.798  1.00 10.39 ? 376 ILE A C   1 
ATOM   1033 O  O   . ILE A 1 127 ? 4.865   -0.892  -0.970  1.00 9.44  ? 376 ILE A O   1 
ATOM   1034 C  CB  . ILE A 1 127 ? 5.076   1.696   0.590   1.00 7.29  ? 376 ILE A CB  1 
ATOM   1035 C  CG1 . ILE A 1 127 ? 5.112   3.214   0.782   1.00 6.19  ? 376 ILE A CG1 1 
ATOM   1036 C  CG2 . ILE A 1 127 ? 5.791   1.007   1.757   1.00 9.43  ? 376 ILE A CG2 1 
ATOM   1037 C  CD1 . ILE A 1 127 ? 4.343   3.691   2.001   1.00 4.97  ? 376 ILE A CD1 1 
ATOM   1038 N  N   . CYS A 1 128 ? 7.085   -0.715  -0.660  1.00 11.75 ? 377 CYS A N   1 
ATOM   1039 C  CA  . CYS A 1 128 ? 7.301   -2.153  -0.673  1.00 12.29 ? 377 CYS A CA  1 
ATOM   1040 C  C   . CYS A 1 128 ? 7.520   -2.609  0.755   1.00 12.25 ? 377 CYS A C   1 
ATOM   1041 O  O   . CYS A 1 128 ? 7.993   -1.846  1.595   1.00 11.36 ? 377 CYS A O   1 
ATOM   1042 C  CB  . CYS A 1 128 ? 8.532   -2.532  -1.497  1.00 12.79 ? 377 CYS A CB  1 
ATOM   1043 S  SG  . CYS A 1 128 ? 8.486   -2.065  -3.251  1.00 12.47 ? 377 CYS A SG  1 
ATOM   1044 N  N   . LYS A 1 129 ? 7.180   -3.860  1.018   1.00 12.47 ? 378 LYS A N   1 
ATOM   1045 C  CA  . LYS A 1 129 ? 7.335   -4.432  2.339   1.00 11.84 ? 378 LYS A CA  1 
ATOM   1046 C  C   . LYS A 1 129 ? 7.888   -5.847  2.241   1.00 13.50 ? 378 LYS A C   1 
ATOM   1047 O  O   . LYS A 1 129 ? 7.527   -6.610  1.344   1.00 12.12 ? 378 LYS A O   1 
ATOM   1048 C  CB  . LYS A 1 129 ? 5.978   -4.460  3.047   1.00 12.70 ? 378 LYS A CB  1 
ATOM   1049 C  CG  . LYS A 1 129 ? 5.944   -5.287  4.317   1.00 11.31 ? 378 LYS A CG  1 
ATOM   1050 C  CD  . LYS A 1 129 ? 4.519   -5.453  4.804   1.00 11.96 ? 378 LYS A CD  1 
ATOM   1051 C  CE  . LYS A 1 129 ? 4.458   -6.317  6.047   1.00 13.20 ? 378 LYS A CE  1 
ATOM   1052 N  NZ  . LYS A 1 129 ? 3.053   -6.486  6.501   1.00 12.49 ? 378 LYS A NZ  1 
ATOM   1053 N  N   . LYS A 1 130 ? 8.796   -6.176  3.150   1.00 13.63 ? 379 LYS A N   1 
ATOM   1054 C  CA  . LYS A 1 130 ? 9.355   -7.517  3.217   1.00 15.42 ? 379 LYS A CA  1 
ATOM   1055 C  C   . LYS A 1 130 ? 9.776   -7.732  4.656   1.00 15.39 ? 379 LYS A C   1 
ATOM   1056 O  O   . LYS A 1 130 ? 10.108  -6.785  5.359   1.00 14.54 ? 379 LYS A O   1 
ATOM   1057 C  CB  . LYS A 1 130 ? 10.534  -7.700  2.250   1.00 16.40 ? 379 LYS A CB  1 
ATOM   1058 C  CG  . LYS A 1 130 ? 11.720  -6.779  2.438   1.00 17.93 ? 379 LYS A CG  1 
ATOM   1059 C  CD  . LYS A 1 130 ? 12.717  -7.036  1.322   1.00 18.38 ? 379 LYS A CD  1 
ATOM   1060 C  CE  . LYS A 1 130 ? 13.981  -6.213  1.463   1.00 19.86 ? 379 LYS A CE  1 
ATOM   1061 N  NZ  . LYS A 1 130 ? 14.862  -6.419  0.280   1.00 22.55 ? 379 LYS A NZ  1 
ATOM   1062 N  N   . SER A 1 131 ? 9.726   -8.979  5.101   1.00 16.64 ? 380 SER A N   1 
ATOM   1063 C  CA  . SER A 1 131 ? 10.071  -9.302  6.476   1.00 16.75 ? 380 SER A CA  1 
ATOM   1064 C  C   . SER A 1 131 ? 11.515  -8.972  6.816   1.00 15.87 ? 380 SER A C   1 
ATOM   1065 O  O   . SER A 1 131 ? 12.398  -9.041  5.961   1.00 14.19 ? 380 SER A O   1 
ATOM   1066 C  CB  . SER A 1 131 ? 9.798   -10.783 6.736   1.00 18.10 ? 380 SER A CB  1 
ATOM   1067 O  OG  . SER A 1 131 ? 10.457  -11.581 5.770   1.00 23.35 ? 380 SER A OG  1 
ATOM   1068 N  N   . ALA A 1 132 ? 11.742  -8.607  8.074   1.00 16.61 ? 381 ALA A N   1 
ATOM   1069 C  CA  . ALA A 1 132 ? 13.078  -8.277  8.553   1.00 19.80 ? 381 ALA A CA  1 
ATOM   1070 C  C   . ALA A 1 132 ? 13.908  -9.552  8.591   1.00 23.20 ? 381 ALA A C   1 
ATOM   1071 O  O   . ALA A 1 132 ? 13.386  -10.625 8.893   1.00 24.33 ? 381 ALA A O   1 
ATOM   1072 C  CB  . ALA A 1 132 ? 12.999  -7.666  9.944   1.00 17.85 ? 381 ALA A CB  1 
ATOM   1073 N  N   . ALA A 1 133 ? 15.197  -9.425  8.292   1.00 25.46 ? 382 ALA A N   1 
ATOM   1074 C  CA  . ALA A 1 133 ? 16.107  -10.564 8.282   1.00 28.32 ? 382 ALA A CA  1 
ATOM   1075 C  C   . ALA A 1 133 ? 16.031  -11.362 9.574   1.00 30.86 ? 382 ALA A C   1 
ATOM   1076 O  O   . ALA A 1 133 ? 15.681  -10.832 10.629  1.00 29.74 ? 382 ALA A O   1 
ATOM   1077 C  CB  . ALA A 1 133 ? 17.534  -10.086 8.053   1.00 27.89 ? 382 ALA A CB  1 
ATOM   1078 N  N   . SER A 1 134 ? 16.371  -12.643 9.481   1.00 35.16 ? 383 SER A N   1 
ATOM   1079 C  CA  . SER A 1 134 ? 16.349  -13.528 10.638  1.00 39.07 ? 383 SER A CA  1 
ATOM   1080 C  C   . SER A 1 134 ? 17.642  -13.409 11.446  1.00 39.78 ? 383 SER A C   1 
ATOM   1081 O  O   . SER A 1 134 ? 18.587  -12.755 10.958  1.00 41.39 ? 383 SER A O   1 
ATOM   1082 C  CB  . SER A 1 134 ? 16.155  -14.972 10.178  1.00 40.41 ? 383 SER A CB  1 
ATOM   1083 O  OG  . SER A 1 134 ? 14.962  -15.101 9.423   1.00 42.98 ? 383 SER A OG  1 
HETATM 1084 C  C1  . GAL B 2 .   ? -17.559 17.811  -12.146 1.00 33.36 ? 1   GAL B C1  1 
HETATM 1085 C  C2  . GAL B 2 .   ? -16.774 16.507  -11.966 1.00 31.54 ? 1   GAL B C2  1 
HETATM 1086 C  C3  . GAL B 2 .   ? -15.615 16.724  -10.992 1.00 29.10 ? 1   GAL B C3  1 
HETATM 1087 C  C4  . GAL B 2 .   ? -14.754 17.905  -11.444 1.00 29.45 ? 1   GAL B C4  1 
HETATM 1088 C  C5  . GAL B 2 .   ? -15.630 19.143  -11.667 1.00 31.06 ? 1   GAL B C5  1 
HETATM 1089 C  C6  . GAL B 2 .   ? -14.851 20.316  -12.225 1.00 31.73 ? 1   GAL B C6  1 
HETATM 1090 O  O1  . GAL B 2 .   ? -18.561 17.636  -13.089 1.00 35.36 ? 1   GAL B O1  1 
HETATM 1091 O  O2  . GAL B 2 .   ? -17.631 15.488  -11.469 1.00 32.91 ? 1   GAL B O2  1 
HETATM 1092 O  O3  . GAL B 2 .   ? -14.810 15.534  -10.948 1.00 25.15 ? 1   GAL B O3  1 
HETATM 1093 O  O4  . GAL B 2 .   ? -14.076 17.564  -12.643 1.00 28.89 ? 1   GAL B O4  1 
HETATM 1094 O  O5  . GAL B 2 .   ? -16.682 18.846  -12.611 1.00 33.03 ? 1   GAL B O5  1 
HETATM 1095 O  O6  . GAL B 2 .   ? -15.697 21.433  -12.450 1.00 29.73 ? 1   GAL B O6  1 
HETATM 1096 C  C1  . NAG B 2 .   ? -14.035 15.351  -9.816  1.00 21.50 ? 2   NAG B C1  1 
HETATM 1097 C  C2  . NAG B 2 .   ? -13.741 13.867  -9.653  1.00 19.37 ? 2   NAG B C2  1 
HETATM 1098 C  C3  . NAG B 2 .   ? -12.778 13.641  -8.487  1.00 17.34 ? 2   NAG B C3  1 
HETATM 1099 C  C4  . NAG B 2 .   ? -11.553 14.541  -8.590  1.00 15.87 ? 2   NAG B C4  1 
HETATM 1100 C  C5  . NAG B 2 .   ? -11.954 15.998  -8.838  1.00 17.47 ? 2   NAG B C5  1 
HETATM 1101 C  C6  . NAG B 2 .   ? -10.750 16.880  -9.114  1.00 17.65 ? 2   NAG B C6  1 
HETATM 1102 C  C7  . NAG B 2 .   ? -15.673 12.657  -10.431 1.00 24.62 ? 2   NAG B C7  1 
HETATM 1103 C  C8  . NAG B 2 .   ? -17.136 12.328  -10.182 1.00 25.98 ? 2   NAG B C8  1 
HETATM 1104 N  N2  . NAG B 2 .   ? -14.984 13.160  -9.411  1.00 22.46 ? 2   NAG B N2  1 
HETATM 1105 O  O3  . NAG B 2 .   ? -12.326 12.278  -8.502  1.00 13.63 ? 2   NAG B O3  1 
HETATM 1106 O  O4  . NAG B 2 .   ? -10.802 14.445  -7.368  1.00 16.38 ? 2   NAG B O4  1 
HETATM 1107 O  O5  . NAG B 2 .   ? -12.813 16.080  -9.992  1.00 19.39 ? 2   NAG B O5  1 
HETATM 1108 O  O6  . NAG B 2 .   ? -10.018 16.411  -10.237 1.00 19.45 ? 2   NAG B O6  1 
HETATM 1109 O  O7  . NAG B 2 .   ? -15.175 12.450  -11.541 1.00 23.52 ? 2   NAG B O7  1 
HETATM 1110 C  C1  . FUC B 2 .   ? -13.070 11.360  -7.767  1.00 13.34 ? 3   FUC B C1  1 
HETATM 1111 C  C2  . FUC B 2 .   ? -12.390 9.992   -7.865  1.00 12.52 ? 3   FUC B C2  1 
HETATM 1112 C  C3  . FUC B 2 .   ? -11.128 9.946   -6.993  1.00 12.09 ? 3   FUC B C3  1 
HETATM 1113 C  C4  . FUC B 2 .   ? -11.447 10.384  -5.564  1.00 10.62 ? 3   FUC B C4  1 
HETATM 1114 C  C5  . FUC B 2 .   ? -12.052 11.782  -5.609  1.00 14.09 ? 3   FUC B C5  1 
HETATM 1115 C  C6  . FUC B 2 .   ? -12.435 12.300  -4.235  1.00 15.58 ? 3   FUC B C6  1 
HETATM 1116 O  O2  . FUC B 2 .   ? -12.018 9.775   -9.221  1.00 12.31 ? 3   FUC B O2  1 
HETATM 1117 O  O3  . FUC B 2 .   ? -10.600 8.628   -6.981  1.00 12.48 ? 3   FUC B O3  1 
HETATM 1118 O  O4  . FUC B 2 .   ? -12.375 9.475   -4.985  1.00 11.69 ? 3   FUC B O4  1 
HETATM 1119 O  O5  . FUC B 2 .   ? -13.254 11.756  -6.406  1.00 14.73 ? 3   FUC B O5  1 
HETATM 1120 C  C1  . GAL B 2 .   ? -9.442  14.234  -7.493  1.00 15.52 ? 4   GAL B C1  1 
HETATM 1121 C  C2  . GAL B 2 .   ? -8.763  14.569  -6.171  1.00 15.36 ? 4   GAL B C2  1 
HETATM 1122 C  C3  . GAL B 2 .   ? -7.272  14.250  -6.254  1.00 17.30 ? 4   GAL B C3  1 
HETATM 1123 C  C4  . GAL B 2 .   ? -7.061  12.800  -6.709  1.00 16.16 ? 4   GAL B C4  1 
HETATM 1124 C  C5  . GAL B 2 .   ? -7.832  12.545  -8.006  1.00 15.49 ? 4   GAL B C5  1 
HETATM 1125 C  C6  . GAL B 2 .   ? -7.746  11.104  -8.467  1.00 13.27 ? 4   GAL B C6  1 
HETATM 1126 O  O2  . GAL B 2 .   ? -8.948  15.947  -5.883  1.00 13.29 ? 4   GAL B O2  1 
HETATM 1127 O  O3  . GAL B 2 .   ? -6.679  14.444  -4.980  1.00 18.37 ? 4   GAL B O3  1 
HETATM 1128 O  O4  . GAL B 2 .   ? -7.517  11.907  -5.699  1.00 16.38 ? 4   GAL B O4  1 
HETATM 1129 O  O5  . GAL B 2 .   ? -9.228  12.853  -7.818  1.00 16.02 ? 4   GAL B O5  1 
HETATM 1130 O  O6  . GAL B 2 .   ? -6.433  10.797  -8.913  1.00 13.82 ? 4   GAL B O6  1 
HETATM 1131 CA CA  . CA  C 3 .   ? -13.560 -0.685  -7.877  1.00 12.52 ? 401 CA  A CA  1 
HETATM 1132 CA CA  . CA  D 3 .   ? -11.978 7.174   -5.508  1.00 11.85 ? 402 CA  A CA  1 
HETATM 1133 MG MG  . MG  E 4 .   ? -13.055 -3.315  -12.251 1.00 18.13 ? 403 MG  A MG  1 
HETATM 1134 O  O   . HOH F 5 .   ? -13.671 -4.180  -10.409 1.00 14.75 ? 404 HOH A O   1 
HETATM 1135 O  O   . HOH F 5 .   ? -14.079 -1.580  -11.832 1.00 12.77 ? 405 HOH A O   1 
HETATM 1136 O  O   . HOH F 5 .   ? -12.418 -2.508  -14.163 1.00 15.44 ? 406 HOH A O   1 
HETATM 1137 O  O   . HOH F 5 .   ? -14.027 0.830   -6.280  1.00 7.75  ? 407 HOH A O   1 
HETATM 1138 O  O   . HOH F 5 .   ? -9.535  -1.208  -13.321 1.00 18.70 ? 408 HOH A O   1 
HETATM 1139 O  O   . HOH F 5 .   ? -14.831 -4.258  -13.126 1.00 23.53 ? 409 HOH A O   1 
HETATM 1140 O  O   . HOH F 5 .   ? -11.900 -4.948  -12.751 1.00 17.43 ? 410 HOH A O   1 
HETATM 1141 O  O   . HOH F 5 .   ? -16.784 -1.335  -11.848 1.00 15.96 ? 411 HOH A O   1 
HETATM 1142 O  O   . HOH F 5 .   ? -8.885  0.947   -11.855 1.00 10.91 ? 412 HOH A O   1 
HETATM 1143 O  O   . HOH F 5 .   ? 9.839   -1.127  15.197  1.00 13.00 ? 413 HOH A O   1 
HETATM 1144 O  O   . HOH F 5 .   ? -4.470  -8.687  8.833   1.00 11.74 ? 414 HOH A O   1 
HETATM 1145 O  O   . HOH F 5 .   ? 5.557   -4.301  10.484  1.00 13.02 ? 415 HOH A O   1 
HETATM 1146 O  O   . HOH F 5 .   ? -8.962  9.194   -11.317 1.00 13.13 ? 416 HOH A O   1 
HETATM 1147 O  O   . HOH F 5 .   ? -10.204 10.360  -1.438  1.00 12.92 ? 417 HOH A O   1 
HETATM 1148 O  O   . HOH F 5 .   ? 4.653   -6.860  -5.141  1.00 12.54 ? 418 HOH A O   1 
HETATM 1149 O  O   . HOH F 5 .   ? -1.634  9.385   -9.605  1.00 14.81 ? 419 HOH A O   1 
HETATM 1150 O  O   . HOH F 5 .   ? -4.924  -7.028  -5.115  1.00 15.59 ? 420 HOH A O   1 
HETATM 1151 O  O   . HOH F 5 .   ? -5.450  -3.998  14.026  1.00 15.19 ? 421 HOH A O   1 
HETATM 1152 O  O   . HOH F 5 .   ? 4.077   2.364   -14.472 1.00 14.78 ? 422 HOH A O   1 
HETATM 1153 O  O   . HOH F 5 .   ? 5.790   6.461   9.336   1.00 13.01 ? 423 HOH A O   1 
HETATM 1154 O  O   . HOH F 5 .   ? -6.982  2.088   -14.845 1.00 12.32 ? 424 HOH A O   1 
HETATM 1155 O  O   . HOH F 5 .   ? 13.215  2.291   11.779  1.00 16.72 ? 425 HOH A O   1 
HETATM 1156 O  O   . HOH F 5 .   ? -7.868  13.887  -2.691  1.00 21.86 ? 426 HOH A O   1 
HETATM 1157 O  O   . HOH F 5 .   ? -3.048  -4.776  17.123  1.00 14.73 ? 427 HOH A O   1 
HETATM 1158 O  O   . HOH F 5 .   ? -7.384  -6.600  5.703   1.00 18.57 ? 428 HOH A O   1 
HETATM 1159 O  O   . HOH F 5 .   ? 12.976  3.592   3.864   1.00 14.13 ? 429 HOH A O   1 
HETATM 1160 O  O   . HOH F 5 .   ? -16.270 2.761   2.841   1.00 18.64 ? 430 HOH A O   1 
HETATM 1161 O  O   . HOH F 5 .   ? -7.554  17.086  -9.666  1.00 21.79 ? 431 HOH A O   1 
HETATM 1162 O  O   . HOH F 5 .   ? 1.683   2.442   14.644  1.00 21.55 ? 432 HOH A O   1 
HETATM 1163 O  O   . HOH F 5 .   ? 1.860   9.961   -6.681  1.00 20.78 ? 433 HOH A O   1 
HETATM 1164 O  O   . HOH F 5 .   ? 12.138  4.692   1.604   1.00 15.81 ? 434 HOH A O   1 
HETATM 1165 O  O   . HOH F 5 .   ? -14.221 11.074  -1.393  1.00 18.96 ? 435 HOH A O   1 
HETATM 1166 O  O   . HOH F 5 .   ? 2.272   -6.917  -12.049 1.00 21.03 ? 436 HOH A O   1 
HETATM 1167 O  O   . HOH F 5 .   ? -8.282  11.361  -3.152  1.00 19.75 ? 437 HOH A O   1 
HETATM 1168 O  O   . HOH F 5 .   ? -8.699  -8.066  -6.903  1.00 17.27 ? 438 HOH A O   1 
HETATM 1169 O  O   . HOH F 5 .   ? -5.279  10.727  -4.739  1.00 15.63 ? 439 HOH A O   1 
HETATM 1170 O  O   . HOH F 5 .   ? 8.273   6.056   -13.675 1.00 20.08 ? 440 HOH A O   1 
HETATM 1171 O  O   . HOH F 5 .   ? 12.577  -2.350  -7.995  1.00 25.97 ? 441 HOH A O   1 
HETATM 1172 O  O   . HOH F 5 .   ? -4.174  10.113  9.016   1.00 29.34 ? 442 HOH A O   1 
HETATM 1173 O  O   . HOH F 5 .   ? 2.561   -8.569  4.577   1.00 17.48 ? 443 HOH A O   1 
HETATM 1174 O  O   . HOH F 5 .   ? -3.918  11.108  -7.537  1.00 13.17 ? 444 HOH A O   1 
HETATM 1175 O  O   . HOH F 5 .   ? -10.624 0.121   -15.524 1.00 21.03 ? 445 HOH A O   1 
HETATM 1176 O  O   . HOH F 5 .   ? -7.285  -10.822 5.718   1.00 27.12 ? 446 HOH A O   1 
HETATM 1177 O  O   . HOH F 5 .   ? -10.459 11.386  -10.815 1.00 16.05 ? 447 HOH A O   1 
HETATM 1178 O  O   . HOH F 5 .   ? -19.002 19.860  -14.392 1.00 41.51 ? 448 HOH A O   1 
HETATM 1179 O  O   . HOH F 5 .   ? 8.021   -1.679  -12.435 1.00 18.45 ? 449 HOH A O   1 
HETATM 1180 O  O   . HOH F 5 .   ? -5.104  11.958  -10.938 1.00 18.41 ? 450 HOH A O   1 
HETATM 1181 O  O   . HOH F 5 .   ? -3.774  -15.420 1.481   1.00 24.99 ? 451 HOH A O   1 
HETATM 1182 O  O   . HOH F 5 .   ? 6.789   8.871   8.117   1.00 27.30 ? 452 HOH A O   1 
HETATM 1183 O  O   . HOH F 5 .   ? 6.252   11.275  -12.739 1.00 19.48 ? 453 HOH A O   1 
HETATM 1184 O  O   . HOH F 5 .   ? -11.380 -8.483  -5.972  1.00 20.82 ? 454 HOH A O   1 
HETATM 1185 O  O   . HOH F 5 .   ? 9.246   -10.727 3.081   1.00 31.96 ? 455 HOH A O   1 
HETATM 1186 O  O   . HOH F 5 .   ? -6.318  13.268  -0.569  1.00 18.42 ? 456 HOH A O   1 
HETATM 1187 O  O   . HOH F 5 .   ? -5.370  -2.553  16.495  1.00 20.95 ? 457 HOH A O   1 
HETATM 1188 O  O   . HOH F 5 .   ? 3.463   -7.154  1.958   1.00 26.96 ? 458 HOH A O   1 
HETATM 1189 O  O   . HOH F 5 .   ? -18.331 3.188   -1.255  1.00 25.02 ? 459 HOH A O   1 
HETATM 1190 O  O   . HOH F 5 .   ? -18.016 9.396   -3.119  1.00 22.55 ? 460 HOH A O   1 
HETATM 1191 O  O   . HOH F 5 .   ? -15.274 -0.844  -4.124  1.00 25.46 ? 461 HOH A O   1 
HETATM 1192 O  O   . HOH F 5 .   ? -4.785  16.118  -5.819  1.00 26.76 ? 462 HOH A O   1 
HETATM 1193 O  O   . HOH F 5 .   ? 4.784   -6.552  12.960  1.00 19.46 ? 463 HOH A O   1 
HETATM 1194 O  O   . HOH F 5 .   ? -7.318  17.598  -7.054  1.00 19.25 ? 464 HOH A O   1 
HETATM 1195 O  O   . HOH F 5 .   ? -7.939  12.414  3.791   1.00 25.81 ? 465 HOH A O   1 
HETATM 1196 O  O   . HOH F 5 .   ? 0.199   3.548   -16.638 1.00 15.24 ? 466 HOH A O   1 
HETATM 1197 O  O   . HOH F 5 .   ? 3.563   2.351   17.520  1.00 26.94 ? 467 HOH A O   1 
HETATM 1198 O  O   . HOH F 5 .   ? 1.197   -5.669  10.891  1.00 23.43 ? 468 HOH A O   1 
HETATM 1199 O  O   . HOH F 5 .   ? 5.635   -8.677  -11.302 1.00 24.04 ? 469 HOH A O   1 
HETATM 1200 O  O   . HOH F 5 .   ? -1.088  3.036   16.250  1.00 28.85 ? 470 HOH A O   1 
HETATM 1201 O  O   . HOH F 5 .   ? -11.811 -11.159 -5.572  1.00 32.01 ? 471 HOH A O   1 
HETATM 1202 O  O   . HOH F 5 .   ? -4.937  -7.656  6.476   1.00 20.73 ? 472 HOH A O   1 
HETATM 1203 O  O   . HOH F 5 .   ? 4.299   16.095  -2.605  1.00 35.33 ? 473 HOH A O   1 
HETATM 1204 O  O   . HOH F 5 .   ? -7.201  2.610   -18.112 1.00 32.55 ? 474 HOH A O   1 
HETATM 1205 O  O   . HOH F 5 .   ? 13.326  10.191  -9.046  1.00 24.38 ? 475 HOH A O   1 
HETATM 1206 O  O   . HOH F 5 .   ? -10.068 2.675   -14.950 1.00 27.05 ? 476 HOH A O   1 
HETATM 1207 O  O   . HOH F 5 .   ? 9.533   -10.563 0.336   1.00 25.08 ? 477 HOH A O   1 
HETATM 1208 O  O   . HOH F 5 .   ? -14.521 -1.653  1.770   1.00 26.92 ? 478 HOH A O   1 
HETATM 1209 O  O   . HOH F 5 .   ? 3.322   -8.391  8.246   1.00 17.94 ? 479 HOH A O   1 
HETATM 1210 O  O   . HOH F 5 .   ? 21.832  -3.811  2.462   1.00 22.57 ? 480 HOH A O   1 
HETATM 1211 O  O   . HOH F 5 .   ? 18.587  -7.161  6.298   1.00 36.97 ? 481 HOH A O   1 
HETATM 1212 O  O   . HOH F 5 .   ? 10.583  -0.929  -5.347  1.00 23.05 ? 482 HOH A O   1 
HETATM 1213 O  O   . HOH F 5 .   ? 12.401  4.656   -6.564  1.00 22.71 ? 483 HOH A O   1 
HETATM 1214 O  O   . HOH F 5 .   ? -8.321  -0.792  12.250  1.00 31.10 ? 484 HOH A O   1 
HETATM 1215 O  O   . HOH F 5 .   ? -16.496 6.490   3.124   1.00 33.54 ? 485 HOH A O   1 
HETATM 1216 O  O   . HOH F 5 .   ? 24.993  -5.248  6.315   1.00 34.71 ? 486 HOH A O   1 
HETATM 1217 O  O   . HOH F 5 .   ? 9.456   -10.623 11.176  1.00 31.26 ? 487 HOH A O   1 
HETATM 1218 O  O   . HOH F 5 .   ? 10.706  8.247   -0.767  1.00 31.35 ? 488 HOH A O   1 
HETATM 1219 O  O   . HOH F 5 .   ? -1.420  12.151  0.669   1.00 27.71 ? 489 HOH A O   1 
HETATM 1220 O  O   . HOH F 5 .   ? -13.462 -0.123  10.325  1.00 32.15 ? 490 HOH A O   1 
HETATM 1221 O  O   . HOH F 5 .   ? -4.624  5.644   10.104  1.00 28.93 ? 491 HOH A O   1 
HETATM 1222 O  O   . HOH F 5 .   ? 16.836  -4.954  -0.619  1.00 30.00 ? 492 HOH A O   1 
HETATM 1223 O  O   . HOH F 5 .   ? 3.352   -9.480  -4.950  1.00 25.77 ? 493 HOH A O   1 
HETATM 1224 O  O   . HOH F 5 .   ? -16.221 0.193   2.560   1.00 27.46 ? 494 HOH A O   1 
HETATM 1225 O  O   . HOH F 5 .   ? 1.961   12.295  -5.000  1.00 18.41 ? 495 HOH A O   1 
HETATM 1226 O  O   . HOH F 5 .   ? -3.773  15.376  -8.170  1.00 19.25 ? 496 HOH A O   1 
HETATM 1227 O  O   . HOH F 5 .   ? -4.272  -9.187  -6.693  1.00 28.26 ? 497 HOH A O   1 
HETATM 1228 O  O   . HOH F 5 .   ? -14.007 -5.829  0.483   1.00 24.65 ? 498 HOH A O   1 
HETATM 1229 O  O   . HOH F 5 .   ? -9.471  10.324  5.752   1.00 19.60 ? 499 HOH A O   1 
HETATM 1230 O  O   . HOH F 5 .   ? 14.489  3.213   9.514   1.00 25.87 ? 500 HOH A O   1 
HETATM 1231 O  O   . HOH F 5 .   ? -8.128  13.381  1.308   1.00 22.66 ? 501 HOH A O   1 
HETATM 1232 O  O   . HOH F 5 .   ? -10.890 12.621  -0.215  1.00 22.59 ? 502 HOH A O   1 
HETATM 1233 O  O   . HOH F 5 .   ? -10.069 14.970  -1.964  1.00 26.36 ? 503 HOH A O   1 
HETATM 1234 O  O   . HOH F 5 .   ? -19.401 3.076   -3.857  1.00 35.52 ? 504 HOH A O   1 
HETATM 1235 O  O   . HOH F 5 .   ? -8.704  -0.991  14.949  1.00 29.26 ? 505 HOH A O   1 
HETATM 1236 O  O   . HOH F 5 .   ? 11.191  -11.483 -5.677  1.00 28.36 ? 506 HOH A O   1 
HETATM 1237 O  O   . HOH F 5 .   ? 5.084   -4.719  -14.554 1.00 28.10 ? 507 HOH A O   1 
HETATM 1238 O  O   . HOH F 5 .   ? 17.278  -11.583 13.795  1.00 40.78 ? 508 HOH A O   1 
HETATM 1239 O  O   . HOH F 5 .   ? 12.911  -0.346  -6.280  1.00 38.81 ? 509 HOH A O   1 
HETATM 1240 O  O   . HOH F 5 .   ? 6.841   2.264   -15.240 1.00 23.54 ? 510 HOH A O   1 
HETATM 1241 O  O   . HOH F 5 .   ? -18.307 -7.553  -4.164  1.00 28.11 ? 511 HOH A O   1 
HETATM 1242 O  O   . HOH F 5 .   ? -4.398  14.914  -0.028  1.00 29.79 ? 512 HOH A O   1 
HETATM 1243 O  O   . HOH F 5 .   ? -11.329 17.175  -12.397 1.00 22.03 ? 513 HOH A O   1 
HETATM 1244 O  O   . HOH F 5 .   ? -2.804  14.763  5.245   1.00 33.25 ? 514 HOH A O   1 
HETATM 1245 O  O   . HOH F 5 .   ? 5.721   -8.414  2.549   1.00 22.74 ? 515 HOH A O   1 
HETATM 1246 O  O   . HOH F 5 .   ? -15.388 3.691   5.262   1.00 25.26 ? 516 HOH A O   1 
HETATM 1247 O  O   . HOH F 5 .   ? 7.903   9.661   10.683  1.00 27.92 ? 517 HOH A O   1 
HETATM 1248 O  O   . HOH F 5 .   ? -9.242  13.901  -11.010 1.00 32.63 ? 518 HOH A O   1 
HETATM 1249 O  O   . HOH F 5 .   ? 2.667   -7.750  10.867  1.00 31.93 ? 519 HOH A O   1 
HETATM 1250 O  O   . HOH F 5 .   ? -0.992  10.165  9.021   1.00 25.60 ? 520 HOH A O   1 
HETATM 1251 O  O   . HOH F 5 .   ? -6.295  3.260   13.523  1.00 43.89 ? 521 HOH A O   1 
HETATM 1252 O  O   . HOH F 5 .   ? -14.880 6.213   5.141   1.00 30.67 ? 522 HOH A O   1 
HETATM 1253 O  O   . HOH F 5 .   ? 11.093  7.259   1.978   1.00 26.76 ? 523 HOH A O   1 
HETATM 1254 O  O   . HOH F 5 .   ? -12.009 11.081  5.327   1.00 30.26 ? 524 HOH A O   1 
HETATM 1255 O  O   . HOH F 5 .   ? 10.477  -2.673  -12.147 1.00 34.06 ? 525 HOH A O   1 
HETATM 1256 O  O   . HOH F 5 .   ? 7.941   -3.353  -15.020 1.00 29.39 ? 526 HOH A O   1 
HETATM 1257 O  O   . HOH F 5 .   ? 1.517   -2.284  -16.643 1.00 26.90 ? 527 HOH A O   1 
HETATM 1258 O  O   . HOH F 5 .   ? 14.462  5.116   -4.801  1.00 39.93 ? 528 HOH A O   1 
HETATM 1259 O  O   . HOH F 5 .   ? -6.271  -15.907 2.024   1.00 32.27 ? 529 HOH A O   1 
HETATM 1260 O  O   . HOH F 5 .   ? 10.374  4.791   -11.989 1.00 32.17 ? 530 HOH A O   1 
HETATM 1261 O  O   . HOH F 5 .   ? -13.898 6.521   8.812   1.00 39.46 ? 531 HOH A O   1 
HETATM 1262 O  O   . HOH F 5 .   ? -14.578 14.822  4.214   1.00 31.26 ? 532 HOH A O   1 
HETATM 1263 O  O   . HOH F 5 .   ? -13.873 -8.435  -12.412 1.00 45.93 ? 533 HOH A O   1 
HETATM 1264 O  O   . HOH F 5 .   ? -15.791 -7.000  -11.194 1.00 31.59 ? 534 HOH A O   1 
HETATM 1265 O  O   . HOH F 5 .   ? 13.312  -10.970 0.205   1.00 33.17 ? 535 HOH A O   1 
HETATM 1266 O  O   . HOH F 5 .   ? 6.981   -10.244 -0.043  1.00 44.32 ? 536 HOH A O   1 
HETATM 1267 O  O   . HOH F 5 .   ? 13.455  5.530   -1.376  1.00 44.82 ? 537 HOH A O   1 
HETATM 1268 O  O   . HOH F 5 .   ? -0.804  7.917   10.763  1.00 23.42 ? 538 HOH A O   1 
HETATM 1269 O  O   . HOH F 5 .   ? 2.493   -0.498  17.792  1.00 46.87 ? 539 HOH A O   1 
HETATM 1270 O  O   . HOH F 5 .   ? -11.401 5.280   -16.480 1.00 38.75 ? 540 HOH A O   1 
HETATM 1271 O  O   . HOH F 5 .   ? 11.116  -2.447  17.276  1.00 29.05 ? 541 HOH A O   1 
HETATM 1272 O  O   . HOH F 5 .   ? 12.355  -1.663  -10.788 1.00 37.21 ? 542 HOH A O   1 
HETATM 1273 O  O   . HOH F 5 .   ? 1.639   -11.145 2.570   1.00 31.80 ? 543 HOH A O   1 
HETATM 1274 O  O   . HOH F 5 .   ? 14.030  7.717   -9.311  1.00 36.36 ? 544 HOH A O   1 
HETATM 1275 O  O   . HOH F 5 .   ? -3.621  0.823   17.341  1.00 35.30 ? 545 HOH A O   1 
HETATM 1276 O  O   . HOH F 5 .   ? -1.298  15.052  3.021   1.00 28.69 ? 546 HOH A O   1 
HETATM 1277 O  O   . HOH F 5 .   ? -11.205 8.161   7.179   1.00 55.81 ? 547 HOH A O   1 
HETATM 1278 O  O   . HOH F 5 .   ? 7.949   -11.718 9.218   1.00 39.28 ? 548 HOH A O   1 
HETATM 1279 O  O   . HOH F 5 .   ? -16.424 13.621  -7.363  1.00 32.68 ? 549 HOH A O   1 
HETATM 1280 O  O   . HOH F 5 .   ? 21.722  -9.133  9.052   1.00 38.08 ? 550 HOH A O   1 
HETATM 1281 O  O   . HOH F 5 .   ? -11.880 9.836   -13.184 1.00 33.19 ? 551 HOH A O   1 
HETATM 1282 O  O   . HOH F 5 .   ? -17.652 -0.454  -14.181 1.00 35.89 ? 552 HOH A O   1 
HETATM 1283 O  O   . HOH F 5 .   ? -17.367 -3.896  2.422   1.00 31.45 ? 553 HOH A O   1 
HETATM 1284 O  O   . HOH F 5 .   ? -13.267 -9.468  5.379   1.00 35.28 ? 554 HOH A O   1 
HETATM 1285 O  O   . HOH F 5 .   ? 20.728  -6.583  4.779   1.00 42.13 ? 555 HOH A O   1 
HETATM 1286 O  O   . HOH F 5 .   ? 6.931   -1.555  17.542  1.00 43.21 ? 556 HOH A O   1 
HETATM 1287 O  O   . HOH F 5 .   ? 15.765  -7.578  -9.398  1.00 36.60 ? 557 HOH A O   1 
HETATM 1288 O  O   . HOH F 5 .   ? -16.354 11.801  -2.675  1.00 39.37 ? 558 HOH A O   1 
HETATM 1289 O  O   . HOH F 5 .   ? -17.139 12.237  8.221   1.00 40.83 ? 559 HOH A O   1 
HETATM 1290 O  O   . HOH F 5 .   ? 1.980   5.730   2.941   1.00 24.56 ? 560 HOH A O   1 
HETATM 1291 O  O   . HOH F 5 .   ? 13.607  -1.820  17.941  1.00 25.29 ? 561 HOH A O   1 
HETATM 1292 O  O   . HOH F 5 .   ? 15.091  -6.790  -11.711 1.00 29.97 ? 562 HOH A O   1 
HETATM 1293 O  O   . HOH F 5 .   ? -14.280 -5.742  4.387   1.00 34.85 ? 563 HOH A O   1 
HETATM 1294 O  O   . HOH F 5 .   ? 11.180  9.866   3.872   1.00 36.15 ? 564 HOH A O   1 
HETATM 1295 O  O   . HOH F 5 .   ? 22.354  -8.625  6.066   1.00 35.19 ? 565 HOH A O   1 
HETATM 1296 O  O   . HOH F 5 .   ? -3.299  7.884   10.686  1.00 35.32 ? 566 HOH A O   1 
HETATM 1297 O  O   . HOH F 5 .   ? -12.736 12.717  1.704   1.00 31.84 ? 567 HOH A O   1 
HETATM 1298 O  O   . HOH F 5 .   ? 0.215   8.527   13.398  1.00 36.96 ? 568 HOH A O   1 
HETATM 1299 O  O   . HOH F 5 .   ? -15.582 5.054   10.263  1.00 36.66 ? 569 HOH A O   1 
HETATM 1300 O  O   . HOH F 5 .   ? -19.605 14.811  -9.956  1.00 38.29 ? 570 HOH A O   1 
HETATM 1301 O  O   . HOH F 5 .   ? -1.877  14.635  -0.338  1.00 43.83 ? 571 HOH A O   1 
HETATM 1302 O  O   . HOH F 5 .   ? -6.248  -15.171 4.610   1.00 42.78 ? 572 HOH A O   1 
HETATM 1303 O  O   . HOH F 5 .   ? 6.800   -9.097  5.058   1.00 31.35 ? 573 HOH A O   1 
HETATM 1304 O  O   . HOH F 5 .   ? -17.563 -6.609  3.008   1.00 40.64 ? 574 HOH A O   1 
HETATM 1305 O  O   . HOH F 5 .   ? -10.706 -4.377  -15.379 1.00 36.15 ? 575 HOH A O   1 
HETATM 1306 O  O   . HOH F 5 .   ? -8.342  7.277   8.380   1.00 44.91 ? 576 HOH A O   1 
HETATM 1307 O  O   . HOH F 5 .   ? -1.624  3.136   -19.196 1.00 40.98 ? 577 HOH A O   1 
HETATM 1308 O  O   . HOH F 5 .   ? 14.998  -12.579 13.234  1.00 42.96 ? 578 HOH A O   1 
HETATM 1309 O  O   . HOH F 5 .   ? -15.901 -3.403  -15.381 1.00 38.12 ? 579 HOH A O   1 
HETATM 1310 O  O   . HOH F 5 .   ? 0.527   -12.873 -4.636  1.00 29.78 ? 580 HOH A O   1 
HETATM 1311 O  O   . HOH F 5 .   ? 8.646   1.966   -18.415 1.00 46.89 ? 581 HOH A O   1 
HETATM 1312 O  O   . HOH F 5 .   ? -0.046  15.094  -3.132  1.00 43.45 ? 582 HOH A O   1 
HETATM 1313 O  O   . HOH F 5 .   ? -12.864 -8.434  1.596   1.00 38.41 ? 583 HOH A O   1 
HETATM 1314 O  O   . HOH F 5 .   ? 16.895  -2.105  -2.279  1.00 39.84 ? 584 HOH A O   1 
HETATM 1315 O  O   . HOH F 5 .   ? -5.683  1.885   15.900  1.00 35.44 ? 585 HOH A O   1 
HETATM 1316 O  O   . HOH F 5 .   ? -6.064  11.541  10.373  1.00 46.84 ? 586 HOH A O   1 
HETATM 1317 O  O   . HOH F 5 .   ? 19.655  -1.845  0.041   1.00 29.33 ? 587 HOH A O   1 
HETATM 1318 O  O   . HOH F 5 .   ? -18.487 1.219   0.432   1.00 39.07 ? 588 HOH A O   1 
HETATM 1319 O  O   . HOH F 5 .   ? 1.355   7.306   16.153  1.00 41.19 ? 589 HOH A O   1 
HETATM 1320 O  O   . HOH F 5 .   ? 3.314   -0.151  -17.959 1.00 42.02 ? 590 HOH A O   1 
HETATM 1321 O  O   . HOH F 5 .   ? -17.398 -5.447  -12.465 1.00 33.59 ? 591 HOH A O   1 
HETATM 1322 O  O   . HOH F 5 .   ? 0.997   1.929   -19.921 1.00 53.66 ? 592 HOH A O   1 
HETATM 1323 O  O   . HOH F 5 .   ? 14.760  4.314   0.723   1.00 32.91 ? 593 HOH A O   1 
HETATM 1324 O  O   . HOH F 5 .   ? -16.200 -1.734  -1.029  1.00 27.06 ? 594 HOH A O   1 
HETATM 1325 O  O   . HOH F 5 .   ? -14.589 -4.071  2.284   1.00 44.66 ? 595 HOH A O   1 
# 
